data_6PWR
# 
_entry.id   6PWR 
# 
_audit_conform.dict_name       mmcif_pdbx.dic 
_audit_conform.dict_version    5.397 
_audit_conform.dict_location   http://mmcif.pdb.org/dictionaries/ascii/mmcif_pdbx.dic 
# 
loop_
_database_2.database_id 
_database_2.database_code 
_database_2.pdbx_database_accession 
_database_2.pdbx_DOI 
PDB   6PWR         pdb_00006pwr 10.2210/pdb6pwr/pdb 
WWPDB D_1000243119 ?            ?                   
# 
loop_
_pdbx_audit_revision_history.ordinal 
_pdbx_audit_revision_history.data_content_type 
_pdbx_audit_revision_history.major_revision 
_pdbx_audit_revision_history.minor_revision 
_pdbx_audit_revision_history.revision_date 
1 'Structure model' 1 0 2019-09-11 
2 'Structure model' 1 1 2019-09-18 
3 'Structure model' 1 2 2019-10-23 
4 'Structure model' 1 3 2020-01-01 
5 'Structure model' 2 0 2020-07-29 
6 'Structure model' 2 1 2024-10-09 
# 
loop_
_pdbx_audit_revision_details.ordinal 
_pdbx_audit_revision_details.revision_ordinal 
_pdbx_audit_revision_details.data_content_type 
_pdbx_audit_revision_details.provider 
_pdbx_audit_revision_details.type 
_pdbx_audit_revision_details.description 
_pdbx_audit_revision_details.details 
1 1 'Structure model' repository 'Initial release' ?                          ? 
2 5 'Structure model' repository Remediation       'Carbohydrate remediation' ? 
# 
loop_
_pdbx_audit_revision_group.ordinal 
_pdbx_audit_revision_group.revision_ordinal 
_pdbx_audit_revision_group.data_content_type 
_pdbx_audit_revision_group.group 
1  2 'Structure model' 'Data collection'            
2  2 'Structure model' 'Database references'        
3  3 'Structure model' 'Data collection'            
4  3 'Structure model' 'Database references'        
5  4 'Structure model' 'Author supporting evidence' 
6  5 'Structure model' 'Atomic model'               
7  5 'Structure model' 'Data collection'            
8  5 'Structure model' 'Derived calculations'       
9  5 'Structure model' 'Structure summary'          
10 6 'Structure model' 'Data collection'            
11 6 'Structure model' 'Database references'        
12 6 'Structure model' 'Derived calculations'       
13 6 'Structure model' 'Structure summary'          
# 
loop_
_pdbx_audit_revision_category.ordinal 
_pdbx_audit_revision_category.revision_ordinal 
_pdbx_audit_revision_category.data_content_type 
_pdbx_audit_revision_category.category 
1  2 'Structure model' citation                      
2  2 'Structure model' citation_author               
3  3 'Structure model' citation                      
4  3 'Structure model' citation_author               
5  4 'Structure model' pdbx_audit_support            
6  5 'Structure model' atom_site                     
7  5 'Structure model' chem_comp                     
8  5 'Structure model' entity                        
9  5 'Structure model' pdbx_branch_scheme            
10 5 'Structure model' pdbx_chem_comp_identifier     
11 5 'Structure model' pdbx_entity_branch            
12 5 'Structure model' pdbx_entity_branch_descriptor 
13 5 'Structure model' pdbx_entity_branch_link       
14 5 'Structure model' pdbx_entity_branch_list       
15 5 'Structure model' pdbx_entity_nonpoly           
16 5 'Structure model' pdbx_nonpoly_scheme           
17 5 'Structure model' pdbx_struct_assembly_gen      
18 5 'Structure model' pdbx_struct_conn_angle        
19 5 'Structure model' struct_asym                   
20 5 'Structure model' struct_conn                   
21 5 'Structure model' struct_conn_type              
22 5 'Structure model' struct_site                   
23 5 'Structure model' struct_site_gen               
24 6 'Structure model' chem_comp                     
25 6 'Structure model' chem_comp_atom                
26 6 'Structure model' chem_comp_bond                
27 6 'Structure model' database_2                    
28 6 'Structure model' pdbx_entry_details            
29 6 'Structure model' pdbx_modification_feature     
30 6 'Structure model' struct_conn                   
# 
loop_
_pdbx_audit_revision_item.ordinal 
_pdbx_audit_revision_item.revision_ordinal 
_pdbx_audit_revision_item.data_content_type 
_pdbx_audit_revision_item.item 
1  2 'Structure model' '_citation.pdbx_database_id_DOI'               
2  2 'Structure model' '_citation.pdbx_database_id_PubMed'            
3  2 'Structure model' '_citation.title'                              
4  3 'Structure model' '_citation.journal_volume'                     
5  3 'Structure model' '_citation.page_first'                         
6  3 'Structure model' '_citation.page_last'                          
7  3 'Structure model' '_citation_author.identifier_ORCID'            
8  3 'Structure model' '_citation_author.name'                        
9  4 'Structure model' '_pdbx_audit_support.funding_organization'     
10 5 'Structure model' '_atom_site.B_iso_or_equiv'                    
11 5 'Structure model' '_atom_site.Cartn_x'                           
12 5 'Structure model' '_atom_site.Cartn_y'                           
13 5 'Structure model' '_atom_site.Cartn_z'                           
14 5 'Structure model' '_atom_site.auth_asym_id'                      
15 5 'Structure model' '_atom_site.auth_atom_id'                      
16 5 'Structure model' '_atom_site.auth_comp_id'                      
17 5 'Structure model' '_atom_site.auth_seq_id'                       
18 5 'Structure model' '_atom_site.label_asym_id'                     
19 5 'Structure model' '_atom_site.label_atom_id'                     
20 5 'Structure model' '_atom_site.label_comp_id'                     
21 5 'Structure model' '_atom_site.label_entity_id'                   
22 5 'Structure model' '_atom_site.type_symbol'                       
23 5 'Structure model' '_chem_comp.name'                              
24 5 'Structure model' '_chem_comp.type'                              
25 5 'Structure model' '_pdbx_struct_assembly_gen.asym_id_list'       
26 5 'Structure model' '_pdbx_struct_conn_angle.ptnr1_auth_asym_id'   
27 5 'Structure model' '_pdbx_struct_conn_angle.ptnr1_auth_seq_id'    
28 5 'Structure model' '_pdbx_struct_conn_angle.ptnr1_label_asym_id'  
29 5 'Structure model' '_pdbx_struct_conn_angle.ptnr2_label_asym_id'  
30 5 'Structure model' '_pdbx_struct_conn_angle.ptnr3_auth_asym_id'   
31 5 'Structure model' '_pdbx_struct_conn_angle.ptnr3_auth_seq_id'    
32 5 'Structure model' '_pdbx_struct_conn_angle.ptnr3_label_asym_id'  
33 5 'Structure model' '_struct_conn.conn_type_id'                    
34 5 'Structure model' '_struct_conn.id'                              
35 5 'Structure model' '_struct_conn.pdbx_dist_value'                 
36 5 'Structure model' '_struct_conn.pdbx_leaving_atom_flag'          
37 5 'Structure model' '_struct_conn.ptnr1_auth_asym_id'              
38 5 'Structure model' '_struct_conn.ptnr1_auth_comp_id'              
39 5 'Structure model' '_struct_conn.ptnr1_auth_seq_id'               
40 5 'Structure model' '_struct_conn.ptnr1_label_asym_id'             
41 5 'Structure model' '_struct_conn.ptnr1_label_atom_id'             
42 5 'Structure model' '_struct_conn.ptnr1_label_comp_id'             
43 5 'Structure model' '_struct_conn.ptnr1_label_seq_id'              
44 5 'Structure model' '_struct_conn.ptnr2_auth_asym_id'              
45 5 'Structure model' '_struct_conn.ptnr2_auth_comp_id'              
46 5 'Structure model' '_struct_conn.ptnr2_auth_seq_id'               
47 5 'Structure model' '_struct_conn.ptnr2_label_asym_id'             
48 5 'Structure model' '_struct_conn.ptnr2_label_atom_id'             
49 5 'Structure model' '_struct_conn.ptnr2_label_comp_id'             
50 5 'Structure model' '_struct_conn_type.id'                         
51 6 'Structure model' '_chem_comp.pdbx_synonyms'                     
52 6 'Structure model' '_database_2.pdbx_DOI'                         
53 6 'Structure model' '_database_2.pdbx_database_accession'          
54 6 'Structure model' '_pdbx_entry_details.has_protein_modification' 
55 6 'Structure model' '_struct_conn.pdbx_leaving_atom_flag'          
# 
_pdbx_database_status.status_code                     REL 
_pdbx_database_status.status_code_sf                  REL 
_pdbx_database_status.status_code_mr                  ? 
_pdbx_database_status.entry_id                        6PWR 
_pdbx_database_status.recvd_initial_deposition_date   2019-07-23 
_pdbx_database_status.SG_entry                        N 
_pdbx_database_status.deposit_site                    RCSB 
_pdbx_database_status.process_site                    RCSB 
_pdbx_database_status.status_code_cs                  ? 
_pdbx_database_status.methods_development_category    ? 
_pdbx_database_status.pdb_format_compatible           Y 
_pdbx_database_status.status_code_nmr_data            ? 
# 
loop_
_audit_author.name 
_audit_author.pdbx_ordinal 
_audit_author.identifier_ORCID 
'Weis, W.I.'   1 ? 
'Feinberg, H.' 2 ? 
# 
_citation.abstract                  ? 
_citation.abstract_id_CAS           ? 
_citation.book_id_ISBN              ? 
_citation.book_publisher            ? 
_citation.book_publisher_city       ? 
_citation.book_title                ? 
_citation.coordinate_linkage        ? 
_citation.country                   US 
_citation.database_id_Medline       ? 
_citation.details                   ? 
_citation.id                        primary 
_citation.journal_abbrev            J.Biol.Chem. 
_citation.journal_id_ASTM           JBCHA3 
_citation.journal_id_CSD            0071 
_citation.journal_id_ISSN           1083-351X 
_citation.journal_full              ? 
_citation.journal_issue             ? 
_citation.journal_volume            294 
_citation.language                  ? 
_citation.page_first                14845 
_citation.page_last                 14859 
_citation.title                     'CD23 is a glycan-binding receptor in some mammalian species.' 
_citation.year                      2019 
_citation.database_id_CSD           ? 
_citation.pdbx_database_id_DOI      10.1074/jbc.RA119.010572 
_citation.pdbx_database_id_PubMed   31488546 
_citation.unpublished_flag          ? 
# 
loop_
_citation_author.citation_id 
_citation_author.name 
_citation_author.ordinal 
_citation_author.identifier_ORCID 
primary 'Jegouzo, S.A.F.' 1  0000-0001-7768-0102 
primary 'Feinberg, H.'    2  0000-0002-9937-4699 
primary 'Morrison, A.G.'  3  ?                   
primary 'Holder, A.'      4  0000-0002-8719-835X 
primary 'May, A.'         5  ?                   
primary 'Huang, Z.'       6  ?                   
primary 'Jiang, L.'       7  ?                   
primary 'Lasanajak, Y.'   8  ?                   
primary 'Smith, D.F.'     9  ?                   
primary 'Werling, D.'     10 0000-0001-5411-4044 
primary 'Drickamer, K.'   11 0000-0001-5026-5996 
primary 'Weis, W.I.'      12 0000-0002-5583-6150 
primary 'Taylor, M.E.'    13 0000-0001-8300-4987 
# 
loop_
_entity.id 
_entity.type 
_entity.src_method 
_entity.pdbx_description 
_entity.formula_weight 
_entity.pdbx_number_of_molecules 
_entity.pdbx_ec 
_entity.pdbx_mutation 
_entity.pdbx_fragment 
_entity.details 
1 polymer     man 'Fc fragment of IgE receptor II'                                       15349.125 1   ? ? ? ? 
2 branched    man '2-acetamido-2-deoxy-beta-D-glucopyranose-(1-2)-alpha-D-mannopyranose' 383.349   1   ? ? ? ? 
3 non-polymer syn 'CALCIUM ION'                                                          40.078    2   ? ? ? ? 
4 water       nat water                                                                  18.015    221 ? ? ? ? 
# 
_entity_poly.entity_id                      1 
_entity_poly.type                           'polypeptide(L)' 
_entity_poly.nstd_linkage                   no 
_entity_poly.nstd_monomer                   no 
_entity_poly.pdbx_seq_one_letter_code       
;ANGSVCNTCPEAWIYFQKKCYYFGEGAKKWIQARYACENLHGRLVSIHSPEEQDFLTKRANWRGSWIGLRDLDIEGEFIW
MDNQPLDYSNWQPGEPNDAGQGENCVMMLGSGKWNDAFCGSELHGWVCDRLATC
;
_entity_poly.pdbx_seq_one_letter_code_can   
;ANGSVCNTCPEAWIYFQKKCYYFGEGAKKWIQARYACENLHGRLVSIHSPEEQDFLTKRANWRGSWIGLRDLDIEGEFIW
MDNQPLDYSNWQPGEPNDAGQGENCVMMLGSGKWNDAFCGSELHGWVCDRLATC
;
_entity_poly.pdbx_strand_id                 A 
_entity_poly.pdbx_target_identifier         ? 
# 
loop_
_pdbx_entity_nonpoly.entity_id 
_pdbx_entity_nonpoly.name 
_pdbx_entity_nonpoly.comp_id 
3 'CALCIUM ION' CA  
4 water         HOH 
# 
loop_
_entity_poly_seq.entity_id 
_entity_poly_seq.num 
_entity_poly_seq.mon_id 
_entity_poly_seq.hetero 
1 1   ALA n 
1 2   ASN n 
1 3   GLY n 
1 4   SER n 
1 5   VAL n 
1 6   CYS n 
1 7   ASN n 
1 8   THR n 
1 9   CYS n 
1 10  PRO n 
1 11  GLU n 
1 12  ALA n 
1 13  TRP n 
1 14  ILE n 
1 15  TYR n 
1 16  PHE n 
1 17  GLN n 
1 18  LYS n 
1 19  LYS n 
1 20  CYS n 
1 21  TYR n 
1 22  TYR n 
1 23  PHE n 
1 24  GLY n 
1 25  GLU n 
1 26  GLY n 
1 27  ALA n 
1 28  LYS n 
1 29  LYS n 
1 30  TRP n 
1 31  ILE n 
1 32  GLN n 
1 33  ALA n 
1 34  ARG n 
1 35  TYR n 
1 36  ALA n 
1 37  CYS n 
1 38  GLU n 
1 39  ASN n 
1 40  LEU n 
1 41  HIS n 
1 42  GLY n 
1 43  ARG n 
1 44  LEU n 
1 45  VAL n 
1 46  SER n 
1 47  ILE n 
1 48  HIS n 
1 49  SER n 
1 50  PRO n 
1 51  GLU n 
1 52  GLU n 
1 53  GLN n 
1 54  ASP n 
1 55  PHE n 
1 56  LEU n 
1 57  THR n 
1 58  LYS n 
1 59  ARG n 
1 60  ALA n 
1 61  ASN n 
1 62  TRP n 
1 63  ARG n 
1 64  GLY n 
1 65  SER n 
1 66  TRP n 
1 67  ILE n 
1 68  GLY n 
1 69  LEU n 
1 70  ARG n 
1 71  ASP n 
1 72  LEU n 
1 73  ASP n 
1 74  ILE n 
1 75  GLU n 
1 76  GLY n 
1 77  GLU n 
1 78  PHE n 
1 79  ILE n 
1 80  TRP n 
1 81  MET n 
1 82  ASP n 
1 83  ASN n 
1 84  GLN n 
1 85  PRO n 
1 86  LEU n 
1 87  ASP n 
1 88  TYR n 
1 89  SER n 
1 90  ASN n 
1 91  TRP n 
1 92  GLN n 
1 93  PRO n 
1 94  GLY n 
1 95  GLU n 
1 96  PRO n 
1 97  ASN n 
1 98  ASP n 
1 99  ALA n 
1 100 GLY n 
1 101 GLN n 
1 102 GLY n 
1 103 GLU n 
1 104 ASN n 
1 105 CYS n 
1 106 VAL n 
1 107 MET n 
1 108 MET n 
1 109 LEU n 
1 110 GLY n 
1 111 SER n 
1 112 GLY n 
1 113 LYS n 
1 114 TRP n 
1 115 ASN n 
1 116 ASP n 
1 117 ALA n 
1 118 PHE n 
1 119 CYS n 
1 120 GLY n 
1 121 SER n 
1 122 GLU n 
1 123 LEU n 
1 124 HIS n 
1 125 GLY n 
1 126 TRP n 
1 127 VAL n 
1 128 CYS n 
1 129 ASP n 
1 130 ARG n 
1 131 LEU n 
1 132 ALA n 
1 133 THR n 
1 134 CYS n 
# 
_entity_src_gen.entity_id                          1 
_entity_src_gen.pdbx_src_id                        1 
_entity_src_gen.pdbx_alt_source_flag               sample 
_entity_src_gen.pdbx_seq_type                      'Biological sequence' 
_entity_src_gen.pdbx_beg_seq_num                   1 
_entity_src_gen.pdbx_end_seq_num                   134 
_entity_src_gen.gene_src_common_name               Bovine 
_entity_src_gen.gene_src_genus                     ? 
_entity_src_gen.pdbx_gene_src_gene                 FCER2 
_entity_src_gen.gene_src_species                   ? 
_entity_src_gen.gene_src_strain                    ? 
_entity_src_gen.gene_src_tissue                    ? 
_entity_src_gen.gene_src_tissue_fraction           ? 
_entity_src_gen.gene_src_details                   ? 
_entity_src_gen.pdbx_gene_src_fragment             ? 
_entity_src_gen.pdbx_gene_src_scientific_name      'Bos taurus' 
_entity_src_gen.pdbx_gene_src_ncbi_taxonomy_id     9913 
_entity_src_gen.pdbx_gene_src_variant              ? 
_entity_src_gen.pdbx_gene_src_cell_line            ? 
_entity_src_gen.pdbx_gene_src_atcc                 ? 
_entity_src_gen.pdbx_gene_src_organ                ? 
_entity_src_gen.pdbx_gene_src_organelle            ? 
_entity_src_gen.pdbx_gene_src_cell                 ? 
_entity_src_gen.pdbx_gene_src_cellular_location    ? 
_entity_src_gen.host_org_common_name               ? 
_entity_src_gen.pdbx_host_org_scientific_name      'Escherichia coli BL21(DE3)' 
_entity_src_gen.pdbx_host_org_ncbi_taxonomy_id     469008 
_entity_src_gen.host_org_genus                     ? 
_entity_src_gen.pdbx_host_org_gene                 ? 
_entity_src_gen.pdbx_host_org_organ                ? 
_entity_src_gen.host_org_species                   ? 
_entity_src_gen.pdbx_host_org_tissue               ? 
_entity_src_gen.pdbx_host_org_tissue_fraction      ? 
_entity_src_gen.pdbx_host_org_strain               ? 
_entity_src_gen.pdbx_host_org_variant              ? 
_entity_src_gen.pdbx_host_org_cell_line            ? 
_entity_src_gen.pdbx_host_org_atcc                 ? 
_entity_src_gen.pdbx_host_org_culture_collection   ? 
_entity_src_gen.pdbx_host_org_cell                 ? 
_entity_src_gen.pdbx_host_org_organelle            ? 
_entity_src_gen.pdbx_host_org_cellular_location    ? 
_entity_src_gen.pdbx_host_org_vector_type          pT5T 
_entity_src_gen.pdbx_host_org_vector               ? 
_entity_src_gen.host_org_details                   ? 
_entity_src_gen.expression_system_id               ? 
_entity_src_gen.plasmid_name                       ? 
_entity_src_gen.plasmid_details                    ? 
_entity_src_gen.pdbx_description                   ? 
# 
_pdbx_entity_branch.entity_id   2 
_pdbx_entity_branch.type        oligosaccharide 
# 
loop_
_pdbx_entity_branch_descriptor.ordinal 
_pdbx_entity_branch_descriptor.entity_id 
_pdbx_entity_branch_descriptor.descriptor 
_pdbx_entity_branch_descriptor.type 
_pdbx_entity_branch_descriptor.program 
_pdbx_entity_branch_descriptor.program_version 
1 2 DGlcpNAcb1-2DManpa1-ROH                                              'Glycam Condensed Sequence' GMML       1.0   
2 2 'WURCS=2.0/2,2,1/[a1122h-1a_1-5][a2122h-1b_1-5_2*NCC/3=O]/1-2/a2-b1' WURCS                       PDB2Glycan 1.1.0 
3 2 '[][a-D-Manp]{[(2+1)][b-D-GlcpNAc]{}}'                               LINUCS                      PDB-CARE   ?     
# 
_pdbx_entity_branch_link.link_id                    1 
_pdbx_entity_branch_link.entity_id                  2 
_pdbx_entity_branch_link.entity_branch_list_num_1   2 
_pdbx_entity_branch_link.comp_id_1                  NAG 
_pdbx_entity_branch_link.atom_id_1                  C1 
_pdbx_entity_branch_link.leaving_atom_id_1          O1 
_pdbx_entity_branch_link.entity_branch_list_num_2   1 
_pdbx_entity_branch_link.comp_id_2                  MAN 
_pdbx_entity_branch_link.atom_id_2                  O2 
_pdbx_entity_branch_link.leaving_atom_id_2          HO2 
_pdbx_entity_branch_link.value_order                sing 
_pdbx_entity_branch_link.details                    ? 
# 
loop_
_chem_comp.id 
_chem_comp.type 
_chem_comp.mon_nstd_flag 
_chem_comp.name 
_chem_comp.pdbx_synonyms 
_chem_comp.formula 
_chem_comp.formula_weight 
ALA 'L-peptide linking'           y ALANINE                                  ? 'C3 H7 N O2'     89.093  
ARG 'L-peptide linking'           y ARGININE                                 ? 'C6 H15 N4 O2 1' 175.209 
ASN 'L-peptide linking'           y ASPARAGINE                               ? 'C4 H8 N2 O3'    132.118 
ASP 'L-peptide linking'           y 'ASPARTIC ACID'                          ? 'C4 H7 N O4'     133.103 
CA  non-polymer                   . 'CALCIUM ION'                            ? 'Ca 2'           40.078  
CYS 'L-peptide linking'           y CYSTEINE                                 ? 'C3 H7 N O2 S'   121.158 
GLN 'L-peptide linking'           y GLUTAMINE                                ? 'C5 H10 N2 O3'   146.144 
GLU 'L-peptide linking'           y 'GLUTAMIC ACID'                          ? 'C5 H9 N O4'     147.129 
GLY 'peptide linking'             y GLYCINE                                  ? 'C2 H5 N O2'     75.067  
HIS 'L-peptide linking'           y HISTIDINE                                ? 'C6 H10 N3 O2 1' 156.162 
HOH non-polymer                   . WATER                                    ? 'H2 O'           18.015  
ILE 'L-peptide linking'           y ISOLEUCINE                               ? 'C6 H13 N O2'    131.173 
LEU 'L-peptide linking'           y LEUCINE                                  ? 'C6 H13 N O2'    131.173 
LYS 'L-peptide linking'           y LYSINE                                   ? 'C6 H15 N2 O2 1' 147.195 
MAN 'D-saccharide, alpha linking' . alpha-D-mannopyranose                    'alpha-D-mannose; D-mannose; mannose' 'C6 H12 O6' 
180.156 
MET 'L-peptide linking'           y METHIONINE                               ? 'C5 H11 N O2 S'  149.211 
NAG 'D-saccharide, beta linking'  . 2-acetamido-2-deoxy-beta-D-glucopyranose 
;N-acetyl-beta-D-glucosamine; 2-acetamido-2-deoxy-beta-D-glucose; 2-acetamido-2-deoxy-D-glucose; 2-acetamido-2-deoxy-glucose; N-ACETYL-D-GLUCOSAMINE
;
'C8 H15 N O6'    221.208 
PHE 'L-peptide linking'           y PHENYLALANINE                            ? 'C9 H11 N O2'    165.189 
PRO 'L-peptide linking'           y PROLINE                                  ? 'C5 H9 N O2'     115.130 
SER 'L-peptide linking'           y SERINE                                   ? 'C3 H7 N O3'     105.093 
THR 'L-peptide linking'           y THREONINE                                ? 'C4 H9 N O3'     119.119 
TRP 'L-peptide linking'           y TRYPTOPHAN                               ? 'C11 H12 N2 O2'  204.225 
TYR 'L-peptide linking'           y TYROSINE                                 ? 'C9 H11 N O3'    181.189 
VAL 'L-peptide linking'           y VALINE                                   ? 'C5 H11 N O2'    117.146 
# 
loop_
_pdbx_chem_comp_identifier.comp_id 
_pdbx_chem_comp_identifier.type 
_pdbx_chem_comp_identifier.program 
_pdbx_chem_comp_identifier.program_version 
_pdbx_chem_comp_identifier.identifier 
MAN 'CONDENSED IUPAC CARBOHYDRATE SYMBOL' GMML     1.0 DManpa                         
MAN 'COMMON NAME'                         GMML     1.0 a-D-mannopyranose              
MAN 'IUPAC CARBOHYDRATE SYMBOL'           PDB-CARE 1.0 a-D-Manp                       
MAN 'SNFG CARBOHYDRATE SYMBOL'            GMML     1.0 Man                            
NAG 'CONDENSED IUPAC CARBOHYDRATE SYMBOL' GMML     1.0 DGlcpNAcb                      
NAG 'COMMON NAME'                         GMML     1.0 N-acetyl-b-D-glucopyranosamine 
NAG 'IUPAC CARBOHYDRATE SYMBOL'           PDB-CARE 1.0 b-D-GlcpNAc                    
NAG 'SNFG CARBOHYDRATE SYMBOL'            GMML     1.0 GlcNAc                         
# 
loop_
_pdbx_poly_seq_scheme.asym_id 
_pdbx_poly_seq_scheme.entity_id 
_pdbx_poly_seq_scheme.seq_id 
_pdbx_poly_seq_scheme.mon_id 
_pdbx_poly_seq_scheme.ndb_seq_num 
_pdbx_poly_seq_scheme.pdb_seq_num 
_pdbx_poly_seq_scheme.auth_seq_num 
_pdbx_poly_seq_scheme.pdb_mon_id 
_pdbx_poly_seq_scheme.auth_mon_id 
_pdbx_poly_seq_scheme.pdb_strand_id 
_pdbx_poly_seq_scheme.pdb_ins_code 
_pdbx_poly_seq_scheme.hetero 
A 1 1   ALA 1   157 ?   ?   ?   A . n 
A 1 2   ASN 2   158 ?   ?   ?   A . n 
A 1 3   GLY 3   159 ?   ?   ?   A . n 
A 1 4   SER 4   160 ?   ?   ?   A . n 
A 1 5   VAL 5   161 ?   ?   ?   A . n 
A 1 6   CYS 6   162 162 CYS CYS A . n 
A 1 7   ASN 7   163 163 ASN ASN A . n 
A 1 8   THR 8   164 164 THR THR A . n 
A 1 9   CYS 9   165 165 CYS CYS A . n 
A 1 10  PRO 10  166 166 PRO PRO A . n 
A 1 11  GLU 11  167 167 GLU GLU A . n 
A 1 12  ALA 12  168 168 ALA ALA A . n 
A 1 13  TRP 13  169 169 TRP TRP A . n 
A 1 14  ILE 14  170 170 ILE ILE A . n 
A 1 15  TYR 15  171 171 TYR TYR A . n 
A 1 16  PHE 16  172 172 PHE PHE A . n 
A 1 17  GLN 17  173 173 GLN GLN A . n 
A 1 18  LYS 18  174 174 LYS LYS A . n 
A 1 19  LYS 19  175 175 LYS LYS A . n 
A 1 20  CYS 20  176 176 CYS CYS A . n 
A 1 21  TYR 21  177 177 TYR TYR A . n 
A 1 22  TYR 22  178 178 TYR TYR A . n 
A 1 23  PHE 23  179 179 PHE PHE A . n 
A 1 24  GLY 24  180 180 GLY GLY A . n 
A 1 25  GLU 25  181 181 GLU GLU A . n 
A 1 26  GLY 26  182 182 GLY GLY A . n 
A 1 27  ALA 27  183 183 ALA ALA A . n 
A 1 28  LYS 28  184 184 LYS LYS A . n 
A 1 29  LYS 29  185 185 LYS LYS A . n 
A 1 30  TRP 30  186 186 TRP TRP A . n 
A 1 31  ILE 31  187 187 ILE ILE A . n 
A 1 32  GLN 32  188 188 GLN GLN A . n 
A 1 33  ALA 33  189 189 ALA ALA A . n 
A 1 34  ARG 34  190 190 ARG ARG A . n 
A 1 35  TYR 35  191 191 TYR TYR A . n 
A 1 36  ALA 36  192 192 ALA ALA A . n 
A 1 37  CYS 37  193 193 CYS CYS A . n 
A 1 38  GLU 38  194 194 GLU GLU A . n 
A 1 39  ASN 39  195 195 ASN ASN A . n 
A 1 40  LEU 40  196 196 LEU LEU A . n 
A 1 41  HIS 41  197 197 HIS HIS A . n 
A 1 42  GLY 42  198 198 GLY GLY A . n 
A 1 43  ARG 43  199 199 ARG ARG A . n 
A 1 44  LEU 44  200 200 LEU LEU A . n 
A 1 45  VAL 45  201 201 VAL VAL A . n 
A 1 46  SER 46  202 202 SER SER A . n 
A 1 47  ILE 47  203 203 ILE ILE A . n 
A 1 48  HIS 48  204 204 HIS HIS A . n 
A 1 49  SER 49  205 205 SER SER A . n 
A 1 50  PRO 50  206 206 PRO PRO A . n 
A 1 51  GLU 51  207 207 GLU GLU A . n 
A 1 52  GLU 52  208 208 GLU GLU A . n 
A 1 53  GLN 53  209 209 GLN GLN A . n 
A 1 54  ASP 54  210 210 ASP ASP A . n 
A 1 55  PHE 55  211 211 PHE PHE A . n 
A 1 56  LEU 56  212 212 LEU LEU A . n 
A 1 57  THR 57  213 213 THR THR A . n 
A 1 58  LYS 58  214 214 LYS LYS A . n 
A 1 59  ARG 59  215 215 ARG ARG A . n 
A 1 60  ALA 60  216 216 ALA ALA A . n 
A 1 61  ASN 61  217 217 ASN ASN A . n 
A 1 62  TRP 62  218 218 TRP TRP A . n 
A 1 63  ARG 63  219 219 ARG ARG A . n 
A 1 64  GLY 64  220 220 GLY GLY A . n 
A 1 65  SER 65  221 221 SER SER A . n 
A 1 66  TRP 66  222 222 TRP TRP A . n 
A 1 67  ILE 67  223 223 ILE ILE A . n 
A 1 68  GLY 68  224 224 GLY GLY A . n 
A 1 69  LEU 69  225 225 LEU LEU A . n 
A 1 70  ARG 70  226 226 ARG ARG A . n 
A 1 71  ASP 71  227 227 ASP ASP A . n 
A 1 72  LEU 72  228 228 LEU LEU A . n 
A 1 73  ASP 73  229 229 ASP ASP A . n 
A 1 74  ILE 74  230 230 ILE ILE A . n 
A 1 75  GLU 75  231 231 GLU GLU A . n 
A 1 76  GLY 76  232 232 GLY GLY A . n 
A 1 77  GLU 77  233 233 GLU GLU A . n 
A 1 78  PHE 78  234 234 PHE PHE A . n 
A 1 79  ILE 79  235 235 ILE ILE A . n 
A 1 80  TRP 80  236 236 TRP TRP A . n 
A 1 81  MET 81  237 237 MET MET A . n 
A 1 82  ASP 82  238 238 ASP ASP A . n 
A 1 83  ASN 83  239 239 ASN ASN A . n 
A 1 84  GLN 84  240 240 GLN GLN A . n 
A 1 85  PRO 85  241 241 PRO PRO A . n 
A 1 86  LEU 86  242 242 LEU LEU A . n 
A 1 87  ASP 87  243 243 ASP ASP A . n 
A 1 88  TYR 88  244 244 TYR TYR A . n 
A 1 89  SER 89  245 245 SER SER A . n 
A 1 90  ASN 90  246 246 ASN ASN A . n 
A 1 91  TRP 91  247 247 TRP TRP A . n 
A 1 92  GLN 92  248 248 GLN GLN A . n 
A 1 93  PRO 93  249 249 PRO PRO A . n 
A 1 94  GLY 94  250 250 GLY GLY A . n 
A 1 95  GLU 95  251 251 GLU GLU A . n 
A 1 96  PRO 96  252 252 PRO PRO A . n 
A 1 97  ASN 97  253 253 ASN ASN A . n 
A 1 98  ASP 98  254 254 ASP ASP A . n 
A 1 99  ALA 99  255 255 ALA ALA A . n 
A 1 100 GLY 100 256 256 GLY GLY A . n 
A 1 101 GLN 101 257 257 GLN GLN A . n 
A 1 102 GLY 102 258 258 GLY GLY A . n 
A 1 103 GLU 103 259 259 GLU GLU A . n 
A 1 104 ASN 104 260 260 ASN ASN A . n 
A 1 105 CYS 105 261 261 CYS CYS A . n 
A 1 106 VAL 106 262 262 VAL VAL A . n 
A 1 107 MET 107 263 263 MET MET A . n 
A 1 108 MET 108 264 264 MET MET A . n 
A 1 109 LEU 109 265 265 LEU LEU A . n 
A 1 110 GLY 110 266 266 GLY GLY A . n 
A 1 111 SER 111 267 267 SER SER A . n 
A 1 112 GLY 112 268 268 GLY GLY A . n 
A 1 113 LYS 113 269 269 LYS LYS A . n 
A 1 114 TRP 114 270 270 TRP TRP A . n 
A 1 115 ASN 115 271 271 ASN ASN A . n 
A 1 116 ASP 116 272 272 ASP ASP A . n 
A 1 117 ALA 117 273 273 ALA ALA A . n 
A 1 118 PHE 118 274 274 PHE PHE A . n 
A 1 119 CYS 119 275 275 CYS CYS A . n 
A 1 120 GLY 120 276 276 GLY GLY A . n 
A 1 121 SER 121 277 277 SER SER A . n 
A 1 122 GLU 122 278 278 GLU GLU A . n 
A 1 123 LEU 123 279 279 LEU LEU A . n 
A 1 124 HIS 124 280 280 HIS HIS A . n 
A 1 125 GLY 125 281 281 GLY GLY A . n 
A 1 126 TRP 126 282 282 TRP TRP A . n 
A 1 127 VAL 127 283 283 VAL VAL A . n 
A 1 128 CYS 128 284 284 CYS CYS A . n 
A 1 129 ASP 129 285 285 ASP ASP A . n 
A 1 130 ARG 130 286 286 ARG ARG A . n 
A 1 131 LEU 131 287 287 LEU LEU A . n 
A 1 132 ALA 132 288 288 ALA ALA A . n 
A 1 133 THR 133 289 289 THR THR A . n 
A 1 134 CYS 134 290 290 CYS CYS A . n 
# 
loop_
_pdbx_branch_scheme.asym_id 
_pdbx_branch_scheme.entity_id 
_pdbx_branch_scheme.mon_id 
_pdbx_branch_scheme.num 
_pdbx_branch_scheme.pdb_asym_id 
_pdbx_branch_scheme.pdb_mon_id 
_pdbx_branch_scheme.pdb_seq_num 
_pdbx_branch_scheme.auth_asym_id 
_pdbx_branch_scheme.auth_mon_id 
_pdbx_branch_scheme.auth_seq_num 
_pdbx_branch_scheme.hetero 
B 2 MAN 1 B MAN 1 L MAN 2 n 
B 2 NAG 2 B NAG 2 L NAG 1 n 
# 
loop_
_pdbx_nonpoly_scheme.asym_id 
_pdbx_nonpoly_scheme.entity_id 
_pdbx_nonpoly_scheme.mon_id 
_pdbx_nonpoly_scheme.ndb_seq_num 
_pdbx_nonpoly_scheme.pdb_seq_num 
_pdbx_nonpoly_scheme.auth_seq_num 
_pdbx_nonpoly_scheme.pdb_mon_id 
_pdbx_nonpoly_scheme.auth_mon_id 
_pdbx_nonpoly_scheme.pdb_strand_id 
_pdbx_nonpoly_scheme.pdb_ins_code 
C 3 CA  1   301 400 CA  CA  A . 
D 3 CA  1   302 401 CA  CA  A . 
E 4 HOH 1   401 220 HOH HOH A . 
E 4 HOH 2   402 198 HOH HOH A . 
E 4 HOH 3   403 197 HOH HOH A . 
E 4 HOH 4   404 71  HOH HOH A . 
E 4 HOH 5   405 156 HOH HOH A . 
E 4 HOH 6   406 52  HOH HOH A . 
E 4 HOH 7   407 111 HOH HOH A . 
E 4 HOH 8   408 165 HOH HOH A . 
E 4 HOH 9   409 65  HOH HOH A . 
E 4 HOH 10  410 55  HOH HOH A . 
E 4 HOH 11  411 27  HOH HOH A . 
E 4 HOH 12  412 122 HOH HOH A . 
E 4 HOH 13  413 204 HOH HOH A . 
E 4 HOH 14  414 95  HOH HOH A . 
E 4 HOH 15  415 212 HOH HOH A . 
E 4 HOH 16  416 110 HOH HOH A . 
E 4 HOH 17  417 149 HOH HOH A . 
E 4 HOH 18  418 83  HOH HOH A . 
E 4 HOH 19  419 21  HOH HOH A . 
E 4 HOH 20  420 209 HOH HOH A . 
E 4 HOH 21  421 140 HOH HOH A . 
E 4 HOH 22  422 28  HOH HOH A . 
E 4 HOH 23  423 51  HOH HOH A . 
E 4 HOH 24  424 66  HOH HOH A . 
E 4 HOH 25  425 4   HOH HOH A . 
E 4 HOH 26  426 63  HOH HOH A . 
E 4 HOH 27  427 45  HOH HOH A . 
E 4 HOH 28  428 77  HOH HOH A . 
E 4 HOH 29  429 90  HOH HOH A . 
E 4 HOH 30  430 13  HOH HOH A . 
E 4 HOH 31  431 20  HOH HOH A . 
E 4 HOH 32  432 6   HOH HOH A . 
E 4 HOH 33  433 191 HOH HOH A . 
E 4 HOH 34  434 98  HOH HOH A . 
E 4 HOH 35  435 85  HOH HOH A . 
E 4 HOH 36  436 176 HOH HOH A . 
E 4 HOH 37  437 80  HOH HOH A . 
E 4 HOH 38  438 50  HOH HOH A . 
E 4 HOH 39  439 2   HOH HOH A . 
E 4 HOH 40  440 161 HOH HOH A . 
E 4 HOH 41  441 32  HOH HOH A . 
E 4 HOH 42  442 116 HOH HOH A . 
E 4 HOH 43  443 16  HOH HOH A . 
E 4 HOH 44  444 217 HOH HOH A . 
E 4 HOH 45  445 23  HOH HOH A . 
E 4 HOH 46  446 170 HOH HOH A . 
E 4 HOH 47  447 101 HOH HOH A . 
E 4 HOH 48  448 56  HOH HOH A . 
E 4 HOH 49  449 1   HOH HOH A . 
E 4 HOH 50  450 11  HOH HOH A . 
E 4 HOH 51  451 5   HOH HOH A . 
E 4 HOH 52  452 44  HOH HOH A . 
E 4 HOH 53  453 9   HOH HOH A . 
E 4 HOH 54  454 88  HOH HOH A . 
E 4 HOH 55  455 37  HOH HOH A . 
E 4 HOH 56  456 178 HOH HOH A . 
E 4 HOH 57  457 67  HOH HOH A . 
E 4 HOH 58  458 221 HOH HOH A . 
E 4 HOH 59  459 123 HOH HOH A . 
E 4 HOH 60  460 194 HOH HOH A . 
E 4 HOH 61  461 35  HOH HOH A . 
E 4 HOH 62  462 24  HOH HOH A . 
E 4 HOH 63  463 8   HOH HOH A . 
E 4 HOH 64  464 107 HOH HOH A . 
E 4 HOH 65  465 31  HOH HOH A . 
E 4 HOH 66  466 74  HOH HOH A . 
E 4 HOH 67  467 19  HOH HOH A . 
E 4 HOH 68  468 131 HOH HOH A . 
E 4 HOH 69  469 76  HOH HOH A . 
E 4 HOH 70  470 188 HOH HOH A . 
E 4 HOH 71  471 26  HOH HOH A . 
E 4 HOH 72  472 215 HOH HOH A . 
E 4 HOH 73  473 182 HOH HOH A . 
E 4 HOH 74  474 99  HOH HOH A . 
E 4 HOH 75  475 38  HOH HOH A . 
E 4 HOH 76  476 69  HOH HOH A . 
E 4 HOH 77  477 3   HOH HOH A . 
E 4 HOH 78  478 159 HOH HOH A . 
E 4 HOH 79  479 62  HOH HOH A . 
E 4 HOH 80  480 91  HOH HOH A . 
E 4 HOH 81  481 41  HOH HOH A . 
E 4 HOH 82  482 33  HOH HOH A . 
E 4 HOH 83  483 82  HOH HOH A . 
E 4 HOH 84  484 7   HOH HOH A . 
E 4 HOH 85  485 47  HOH HOH A . 
E 4 HOH 86  486 173 HOH HOH A . 
E 4 HOH 87  487 135 HOH HOH A . 
E 4 HOH 88  488 121 HOH HOH A . 
E 4 HOH 89  489 162 HOH HOH A . 
E 4 HOH 90  490 185 HOH HOH A . 
E 4 HOH 91  491 102 HOH HOH A . 
E 4 HOH 92  492 15  HOH HOH A . 
E 4 HOH 93  493 12  HOH HOH A . 
E 4 HOH 94  494 126 HOH HOH A . 
E 4 HOH 95  495 30  HOH HOH A . 
E 4 HOH 96  496 46  HOH HOH A . 
E 4 HOH 97  497 147 HOH HOH A . 
E 4 HOH 98  498 120 HOH HOH A . 
E 4 HOH 99  499 40  HOH HOH A . 
E 4 HOH 100 500 143 HOH HOH A . 
E 4 HOH 101 501 34  HOH HOH A . 
E 4 HOH 102 502 214 HOH HOH A . 
E 4 HOH 103 503 117 HOH HOH A . 
E 4 HOH 104 504 190 HOH HOH A . 
E 4 HOH 105 505 53  HOH HOH A . 
E 4 HOH 106 506 81  HOH HOH A . 
E 4 HOH 107 507 73  HOH HOH A . 
E 4 HOH 108 508 17  HOH HOH A . 
E 4 HOH 109 509 14  HOH HOH A . 
E 4 HOH 110 510 213 HOH HOH A . 
E 4 HOH 111 511 216 HOH HOH A . 
E 4 HOH 112 512 78  HOH HOH A . 
E 4 HOH 113 513 22  HOH HOH A . 
E 4 HOH 114 514 48  HOH HOH A . 
E 4 HOH 115 515 192 HOH HOH A . 
E 4 HOH 116 516 114 HOH HOH A . 
E 4 HOH 117 517 141 HOH HOH A . 
E 4 HOH 118 518 183 HOH HOH A . 
E 4 HOH 119 519 139 HOH HOH A . 
E 4 HOH 120 520 89  HOH HOH A . 
E 4 HOH 121 521 92  HOH HOH A . 
E 4 HOH 122 522 86  HOH HOH A . 
E 4 HOH 123 523 202 HOH HOH A . 
E 4 HOH 124 524 155 HOH HOH A . 
E 4 HOH 125 525 25  HOH HOH A . 
E 4 HOH 126 526 193 HOH HOH A . 
E 4 HOH 127 527 195 HOH HOH A . 
E 4 HOH 128 528 160 HOH HOH A . 
E 4 HOH 129 529 10  HOH HOH A . 
E 4 HOH 130 530 57  HOH HOH A . 
E 4 HOH 131 531 59  HOH HOH A . 
E 4 HOH 132 532 158 HOH HOH A . 
E 4 HOH 133 533 125 HOH HOH A . 
E 4 HOH 134 534 64  HOH HOH A . 
E 4 HOH 135 535 84  HOH HOH A . 
E 4 HOH 136 536 87  HOH HOH A . 
E 4 HOH 137 537 106 HOH HOH A . 
E 4 HOH 138 538 97  HOH HOH A . 
E 4 HOH 139 539 163 HOH HOH A . 
E 4 HOH 140 540 128 HOH HOH A . 
E 4 HOH 141 541 124 HOH HOH A . 
E 4 HOH 142 542 113 HOH HOH A . 
E 4 HOH 143 543 132 HOH HOH A . 
E 4 HOH 144 544 145 HOH HOH A . 
E 4 HOH 145 545 105 HOH HOH A . 
E 4 HOH 146 546 36  HOH HOH A . 
E 4 HOH 147 547 61  HOH HOH A . 
E 4 HOH 148 548 93  HOH HOH A . 
E 4 HOH 149 549 96  HOH HOH A . 
E 4 HOH 150 550 168 HOH HOH A . 
E 4 HOH 151 551 119 HOH HOH A . 
E 4 HOH 152 552 39  HOH HOH A . 
E 4 HOH 153 553 109 HOH HOH A . 
E 4 HOH 154 554 177 HOH HOH A . 
E 4 HOH 155 555 129 HOH HOH A . 
E 4 HOH 156 556 108 HOH HOH A . 
E 4 HOH 157 557 187 HOH HOH A . 
E 4 HOH 158 558 43  HOH HOH A . 
E 4 HOH 159 559 180 HOH HOH A . 
E 4 HOH 160 560 42  HOH HOH A . 
E 4 HOH 161 561 75  HOH HOH A . 
E 4 HOH 162 562 172 HOH HOH A . 
E 4 HOH 163 563 29  HOH HOH A . 
E 4 HOH 164 564 94  HOH HOH A . 
E 4 HOH 165 565 189 HOH HOH A . 
E 4 HOH 166 566 104 HOH HOH A . 
E 4 HOH 167 567 138 HOH HOH A . 
E 4 HOH 168 568 164 HOH HOH A . 
E 4 HOH 169 569 174 HOH HOH A . 
E 4 HOH 170 570 171 HOH HOH A . 
E 4 HOH 171 571 115 HOH HOH A . 
E 4 HOH 172 572 203 HOH HOH A . 
E 4 HOH 173 573 148 HOH HOH A . 
E 4 HOH 174 574 150 HOH HOH A . 
E 4 HOH 175 575 167 HOH HOH A . 
E 4 HOH 176 576 134 HOH HOH A . 
E 4 HOH 177 577 130 HOH HOH A . 
E 4 HOH 178 578 70  HOH HOH A . 
E 4 HOH 179 579 144 HOH HOH A . 
E 4 HOH 180 580 151 HOH HOH A . 
E 4 HOH 181 581 18  HOH HOH A . 
E 4 HOH 182 582 205 HOH HOH A . 
E 4 HOH 183 583 54  HOH HOH A . 
E 4 HOH 184 584 154 HOH HOH A . 
E 4 HOH 185 585 58  HOH HOH A . 
E 4 HOH 186 586 179 HOH HOH A . 
E 4 HOH 187 587 196 HOH HOH A . 
E 4 HOH 188 588 118 HOH HOH A . 
E 4 HOH 189 589 142 HOH HOH A . 
E 4 HOH 190 590 72  HOH HOH A . 
E 4 HOH 191 591 100 HOH HOH A . 
E 4 HOH 192 592 49  HOH HOH A . 
E 4 HOH 193 593 112 HOH HOH A . 
E 4 HOH 194 594 146 HOH HOH A . 
E 4 HOH 195 595 127 HOH HOH A . 
E 4 HOH 196 596 136 HOH HOH A . 
E 4 HOH 197 597 219 HOH HOH A . 
E 4 HOH 198 598 186 HOH HOH A . 
E 4 HOH 199 599 184 HOH HOH A . 
E 4 HOH 200 600 208 HOH HOH A . 
E 4 HOH 201 601 60  HOH HOH A . 
E 4 HOH 202 602 103 HOH HOH A . 
E 4 HOH 203 603 181 HOH HOH A . 
E 4 HOH 204 604 207 HOH HOH A . 
E 4 HOH 205 605 211 HOH HOH A . 
E 4 HOH 206 606 133 HOH HOH A . 
E 4 HOH 207 607 153 HOH HOH A . 
E 4 HOH 208 608 200 HOH HOH A . 
E 4 HOH 209 609 152 HOH HOH A . 
E 4 HOH 210 610 201 HOH HOH A . 
E 4 HOH 211 611 166 HOH HOH A . 
E 4 HOH 212 612 218 HOH HOH A . 
E 4 HOH 213 613 206 HOH HOH A . 
E 4 HOH 214 614 79  HOH HOH A . 
E 4 HOH 215 615 137 HOH HOH A . 
E 4 HOH 216 616 199 HOH HOH A . 
E 4 HOH 217 617 175 HOH HOH A . 
E 4 HOH 218 618 169 HOH HOH A . 
E 4 HOH 219 619 68  HOH HOH A . 
E 4 HOH 220 620 210 HOH HOH A . 
E 4 HOH 221 621 157 HOH HOH A . 
# 
loop_
_software.citation_id 
_software.classification 
_software.compiler_name 
_software.compiler_version 
_software.contact_author 
_software.contact_author_email 
_software.date 
_software.description 
_software.dependencies 
_software.hardware 
_software.language 
_software.location 
_software.mods 
_software.name 
_software.os 
_software.os_version 
_software.type 
_software.version 
_software.pdbx_ordinal 
? 'data reduction'  ? ? ? ? ? ? ? ? ? ? ? XDS         ? ? ? .         1 
? 'data scaling'    ? ? ? ? ? ? ? ? ? ? ? Aimless     ? ? ? 0.7.3     2 
? refinement        ? ? ? ? ? ? ? ? ? ? ? PHENIX      ? ? ? 1.14_3260 3 
? 'data extraction' ? ? ? ? ? ? ? ? ? ? ? PDB_EXTRACT ? ? ? 3.25      4 
? phasing           ? ? ? ? ? ? ? ? ? ? ? PHENIX      ? ? ? .         5 
# 
_cell.angle_alpha                  90.000 
_cell.angle_alpha_esd              ? 
_cell.angle_beta                   90.000 
_cell.angle_beta_esd               ? 
_cell.angle_gamma                  90.000 
_cell.angle_gamma_esd              ? 
_cell.entry_id                     6PWR 
_cell.details                      ? 
_cell.formula_units_Z              ? 
_cell.length_a                     37.410 
_cell.length_a_esd                 ? 
_cell.length_b                     45.714 
_cell.length_b_esd                 ? 
_cell.length_c                     69.105 
_cell.length_c_esd                 ? 
_cell.volume                       ? 
_cell.volume_esd                   ? 
_cell.Z_PDB                        4 
_cell.reciprocal_angle_alpha       ? 
_cell.reciprocal_angle_beta        ? 
_cell.reciprocal_angle_gamma       ? 
_cell.reciprocal_angle_alpha_esd   ? 
_cell.reciprocal_angle_beta_esd    ? 
_cell.reciprocal_angle_gamma_esd   ? 
_cell.reciprocal_length_a          ? 
_cell.reciprocal_length_b          ? 
_cell.reciprocal_length_c          ? 
_cell.reciprocal_length_a_esd      ? 
_cell.reciprocal_length_b_esd      ? 
_cell.reciprocal_length_c_esd      ? 
_cell.pdbx_unique_axis             ? 
# 
_symmetry.entry_id                         6PWR 
_symmetry.cell_setting                     ? 
_symmetry.Int_Tables_number                19 
_symmetry.space_group_name_Hall            ? 
_symmetry.space_group_name_H-M             'P 21 21 21' 
_symmetry.pdbx_full_space_group_name_H-M   ? 
# 
_exptl.absorpt_coefficient_mu     ? 
_exptl.absorpt_correction_T_max   ? 
_exptl.absorpt_correction_T_min   ? 
_exptl.absorpt_correction_type    ? 
_exptl.absorpt_process_details    ? 
_exptl.entry_id                   6PWR 
_exptl.crystals_number            1 
_exptl.details                    ? 
_exptl.method                     'X-RAY DIFFRACTION' 
_exptl.method_details             ? 
# 
_exptl_crystal.colour                      ? 
_exptl_crystal.density_diffrn              ? 
_exptl_crystal.density_Matthews            1.98 
_exptl_crystal.density_method              ? 
_exptl_crystal.density_percent_sol         37.88 
_exptl_crystal.description                 ? 
_exptl_crystal.F_000                       ? 
_exptl_crystal.id                          1 
_exptl_crystal.preparation                 ? 
_exptl_crystal.size_max                    ? 
_exptl_crystal.size_mid                    ? 
_exptl_crystal.size_min                    ? 
_exptl_crystal.size_rad                    ? 
_exptl_crystal.colour_lustre               ? 
_exptl_crystal.colour_modifier             ? 
_exptl_crystal.colour_primary              ? 
_exptl_crystal.density_meas                ? 
_exptl_crystal.density_meas_esd            ? 
_exptl_crystal.density_meas_gt             ? 
_exptl_crystal.density_meas_lt             ? 
_exptl_crystal.density_meas_temp           ? 
_exptl_crystal.density_meas_temp_esd       ? 
_exptl_crystal.density_meas_temp_gt        ? 
_exptl_crystal.density_meas_temp_lt        ? 
_exptl_crystal.pdbx_crystal_image_url      ? 
_exptl_crystal.pdbx_crystal_image_format   ? 
_exptl_crystal.pdbx_mosaicity              ? 
_exptl_crystal.pdbx_mosaicity_esd          ? 
# 
_exptl_crystal_grow.apparatus       ? 
_exptl_crystal_grow.atmosphere      ? 
_exptl_crystal_grow.crystal_id      1 
_exptl_crystal_grow.details         ? 
_exptl_crystal_grow.method          'VAPOR DIFFUSION, HANGING DROP' 
_exptl_crystal_grow.method_ref      ? 
_exptl_crystal_grow.pH              7.0 
_exptl_crystal_grow.pressure        ? 
_exptl_crystal_grow.pressure_esd    ? 
_exptl_crystal_grow.seeding         ? 
_exptl_crystal_grow.seeding_ref     ? 
_exptl_crystal_grow.temp            295 
_exptl_crystal_grow.temp_details    ? 
_exptl_crystal_grow.temp_esd        ? 
_exptl_crystal_grow.time            ? 
_exptl_crystal_grow.pdbx_details    
;protein solution: 5 mg/ml protein, 5 mM CaCl2, 10 mM Tris-Cl, pH 8.0, 25 mM NaCl, and 50 mM GlcNAc-beta1-2Man. 
reservoir solution: 24% polyethylene glycol 8K, 0.1 HEPES pH 7.0.
;
_exptl_crystal_grow.pdbx_pH_range   ? 
# 
_diffrn.ambient_environment              ? 
_diffrn.ambient_temp                     100 
_diffrn.ambient_temp_details             ? 
_diffrn.ambient_temp_esd                 ? 
_diffrn.crystal_id                       1 
_diffrn.crystal_support                  ? 
_diffrn.crystal_treatment                ? 
_diffrn.details                          ? 
_diffrn.id                               1 
_diffrn.ambient_pressure                 ? 
_diffrn.ambient_pressure_esd             ? 
_diffrn.ambient_pressure_gt              ? 
_diffrn.ambient_pressure_lt              ? 
_diffrn.ambient_temp_gt                  ? 
_diffrn.ambient_temp_lt                  ? 
_diffrn.pdbx_serial_crystal_experiment   N 
# 
_diffrn_detector.details                      ? 
_diffrn_detector.detector                     PIXEL 
_diffrn_detector.diffrn_id                    1 
_diffrn_detector.type                         'DECTRIS PILATUS 6M' 
_diffrn_detector.area_resol_mean              ? 
_diffrn_detector.dtime                        ? 
_diffrn_detector.pdbx_frames_total            ? 
_diffrn_detector.pdbx_collection_time_total   ? 
_diffrn_detector.pdbx_collection_date         2019-01-19 
_diffrn_detector.pdbx_frequency               ? 
# 
_diffrn_radiation.collimation                      ? 
_diffrn_radiation.diffrn_id                        1 
_diffrn_radiation.filter_edge                      ? 
_diffrn_radiation.inhomogeneity                    ? 
_diffrn_radiation.monochromator                    ? 
_diffrn_radiation.polarisn_norm                    ? 
_diffrn_radiation.polarisn_ratio                   ? 
_diffrn_radiation.probe                            ? 
_diffrn_radiation.type                             ? 
_diffrn_radiation.xray_symbol                      ? 
_diffrn_radiation.wavelength_id                    1 
_diffrn_radiation.pdbx_monochromatic_or_laue_m_l   M 
_diffrn_radiation.pdbx_wavelength_list             ? 
_diffrn_radiation.pdbx_wavelength                  ? 
_diffrn_radiation.pdbx_diffrn_protocol             'SINGLE WAVELENGTH' 
_diffrn_radiation.pdbx_analyzer                    ? 
_diffrn_radiation.pdbx_scattering_type             x-ray 
# 
_diffrn_radiation_wavelength.id           1 
_diffrn_radiation_wavelength.wavelength   0.9795 
_diffrn_radiation_wavelength.wt           1.0 
# 
_diffrn_source.current                     ? 
_diffrn_source.details                     ? 
_diffrn_source.diffrn_id                   1 
_diffrn_source.power                       ? 
_diffrn_source.size                        ? 
_diffrn_source.source                      SYNCHROTRON 
_diffrn_source.target                      ? 
_diffrn_source.type                        'SSRL BEAMLINE BL12-2' 
_diffrn_source.voltage                     ? 
_diffrn_source.take-off_angle              ? 
_diffrn_source.pdbx_wavelength_list        0.9795 
_diffrn_source.pdbx_wavelength             ? 
_diffrn_source.pdbx_synchrotron_beamline   BL12-2 
_diffrn_source.pdbx_synchrotron_site       SSRL 
# 
_reflns.B_iso_Wilson_estimate            ? 
_reflns.entry_id                         6PWR 
_reflns.data_reduction_details           ? 
_reflns.data_reduction_method            ? 
_reflns.d_resolution_high                1.200 
_reflns.d_resolution_low                 38.130 
_reflns.details                          ? 
_reflns.limit_h_max                      ? 
_reflns.limit_h_min                      ? 
_reflns.limit_k_max                      ? 
_reflns.limit_k_min                      ? 
_reflns.limit_l_max                      ? 
_reflns.limit_l_min                      ? 
_reflns.number_all                       ? 
_reflns.number_obs                       37766 
_reflns.observed_criterion               ? 
_reflns.observed_criterion_F_max         ? 
_reflns.observed_criterion_F_min         ? 
_reflns.observed_criterion_I_max         ? 
_reflns.observed_criterion_I_min         ? 
_reflns.observed_criterion_sigma_F       ? 
_reflns.observed_criterion_sigma_I       ? 
_reflns.percent_possible_obs             99.700 
_reflns.R_free_details                   ? 
_reflns.Rmerge_F_all                     ? 
_reflns.Rmerge_F_obs                     ? 
_reflns.Friedel_coverage                 ? 
_reflns.number_gt                        ? 
_reflns.threshold_expression             ? 
_reflns.pdbx_redundancy                  6.300 
_reflns.pdbx_Rmerge_I_obs                0.066 
_reflns.pdbx_Rmerge_I_all                ? 
_reflns.pdbx_Rsym_value                  ? 
_reflns.pdbx_netI_over_av_sigmaI         ? 
_reflns.pdbx_netI_over_sigmaI            16.900 
_reflns.pdbx_res_netI_over_av_sigmaI_2   ? 
_reflns.pdbx_res_netI_over_sigmaI_2      ? 
_reflns.pdbx_chi_squared                 ? 
_reflns.pdbx_scaling_rejects             533 
_reflns.pdbx_d_res_high_opt              ? 
_reflns.pdbx_d_res_low_opt               ? 
_reflns.pdbx_d_res_opt_method            ? 
_reflns.phase_calculation_details        ? 
_reflns.pdbx_Rrim_I_all                  0.072 
_reflns.pdbx_Rpim_I_all                  0.028 
_reflns.pdbx_d_opt                       ? 
_reflns.pdbx_number_measured_all         236463 
_reflns.pdbx_diffrn_id                   1 
_reflns.pdbx_ordinal                     1 
_reflns.pdbx_CC_half                     0.993 
_reflns.pdbx_R_split                     ? 
# 
loop_
_reflns_shell.d_res_high 
_reflns_shell.d_res_low 
_reflns_shell.meanI_over_sigI_all 
_reflns_shell.meanI_over_sigI_obs 
_reflns_shell.number_measured_all 
_reflns_shell.number_measured_obs 
_reflns_shell.number_possible 
_reflns_shell.number_unique_all 
_reflns_shell.number_unique_obs 
_reflns_shell.percent_possible_all 
_reflns_shell.percent_possible_obs 
_reflns_shell.Rmerge_F_all 
_reflns_shell.Rmerge_F_obs 
_reflns_shell.Rmerge_I_all 
_reflns_shell.Rmerge_I_obs 
_reflns_shell.meanI_over_sigI_gt 
_reflns_shell.meanI_over_uI_all 
_reflns_shell.meanI_over_uI_gt 
_reflns_shell.number_measured_gt 
_reflns_shell.number_unique_gt 
_reflns_shell.percent_possible_gt 
_reflns_shell.Rmerge_F_gt 
_reflns_shell.Rmerge_I_gt 
_reflns_shell.pdbx_redundancy 
_reflns_shell.pdbx_Rsym_value 
_reflns_shell.pdbx_chi_squared 
_reflns_shell.pdbx_netI_over_sigmaI_all 
_reflns_shell.pdbx_netI_over_sigmaI_obs 
_reflns_shell.pdbx_Rrim_I_all 
_reflns_shell.pdbx_Rpim_I_all 
_reflns_shell.pdbx_rejects 
_reflns_shell.pdbx_ordinal 
_reflns_shell.pdbx_diffrn_id 
_reflns_shell.pdbx_CC_half 
_reflns_shell.pdbx_R_split 
1.200 1.220  ? ? 10162 ? ? ? 1815 98.900 ? ? ? ? 0.152 ? ? ? ? ? ? ? ? 5.600 ? ? ? 9.500  0.168 0.070 ? 1 1 0.977 ? 
6.570 38.130 ? ? 1680  ? ? ? 283  99.500 ? ? ? ? 0.085 ? ? ? ? ? ? ? ? 5.900 ? ? ? 21.700 0.095 0.040 ? 2 1 0.960 ? 
# 
_refine.aniso_B[1][1]                            ? 
_refine.aniso_B[1][2]                            ? 
_refine.aniso_B[1][3]                            ? 
_refine.aniso_B[2][2]                            ? 
_refine.aniso_B[2][3]                            ? 
_refine.aniso_B[3][3]                            ? 
_refine.B_iso_max                                41.480 
_refine.B_iso_mean                               10.1186 
_refine.B_iso_min                                3.040 
_refine.correlation_coeff_Fo_to_Fc               ? 
_refine.correlation_coeff_Fo_to_Fc_free          ? 
_refine.details                                  ? 
_refine.diff_density_max                         ? 
_refine.diff_density_max_esd                     ? 
_refine.diff_density_min                         ? 
_refine.diff_density_min_esd                     ? 
_refine.diff_density_rms                         ? 
_refine.diff_density_rms_esd                     ? 
_refine.entry_id                                 6PWR 
_refine.pdbx_refine_id                           'X-RAY DIFFRACTION' 
_refine.ls_abs_structure_details                 ? 
_refine.ls_abs_structure_Flack                   ? 
_refine.ls_abs_structure_Flack_esd               ? 
_refine.ls_abs_structure_Rogers                  ? 
_refine.ls_abs_structure_Rogers_esd              ? 
_refine.ls_d_res_high                            1.2000 
_refine.ls_d_res_low                             32.8990 
_refine.ls_extinction_coef                       ? 
_refine.ls_extinction_coef_esd                   ? 
_refine.ls_extinction_expression                 ? 
_refine.ls_extinction_method                     ? 
_refine.ls_goodness_of_fit_all                   ? 
_refine.ls_goodness_of_fit_all_esd               ? 
_refine.ls_goodness_of_fit_obs                   ? 
_refine.ls_goodness_of_fit_obs_esd               ? 
_refine.ls_hydrogen_treatment                    ? 
_refine.ls_matrix_type                           ? 
_refine.ls_number_constraints                    ? 
_refine.ls_number_parameters                     ? 
_refine.ls_number_reflns_all                     ? 
_refine.ls_number_reflns_obs                     37677 
_refine.ls_number_reflns_R_free                  1863 
_refine.ls_number_reflns_R_work                  ? 
_refine.ls_number_restraints                     ? 
_refine.ls_percent_reflns_obs                    99.6500 
_refine.ls_percent_reflns_R_free                 5.0200 
_refine.ls_R_factor_all                          ? 
_refine.ls_R_factor_obs                          0.1518 
_refine.ls_R_factor_R_free                       0.1652 
_refine.ls_R_factor_R_free_error                 ? 
_refine.ls_R_factor_R_free_error_details         ? 
_refine.ls_R_factor_R_work                       0.1511 
_refine.ls_R_Fsqd_factor_obs                     ? 
_refine.ls_R_I_factor_obs                        ? 
_refine.ls_redundancy_reflns_all                 ? 
_refine.ls_redundancy_reflns_obs                 ? 
_refine.ls_restrained_S_all                      ? 
_refine.ls_restrained_S_obs                      ? 
_refine.ls_shift_over_esd_max                    ? 
_refine.ls_shift_over_esd_mean                   ? 
_refine.ls_structure_factor_coef                 ? 
_refine.ls_weighting_details                     ? 
_refine.ls_weighting_scheme                      ? 
_refine.ls_wR_factor_all                         ? 
_refine.ls_wR_factor_obs                         ? 
_refine.ls_wR_factor_R_free                      ? 
_refine.ls_wR_factor_R_work                      ? 
_refine.occupancy_max                            ? 
_refine.occupancy_min                            ? 
_refine.solvent_model_details                    ? 
_refine.solvent_model_param_bsol                 ? 
_refine.solvent_model_param_ksol                 ? 
_refine.ls_R_factor_gt                           ? 
_refine.ls_goodness_of_fit_gt                    ? 
_refine.ls_goodness_of_fit_ref                   ? 
_refine.ls_shift_over_su_max                     ? 
_refine.ls_shift_over_su_max_lt                  ? 
_refine.ls_shift_over_su_mean                    ? 
_refine.ls_shift_over_su_mean_lt                 ? 
_refine.pdbx_ls_sigma_I                          ? 
_refine.pdbx_ls_sigma_F                          ? 
_refine.pdbx_ls_sigma_Fsqd                       ? 
_refine.pdbx_data_cutoff_high_absF               ? 
_refine.pdbx_data_cutoff_high_rms_absF           ? 
_refine.pdbx_data_cutoff_low_absF                ? 
_refine.pdbx_isotropic_thermal_model             ? 
_refine.pdbx_ls_cross_valid_method               THROUGHOUT 
_refine.pdbx_method_to_determine_struct          'FOURIER SYNTHESIS' 
_refine.pdbx_starting_model                      ? 
_refine.pdbx_stereochemistry_target_values       ? 
_refine.pdbx_R_Free_selection_details            ? 
_refine.pdbx_stereochem_target_val_spec_case     ? 
_refine.pdbx_overall_ESU_R                       ? 
_refine.pdbx_overall_ESU_R_Free                  ? 
_refine.pdbx_solvent_vdw_probe_radii             ? 
_refine.pdbx_solvent_ion_probe_radii             ? 
_refine.pdbx_solvent_shrinkage_radii             ? 
_refine.pdbx_real_space_R                        ? 
_refine.pdbx_density_correlation                 ? 
_refine.pdbx_pd_number_of_powder_patterns        ? 
_refine.pdbx_pd_number_of_points                 ? 
_refine.pdbx_pd_meas_number_of_points            ? 
_refine.pdbx_pd_proc_ls_prof_R_factor            ? 
_refine.pdbx_pd_proc_ls_prof_wR_factor           ? 
_refine.pdbx_pd_Marquardt_correlation_coeff      ? 
_refine.pdbx_pd_Fsqrd_R_factor                   ? 
_refine.pdbx_pd_ls_matrix_band_width             ? 
_refine.pdbx_overall_phase_error                 ? 
_refine.pdbx_overall_SU_R_free_Cruickshank_DPI   ? 
_refine.pdbx_overall_SU_R_free_Blow_DPI          ? 
_refine.pdbx_overall_SU_R_Blow_DPI               ? 
_refine.pdbx_TLS_residual_ADP_flag               ? 
_refine.pdbx_diffrn_id                           1 
_refine.overall_SU_B                             ? 
_refine.overall_SU_ML                            ? 
_refine.overall_SU_R_Cruickshank_DPI             ? 
_refine.overall_SU_R_free                        ? 
_refine.overall_FOM_free_R_set                   ? 
_refine.overall_FOM_work_R_set                   ? 
_refine.pdbx_average_fsc_overall                 ? 
_refine.pdbx_average_fsc_work                    ? 
_refine.pdbx_average_fsc_free                    ? 
# 
_refine_hist.pdbx_refine_id                   'X-RAY DIFFRACTION' 
_refine_hist.cycle_id                         final 
_refine_hist.details                          ? 
_refine_hist.d_res_high                       1.2000 
_refine_hist.d_res_low                        32.8990 
_refine_hist.number_atoms_solvent             221 
_refine_hist.number_atoms_total               1296 
_refine_hist.number_reflns_all                ? 
_refine_hist.number_reflns_obs                ? 
_refine_hist.number_reflns_R_free             ? 
_refine_hist.number_reflns_R_work             ? 
_refine_hist.R_factor_all                     ? 
_refine_hist.R_factor_obs                     ? 
_refine_hist.R_factor_R_free                  ? 
_refine_hist.R_factor_R_work                  ? 
_refine_hist.pdbx_number_residues_total       129 
_refine_hist.pdbx_B_iso_mean_ligand           7.97 
_refine_hist.pdbx_B_iso_mean_solvent          19.01 
_refine_hist.pdbx_number_atoms_protein        1047 
_refine_hist.pdbx_number_atoms_nucleic_acid   0 
_refine_hist.pdbx_number_atoms_ligand         28 
_refine_hist.pdbx_number_atoms_lipid          ? 
_refine_hist.pdbx_number_atoms_carb           ? 
_refine_hist.pdbx_pseudo_atom_details         ? 
# 
loop_
_refine_ls_shell.pdbx_refine_id 
_refine_ls_shell.d_res_high 
_refine_ls_shell.d_res_low 
_refine_ls_shell.number_reflns_all 
_refine_ls_shell.number_reflns_obs 
_refine_ls_shell.number_reflns_R_free 
_refine_ls_shell.number_reflns_R_work 
_refine_ls_shell.percent_reflns_obs 
_refine_ls_shell.percent_reflns_R_free 
_refine_ls_shell.R_factor_all 
_refine_ls_shell.R_factor_obs 
_refine_ls_shell.R_factor_R_free 
_refine_ls_shell.R_factor_R_free_error 
_refine_ls_shell.R_factor_R_work 
_refine_ls_shell.redundancy_reflns_all 
_refine_ls_shell.redundancy_reflns_obs 
_refine_ls_shell.wR_factor_all 
_refine_ls_shell.wR_factor_obs 
_refine_ls_shell.wR_factor_R_free 
_refine_ls_shell.wR_factor_R_work 
_refine_ls_shell.pdbx_total_number_of_bins_used 
_refine_ls_shell.pdbx_phase_error 
_refine_ls_shell.pdbx_fsc_work 
_refine_ls_shell.pdbx_fsc_free 
'X-RAY DIFFRACTION' 1.2000 1.2325  . . 154 2708 100.0000 . . . 0.1844 .      0.1737 . . . . . . . . . . 
'X-RAY DIFFRACTION' 1.2325 1.2687  . . 146 2706 100.0000 . . . 0.1640 0.0000 0.1607 . . . . . . . . . . 
'X-RAY DIFFRACTION' 1.2687 1.3097  . . 127 2680 98.0000  . . . 0.1698 0.0000 0.1574 . . . . . . . . . . 
'X-RAY DIFFRACTION' 1.3097 1.3565  . . 136 2729 100.0000 . . . 0.1667 0.0000 0.1519 . . . . . . . . . . 
'X-RAY DIFFRACTION' 1.3565 1.4108  . . 152 2715 100.0000 . . . 0.1694 0.0000 0.1528 . . . . . . . . . . 
'X-RAY DIFFRACTION' 1.4108 1.4750  . . 139 2738 100.0000 . . . 0.1635 0.0000 0.1430 . . . . . . . . . . 
'X-RAY DIFFRACTION' 1.4750 1.5528  . . 151 2708 99.0000  . . . 0.1660 0.0000 0.1409 . . . . . . . . . . 
'X-RAY DIFFRACTION' 1.5528 1.6501  . . 142 2745 100.0000 . . . 0.1821 0.0000 0.1427 . . . . . . . . . . 
'X-RAY DIFFRACTION' 1.6501 1.7774  . . 150 2754 100.0000 . . . 0.1757 0.0000 0.1498 . . . . . . . . . . 
'X-RAY DIFFRACTION' 1.7774 1.9563  . . 140 2759 100.0000 . . . 0.1700 0.0000 0.1538 . . . . . . . . . . 
'X-RAY DIFFRACTION' 1.9563 2.2393  . . 150 2789 100.0000 . . . 0.1659 0.0000 0.1478 . . . . . . . . . . 
'X-RAY DIFFRACTION' 2.2393 2.8211  . . 146 2812 100.0000 . . . 0.1562 0.0000 0.1636 . . . . . . . . . . 
'X-RAY DIFFRACTION' 2.8211 32.8990 . . 157 2944 100.0000 . . . 0.1556 0.0000 0.1446 . . . . . . . . . . 
# 
_struct.entry_id                     6PWR 
_struct.title                        
'Crystal structure of the cow C-type carbohydrate-recognition domain of CD23 in the presence of GlcNAc-beta1-2-Man' 
_struct.pdbx_model_details           ? 
_struct.pdbx_formula_weight          ? 
_struct.pdbx_formula_weight_method   ? 
_struct.pdbx_model_type_details      ? 
_struct.pdbx_CASP_flag               N 
# 
_struct_keywords.entry_id        6PWR 
_struct_keywords.text            'CRD, Receptor, Lectin, Metal-Binding, SUGAR BINDING PROTEIN' 
_struct_keywords.pdbx_keywords   'SUGAR BINDING PROTEIN' 
# 
loop_
_struct_asym.id 
_struct_asym.pdbx_blank_PDB_chainid_flag 
_struct_asym.pdbx_modified 
_struct_asym.entity_id 
_struct_asym.details 
A N N 1 ? 
B N N 2 ? 
C N N 3 ? 
D N N 3 ? 
E N N 4 ? 
# 
_struct_ref.id                         1 
_struct_ref.db_name                    UNP 
_struct_ref.db_code                    E1BIQ4_BOVIN 
_struct_ref.pdbx_db_accession          E1BIQ4 
_struct_ref.pdbx_db_isoform            ? 
_struct_ref.entity_id                  1 
_struct_ref.pdbx_seq_one_letter_code   
;ANGSVCNTCPEAWIYFQKKCYYFGEGAKKWIQARYACENLHGRLVSIHSPEEQDFLTKRANWRGSWIGLRDLDIEGEFIW
MDNQPLDYSNWQPGEPNDAGQGENCVMMLGSGKWNDAFCGSELHGWVCDRLATC
;
_struct_ref.pdbx_align_begin           169 
# 
_struct_ref_seq.align_id                      1 
_struct_ref_seq.ref_id                        1 
_struct_ref_seq.pdbx_PDB_id_code              6PWR 
_struct_ref_seq.pdbx_strand_id                A 
_struct_ref_seq.seq_align_beg                 1 
_struct_ref_seq.pdbx_seq_align_beg_ins_code   ? 
_struct_ref_seq.seq_align_end                 134 
_struct_ref_seq.pdbx_seq_align_end_ins_code   ? 
_struct_ref_seq.pdbx_db_accession             E1BIQ4 
_struct_ref_seq.db_align_beg                  169 
_struct_ref_seq.pdbx_db_align_beg_ins_code    ? 
_struct_ref_seq.db_align_end                  302 
_struct_ref_seq.pdbx_db_align_end_ins_code    ? 
_struct_ref_seq.pdbx_auth_seq_align_beg       157 
_struct_ref_seq.pdbx_auth_seq_align_end       290 
# 
_pdbx_struct_assembly.id                   1 
_pdbx_struct_assembly.details              author_and_software_defined_assembly 
_pdbx_struct_assembly.method_details       PISA 
_pdbx_struct_assembly.oligomeric_details   monomeric 
_pdbx_struct_assembly.oligomeric_count     1 
# 
_pdbx_struct_assembly_gen.assembly_id       1 
_pdbx_struct_assembly_gen.oper_expression   1 
_pdbx_struct_assembly_gen.asym_id_list      A,B,C,D,E 
# 
_pdbx_struct_assembly_auth_evidence.id                     1 
_pdbx_struct_assembly_auth_evidence.assembly_id            1 
_pdbx_struct_assembly_auth_evidence.experimental_support   none 
_pdbx_struct_assembly_auth_evidence.details                ? 
# 
_pdbx_struct_oper_list.id                   1 
_pdbx_struct_oper_list.type                 'identity operation' 
_pdbx_struct_oper_list.name                 1_555 
_pdbx_struct_oper_list.symmetry_operation   x,y,z 
_pdbx_struct_oper_list.matrix[1][1]         1.0000000000 
_pdbx_struct_oper_list.matrix[1][2]         0.0000000000 
_pdbx_struct_oper_list.matrix[1][3]         0.0000000000 
_pdbx_struct_oper_list.vector[1]            0.0000000000 
_pdbx_struct_oper_list.matrix[2][1]         0.0000000000 
_pdbx_struct_oper_list.matrix[2][2]         1.0000000000 
_pdbx_struct_oper_list.matrix[2][3]         0.0000000000 
_pdbx_struct_oper_list.vector[2]            0.0000000000 
_pdbx_struct_oper_list.matrix[3][1]         0.0000000000 
_pdbx_struct_oper_list.matrix[3][2]         0.0000000000 
_pdbx_struct_oper_list.matrix[3][3]         1.0000000000 
_pdbx_struct_oper_list.vector[3]            0.0000000000 
# 
loop_
_struct_conf.conf_type_id 
_struct_conf.id 
_struct_conf.pdbx_PDB_helix_id 
_struct_conf.beg_label_comp_id 
_struct_conf.beg_label_asym_id 
_struct_conf.beg_label_seq_id 
_struct_conf.pdbx_beg_PDB_ins_code 
_struct_conf.end_label_comp_id 
_struct_conf.end_label_asym_id 
_struct_conf.end_label_seq_id 
_struct_conf.pdbx_end_PDB_ins_code 
_struct_conf.beg_auth_comp_id 
_struct_conf.beg_auth_asym_id 
_struct_conf.beg_auth_seq_id 
_struct_conf.end_auth_comp_id 
_struct_conf.end_auth_asym_id 
_struct_conf.end_auth_seq_id 
_struct_conf.pdbx_PDB_helix_class 
_struct_conf.details 
_struct_conf.pdbx_PDB_helix_length 
HELX_P HELX_P1 AA1 LYS A 29 ? LEU A 40 ? LYS A 185 LEU A 196 1 ? 12 
HELX_P HELX_P2 AA2 SER A 49 ? ALA A 60 ? SER A 205 ALA A 216 1 ? 12 
# 
_struct_conf_type.id          HELX_P 
_struct_conf_type.criteria    ? 
_struct_conf_type.reference   ? 
# 
loop_
_struct_conn.id 
_struct_conn.conn_type_id 
_struct_conn.pdbx_leaving_atom_flag 
_struct_conn.pdbx_PDB_id 
_struct_conn.ptnr1_label_asym_id 
_struct_conn.ptnr1_label_comp_id 
_struct_conn.ptnr1_label_seq_id 
_struct_conn.ptnr1_label_atom_id 
_struct_conn.pdbx_ptnr1_label_alt_id 
_struct_conn.pdbx_ptnr1_PDB_ins_code 
_struct_conn.pdbx_ptnr1_standard_comp_id 
_struct_conn.ptnr1_symmetry 
_struct_conn.ptnr2_label_asym_id 
_struct_conn.ptnr2_label_comp_id 
_struct_conn.ptnr2_label_seq_id 
_struct_conn.ptnr2_label_atom_id 
_struct_conn.pdbx_ptnr2_label_alt_id 
_struct_conn.pdbx_ptnr2_PDB_ins_code 
_struct_conn.ptnr1_auth_asym_id 
_struct_conn.ptnr1_auth_comp_id 
_struct_conn.ptnr1_auth_seq_id 
_struct_conn.ptnr2_auth_asym_id 
_struct_conn.ptnr2_auth_comp_id 
_struct_conn.ptnr2_auth_seq_id 
_struct_conn.ptnr2_symmetry 
_struct_conn.pdbx_ptnr3_label_atom_id 
_struct_conn.pdbx_ptnr3_label_seq_id 
_struct_conn.pdbx_ptnr3_label_comp_id 
_struct_conn.pdbx_ptnr3_label_asym_id 
_struct_conn.pdbx_ptnr3_label_alt_id 
_struct_conn.pdbx_ptnr3_PDB_ins_code 
_struct_conn.details 
_struct_conn.pdbx_dist_value 
_struct_conn.pdbx_value_order 
_struct_conn.pdbx_role 
disulf1  disulf ?    ? A CYS 6   SG  ? ? ? 1_555 A CYS 134 SG ? ? A CYS 162 A CYS 290 1_555 ? ? ? ? ? ? ? 2.044 ? ? 
disulf2  disulf ?    ? A CYS 9   SG  ? ? ? 1_555 A CYS 20  SG ? ? A CYS 165 A CYS 176 1_555 ? ? ? ? ? ? ? 2.042 ? ? 
disulf3  disulf ?    ? A CYS 37  SG  ? ? ? 1_555 A CYS 128 SG ? ? A CYS 193 A CYS 284 1_555 ? ? ? ? ? ? ? 2.046 ? ? 
disulf4  disulf ?    ? A CYS 105 SG  ? ? ? 1_555 A CYS 119 SG ? ? A CYS 261 A CYS 275 1_555 ? ? ? ? ? ? ? 2.033 ? ? 
covale1  covale both ? B MAN .   O2  ? ? ? 1_555 B NAG .   C1 ? ? B MAN 1   B NAG 2   1_555 ? ? ? ? ? ? ? 1.421 ? ? 
metalc1  metalc ?    ? A ASP 71  OD1 ? ? ? 1_555 D CA  .   CA ? ? A ASP 227 A CA  302 1_555 ? ? ? ? ? ? ? 2.607 ? ? 
metalc2  metalc ?    ? A ASP 71  OD2 ? ? ? 1_555 D CA  .   CA ? ? A ASP 227 A CA  302 1_555 ? ? ? ? ? ? ? 2.468 ? ? 
metalc3  metalc ?    ? A GLU 75  OE1 ? ? ? 1_555 D CA  .   CA ? ? A GLU 231 A CA  302 1_555 ? ? ? ? ? ? ? 2.488 ? ? 
metalc4  metalc ?    ? A GLU 75  OE2 ? ? ? 1_555 D CA  .   CA ? ? A GLU 231 A CA  302 1_555 ? ? ? ? ? ? ? 2.520 ? ? 
metalc5  metalc ?    ? A GLU 95  OE1 ? ? ? 1_555 C CA  .   CA ? ? A GLU 251 A CA  301 1_555 ? ? ? ? ? ? ? 2.456 ? ? 
metalc6  metalc ?    ? A ASN 97  OD1 ? ? ? 1_555 C CA  .   CA ? ? A ASN 253 A CA  301 1_555 ? ? ? ? ? ? ? 2.453 ? ? 
metalc7  metalc ?    ? A ASP 98  OD1 ? ? ? 1_555 D CA  .   CA ? ? A ASP 254 A CA  302 1_555 ? ? ? ? ? ? ? 2.477 ? ? 
metalc8  metalc ?    ? A GLU 103 OE1 ? ? ? 1_555 C CA  .   CA ? ? A GLU 259 A CA  301 1_555 ? ? ? ? ? ? ? 2.384 ? ? 
metalc9  metalc ?    ? A GLU 103 O   ? ? ? 1_555 D CA  .   CA ? ? A GLU 259 A CA  302 1_555 ? ? ? ? ? ? ? 2.446 ? ? 
metalc10 metalc ?    ? A ASN 104 OD1 ? ? ? 1_555 D CA  .   CA ? ? A ASN 260 A CA  302 1_555 ? ? ? ? ? ? ? 2.418 ? ? 
metalc11 metalc ?    ? A ASN 115 OD1 ? ? ? 1_555 C CA  .   CA ? ? A ASN 271 A CA  301 1_555 ? ? ? ? ? ? ? 2.430 ? ? 
metalc12 metalc ?    ? A ASP 116 O   ? ? ? 1_555 C CA  .   CA ? ? A ASP 272 A CA  301 1_555 ? ? ? ? ? ? ? 2.459 ? ? 
metalc13 metalc ?    ? A ASP 116 OD1 ? ? ? 1_555 C CA  .   CA ? ? A ASP 272 A CA  301 1_555 ? ? ? ? ? ? ? 2.353 ? ? 
metalc14 metalc ?    ? C CA  .   CA  ? ? ? 1_555 B MAN .   O3 ? ? A CA  301 B MAN 1   1_555 ? ? ? ? ? ? ? 2.504 ? ? 
metalc15 metalc ?    ? C CA  .   CA  ? ? ? 1_555 B MAN .   O4 ? ? A CA  301 B MAN 1   1_555 ? ? ? ? ? ? ? 2.496 ? ? 
metalc16 metalc ?    ? D CA  .   CA  ? ? ? 1_555 E HOH .   O  ? ? A CA  302 A HOH 449 1_555 ? ? ? ? ? ? ? 2.364 ? ? 
# 
loop_
_struct_conn_type.id 
_struct_conn_type.criteria 
_struct_conn_type.reference 
disulf ? ? 
covale ? ? 
metalc ? ? 
# 
loop_
_pdbx_struct_conn_angle.id 
_pdbx_struct_conn_angle.ptnr1_label_atom_id 
_pdbx_struct_conn_angle.ptnr1_label_alt_id 
_pdbx_struct_conn_angle.ptnr1_label_asym_id 
_pdbx_struct_conn_angle.ptnr1_label_comp_id 
_pdbx_struct_conn_angle.ptnr1_label_seq_id 
_pdbx_struct_conn_angle.ptnr1_auth_atom_id 
_pdbx_struct_conn_angle.ptnr1_auth_asym_id 
_pdbx_struct_conn_angle.ptnr1_auth_comp_id 
_pdbx_struct_conn_angle.ptnr1_auth_seq_id 
_pdbx_struct_conn_angle.ptnr1_PDB_ins_code 
_pdbx_struct_conn_angle.ptnr1_symmetry 
_pdbx_struct_conn_angle.ptnr2_label_atom_id 
_pdbx_struct_conn_angle.ptnr2_label_alt_id 
_pdbx_struct_conn_angle.ptnr2_label_asym_id 
_pdbx_struct_conn_angle.ptnr2_label_comp_id 
_pdbx_struct_conn_angle.ptnr2_label_seq_id 
_pdbx_struct_conn_angle.ptnr2_auth_atom_id 
_pdbx_struct_conn_angle.ptnr2_auth_asym_id 
_pdbx_struct_conn_angle.ptnr2_auth_comp_id 
_pdbx_struct_conn_angle.ptnr2_auth_seq_id 
_pdbx_struct_conn_angle.ptnr2_PDB_ins_code 
_pdbx_struct_conn_angle.ptnr2_symmetry 
_pdbx_struct_conn_angle.ptnr3_label_atom_id 
_pdbx_struct_conn_angle.ptnr3_label_alt_id 
_pdbx_struct_conn_angle.ptnr3_label_asym_id 
_pdbx_struct_conn_angle.ptnr3_label_comp_id 
_pdbx_struct_conn_angle.ptnr3_label_seq_id 
_pdbx_struct_conn_angle.ptnr3_auth_atom_id 
_pdbx_struct_conn_angle.ptnr3_auth_asym_id 
_pdbx_struct_conn_angle.ptnr3_auth_comp_id 
_pdbx_struct_conn_angle.ptnr3_auth_seq_id 
_pdbx_struct_conn_angle.ptnr3_PDB_ins_code 
_pdbx_struct_conn_angle.ptnr3_symmetry 
_pdbx_struct_conn_angle.value 
_pdbx_struct_conn_angle.value_esd 
1  OD1 ? A ASP 71  ? A ASP 227 ? 1_555 CA ? D CA . ? A CA 302 ? 1_555 OD2 ? A ASP 71  ? A ASP 227 ? 1_555 50.5  ? 
2  OD1 ? A ASP 71  ? A ASP 227 ? 1_555 CA ? D CA . ? A CA 302 ? 1_555 OE1 ? A GLU 75  ? A GLU 231 ? 1_555 99.5  ? 
3  OD2 ? A ASP 71  ? A ASP 227 ? 1_555 CA ? D CA . ? A CA 302 ? 1_555 OE1 ? A GLU 75  ? A GLU 231 ? 1_555 75.5  ? 
4  OD1 ? A ASP 71  ? A ASP 227 ? 1_555 CA ? D CA . ? A CA 302 ? 1_555 OE2 ? A GLU 75  ? A GLU 231 ? 1_555 123.4 ? 
5  OD2 ? A ASP 71  ? A ASP 227 ? 1_555 CA ? D CA . ? A CA 302 ? 1_555 OE2 ? A GLU 75  ? A GLU 231 ? 1_555 73.7  ? 
6  OE1 ? A GLU 75  ? A GLU 231 ? 1_555 CA ? D CA . ? A CA 302 ? 1_555 OE2 ? A GLU 75  ? A GLU 231 ? 1_555 51.9  ? 
7  OD1 ? A ASP 71  ? A ASP 227 ? 1_555 CA ? D CA . ? A CA 302 ? 1_555 OD1 ? A ASP 98  ? A ASP 254 ? 1_555 159.7 ? 
8  OD2 ? A ASP 71  ? A ASP 227 ? 1_555 CA ? D CA . ? A CA 302 ? 1_555 OD1 ? A ASP 98  ? A ASP 254 ? 1_555 149.7 ? 
9  OE1 ? A GLU 75  ? A GLU 231 ? 1_555 CA ? D CA . ? A CA 302 ? 1_555 OD1 ? A ASP 98  ? A ASP 254 ? 1_555 88.6  ? 
10 OE2 ? A GLU 75  ? A GLU 231 ? 1_555 CA ? D CA . ? A CA 302 ? 1_555 OD1 ? A ASP 98  ? A ASP 254 ? 1_555 76.1  ? 
11 OD1 ? A ASP 71  ? A ASP 227 ? 1_555 CA ? D CA . ? A CA 302 ? 1_555 O   ? A GLU 103 ? A GLU 259 ? 1_555 88.5  ? 
12 OD2 ? A ASP 71  ? A ASP 227 ? 1_555 CA ? D CA . ? A CA 302 ? 1_555 O   ? A GLU 103 ? A GLU 259 ? 1_555 130.2 ? 
13 OE1 ? A GLU 75  ? A GLU 231 ? 1_555 CA ? D CA . ? A CA 302 ? 1_555 O   ? A GLU 103 ? A GLU 259 ? 1_555 147.8 ? 
14 OE2 ? A GLU 75  ? A GLU 231 ? 1_555 CA ? D CA . ? A CA 302 ? 1_555 O   ? A GLU 103 ? A GLU 259 ? 1_555 143.5 ? 
15 OD1 ? A ASP 98  ? A ASP 254 ? 1_555 CA ? D CA . ? A CA 302 ? 1_555 O   ? A GLU 103 ? A GLU 259 ? 1_555 75.3  ? 
16 OD1 ? A ASP 71  ? A ASP 227 ? 1_555 CA ? D CA . ? A CA 302 ? 1_555 OD1 ? A ASN 104 ? A ASN 260 ? 1_555 79.7  ? 
17 OD2 ? A ASP 71  ? A ASP 227 ? 1_555 CA ? D CA . ? A CA 302 ? 1_555 OD1 ? A ASN 104 ? A ASN 260 ? 1_555 114.0 ? 
18 OE1 ? A GLU 75  ? A GLU 231 ? 1_555 CA ? D CA . ? A CA 302 ? 1_555 OD1 ? A ASN 104 ? A ASN 260 ? 1_555 73.6  ? 
19 OE2 ? A GLU 75  ? A GLU 231 ? 1_555 CA ? D CA . ? A CA 302 ? 1_555 OD1 ? A ASN 104 ? A ASN 260 ? 1_555 121.9 ? 
20 OD1 ? A ASP 98  ? A ASP 254 ? 1_555 CA ? D CA . ? A CA 302 ? 1_555 OD1 ? A ASN 104 ? A ASN 260 ? 1_555 84.9  ? 
21 O   ? A GLU 103 ? A GLU 259 ? 1_555 CA ? D CA . ? A CA 302 ? 1_555 OD1 ? A ASN 104 ? A ASN 260 ? 1_555 77.3  ? 
22 OD1 ? A ASP 71  ? A ASP 227 ? 1_555 CA ? D CA . ? A CA 302 ? 1_555 O   ? E HOH .   ? A HOH 449 ? 1_555 98.5  ? 
23 OD2 ? A ASP 71  ? A ASP 227 ? 1_555 CA ? D CA . ? A CA 302 ? 1_555 O   ? E HOH .   ? A HOH 449 ? 1_555 83.6  ? 
24 OE1 ? A GLU 75  ? A GLU 231 ? 1_555 CA ? D CA . ? A CA 302 ? 1_555 O   ? E HOH .   ? A HOH 449 ? 1_555 133.2 ? 
25 OE2 ? A GLU 75  ? A GLU 231 ? 1_555 CA ? D CA . ? A CA 302 ? 1_555 O   ? E HOH .   ? A HOH 449 ? 1_555 82.2  ? 
26 OD1 ? A ASP 98  ? A ASP 254 ? 1_555 CA ? D CA . ? A CA 302 ? 1_555 O   ? E HOH .   ? A HOH 449 ? 1_555 89.2  ? 
27 O   ? A GLU 103 ? A GLU 259 ? 1_555 CA ? D CA . ? A CA 302 ? 1_555 O   ? E HOH .   ? A HOH 449 ? 1_555 75.2  ? 
28 OD1 ? A ASN 104 ? A ASN 260 ? 1_555 CA ? D CA . ? A CA 302 ? 1_555 O   ? E HOH .   ? A HOH 449 ? 1_555 152.5 ? 
29 OE1 ? A GLU 95  ? A GLU 251 ? 1_555 CA ? C CA . ? A CA 301 ? 1_555 OD1 ? A ASN 97  ? A ASN 253 ? 1_555 74.3  ? 
30 OE1 ? A GLU 95  ? A GLU 251 ? 1_555 CA ? C CA . ? A CA 301 ? 1_555 OE1 ? A GLU 103 ? A GLU 259 ? 1_555 145.8 ? 
31 OD1 ? A ASN 97  ? A ASN 253 ? 1_555 CA ? C CA . ? A CA 301 ? 1_555 OE1 ? A GLU 103 ? A GLU 259 ? 1_555 74.5  ? 
32 OE1 ? A GLU 95  ? A GLU 251 ? 1_555 CA ? C CA . ? A CA 301 ? 1_555 OD1 ? A ASN 115 ? A ASN 271 ? 1_555 69.3  ? 
33 OD1 ? A ASN 97  ? A ASN 253 ? 1_555 CA ? C CA . ? A CA 301 ? 1_555 OD1 ? A ASN 115 ? A ASN 271 ? 1_555 141.9 ? 
34 OE1 ? A GLU 103 ? A GLU 259 ? 1_555 CA ? C CA . ? A CA 301 ? 1_555 OD1 ? A ASN 115 ? A ASN 271 ? 1_555 143.4 ? 
35 OE1 ? A GLU 95  ? A GLU 251 ? 1_555 CA ? C CA . ? A CA 301 ? 1_555 O   ? A ASP 116 ? A ASP 272 ? 1_555 127.3 ? 
36 OD1 ? A ASN 97  ? A ASN 253 ? 1_555 CA ? C CA . ? A CA 301 ? 1_555 O   ? A ASP 116 ? A ASP 272 ? 1_555 139.9 ? 
37 OE1 ? A GLU 103 ? A GLU 259 ? 1_555 CA ? C CA . ? A CA 301 ? 1_555 O   ? A ASP 116 ? A ASP 272 ? 1_555 72.5  ? 
38 OD1 ? A ASN 115 ? A ASN 271 ? 1_555 CA ? C CA . ? A CA 301 ? 1_555 O   ? A ASP 116 ? A ASP 272 ? 1_555 74.5  ? 
39 OE1 ? A GLU 95  ? A GLU 251 ? 1_555 CA ? C CA . ? A CA 301 ? 1_555 OD1 ? A ASP 116 ? A ASP 272 ? 1_555 73.7  ? 
40 OD1 ? A ASN 97  ? A ASN 253 ? 1_555 CA ? C CA . ? A CA 301 ? 1_555 OD1 ? A ASP 116 ? A ASP 272 ? 1_555 83.8  ? 
41 OE1 ? A GLU 103 ? A GLU 259 ? 1_555 CA ? C CA . ? A CA 301 ? 1_555 OD1 ? A ASP 116 ? A ASP 272 ? 1_555 89.3  ? 
42 OD1 ? A ASN 115 ? A ASN 271 ? 1_555 CA ? C CA . ? A CA 301 ? 1_555 OD1 ? A ASP 116 ? A ASP 272 ? 1_555 96.3  ? 
43 O   ? A ASP 116 ? A ASP 272 ? 1_555 CA ? C CA . ? A CA 301 ? 1_555 OD1 ? A ASP 116 ? A ASP 272 ? 1_555 73.7  ? 
44 OE1 ? A GLU 95  ? A GLU 251 ? 1_555 CA ? C CA . ? A CA 301 ? 1_555 O3  ? B MAN .   ? B MAN 1   ? 1_555 133.2 ? 
45 OD1 ? A ASN 97  ? A ASN 253 ? 1_555 CA ? C CA . ? A CA 301 ? 1_555 O3  ? B MAN .   ? B MAN 1   ? 1_555 119.9 ? 
46 OE1 ? A GLU 103 ? A GLU 259 ? 1_555 CA ? C CA . ? A CA 301 ? 1_555 O3  ? B MAN .   ? B MAN 1   ? 1_555 75.8  ? 
47 OD1 ? A ASN 115 ? A ASN 271 ? 1_555 CA ? C CA . ? A CA 301 ? 1_555 O3  ? B MAN .   ? B MAN 1   ? 1_555 79.8  ? 
48 O   ? A ASP 116 ? A ASP 272 ? 1_555 CA ? C CA . ? A CA 301 ? 1_555 O3  ? B MAN .   ? B MAN 1   ? 1_555 72.7  ? 
49 OD1 ? A ASP 116 ? A ASP 272 ? 1_555 CA ? C CA . ? A CA 301 ? 1_555 O3  ? B MAN .   ? B MAN 1   ? 1_555 145.9 ? 
50 OE1 ? A GLU 95  ? A GLU 251 ? 1_555 CA ? C CA . ? A CA 301 ? 1_555 O4  ? B MAN .   ? B MAN 1   ? 1_555 75.5  ? 
51 OD1 ? A ASN 97  ? A ASN 253 ? 1_555 CA ? C CA . ? A CA 301 ? 1_555 O4  ? B MAN .   ? B MAN 1   ? 1_555 78.6  ? 
52 OE1 ? A GLU 103 ? A GLU 259 ? 1_555 CA ? C CA . ? A CA 301 ? 1_555 O4  ? B MAN .   ? B MAN 1   ? 1_555 111.5 ? 
53 OD1 ? A ASN 115 ? A ASN 271 ? 1_555 CA ? C CA . ? A CA 301 ? 1_555 O4  ? B MAN .   ? B MAN 1   ? 1_555 81.8  ? 
54 O   ? A ASP 116 ? A ASP 272 ? 1_555 CA ? C CA . ? A CA 301 ? 1_555 O4  ? B MAN .   ? B MAN 1   ? 1_555 135.1 ? 
55 OD1 ? A ASP 116 ? A ASP 272 ? 1_555 CA ? C CA . ? A CA 301 ? 1_555 O4  ? B MAN .   ? B MAN 1   ? 1_555 147.6 ? 
56 O3  ? B MAN .   ? B MAN 1   ? 1_555 CA ? C CA . ? A CA 301 ? 1_555 O4  ? B MAN .   ? B MAN 1   ? 1_555 65.9  ? 
# 
loop_
_pdbx_modification_feature.ordinal 
_pdbx_modification_feature.label_comp_id 
_pdbx_modification_feature.label_asym_id 
_pdbx_modification_feature.label_seq_id 
_pdbx_modification_feature.label_alt_id 
_pdbx_modification_feature.modified_residue_label_comp_id 
_pdbx_modification_feature.modified_residue_label_asym_id 
_pdbx_modification_feature.modified_residue_label_seq_id 
_pdbx_modification_feature.modified_residue_label_alt_id 
_pdbx_modification_feature.auth_comp_id 
_pdbx_modification_feature.auth_asym_id 
_pdbx_modification_feature.auth_seq_id 
_pdbx_modification_feature.PDB_ins_code 
_pdbx_modification_feature.symmetry 
_pdbx_modification_feature.modified_residue_auth_comp_id 
_pdbx_modification_feature.modified_residue_auth_asym_id 
_pdbx_modification_feature.modified_residue_auth_seq_id 
_pdbx_modification_feature.modified_residue_PDB_ins_code 
_pdbx_modification_feature.modified_residue_symmetry 
_pdbx_modification_feature.comp_id_linking_atom 
_pdbx_modification_feature.modified_residue_id_linking_atom 
_pdbx_modification_feature.modified_residue_id 
_pdbx_modification_feature.ref_pcm_id 
_pdbx_modification_feature.ref_comp_id 
_pdbx_modification_feature.type 
_pdbx_modification_feature.category 
1 CYS A 6   ? CYS A 134 ? CYS A 162 ? 1_555 CYS A 290 ? 1_555 SG SG . . . None 'Disulfide bridge' 
2 CYS A 9   ? CYS A 20  ? CYS A 165 ? 1_555 CYS A 176 ? 1_555 SG SG . . . None 'Disulfide bridge' 
3 CYS A 37  ? CYS A 128 ? CYS A 193 ? 1_555 CYS A 284 ? 1_555 SG SG . . . None 'Disulfide bridge' 
4 CYS A 105 ? CYS A 119 ? CYS A 261 ? 1_555 CYS A 275 ? 1_555 SG SG . . . None 'Disulfide bridge' 
# 
_struct_mon_prot_cis.pdbx_id                1 
_struct_mon_prot_cis.label_comp_id          GLU 
_struct_mon_prot_cis.label_seq_id           95 
_struct_mon_prot_cis.label_asym_id          A 
_struct_mon_prot_cis.label_alt_id           . 
_struct_mon_prot_cis.pdbx_PDB_ins_code      ? 
_struct_mon_prot_cis.auth_comp_id           GLU 
_struct_mon_prot_cis.auth_seq_id            251 
_struct_mon_prot_cis.auth_asym_id           A 
_struct_mon_prot_cis.pdbx_label_comp_id_2   PRO 
_struct_mon_prot_cis.pdbx_label_seq_id_2    96 
_struct_mon_prot_cis.pdbx_label_asym_id_2   A 
_struct_mon_prot_cis.pdbx_PDB_ins_code_2    ? 
_struct_mon_prot_cis.pdbx_auth_comp_id_2    PRO 
_struct_mon_prot_cis.pdbx_auth_seq_id_2     252 
_struct_mon_prot_cis.pdbx_auth_asym_id_2    A 
_struct_mon_prot_cis.pdbx_PDB_model_num     1 
_struct_mon_prot_cis.pdbx_omega_angle       -5.83 
# 
loop_
_struct_sheet.id 
_struct_sheet.type 
_struct_sheet.number_strands 
_struct_sheet.details 
AA1 ? 5 ? 
AA2 ? 5 ? 
# 
loop_
_struct_sheet_order.sheet_id 
_struct_sheet_order.range_id_1 
_struct_sheet_order.range_id_2 
_struct_sheet_order.offset 
_struct_sheet_order.sense 
AA1 1 2 ? anti-parallel 
AA1 2 3 ? anti-parallel 
AA1 3 4 ? parallel      
AA1 4 5 ? anti-parallel 
AA2 1 2 ? anti-parallel 
AA2 2 3 ? parallel      
AA2 3 4 ? anti-parallel 
AA2 4 5 ? anti-parallel 
# 
loop_
_struct_sheet_range.sheet_id 
_struct_sheet_range.id 
_struct_sheet_range.beg_label_comp_id 
_struct_sheet_range.beg_label_asym_id 
_struct_sheet_range.beg_label_seq_id 
_struct_sheet_range.pdbx_beg_PDB_ins_code 
_struct_sheet_range.end_label_comp_id 
_struct_sheet_range.end_label_asym_id 
_struct_sheet_range.end_label_seq_id 
_struct_sheet_range.pdbx_end_PDB_ins_code 
_struct_sheet_range.beg_auth_comp_id 
_struct_sheet_range.beg_auth_asym_id 
_struct_sheet_range.beg_auth_seq_id 
_struct_sheet_range.end_auth_comp_id 
_struct_sheet_range.end_auth_asym_id 
_struct_sheet_range.end_auth_seq_id 
AA1 1 ILE A 14  ? PHE A 16  ? ILE A 170 PHE A 172 
AA1 2 LYS A 19  ? LYS A 28  ? LYS A 175 LYS A 184 
AA1 3 LEU A 123 ? LEU A 131 ? LEU A 279 LEU A 287 
AA1 4 SER A 65  ? ILE A 74  ? SER A 221 ILE A 230 
AA1 5 GLU A 77  ? TRP A 80  ? GLU A 233 TRP A 236 
AA2 1 ARG A 43  ? LEU A 44  ? ARG A 199 LEU A 200 
AA2 2 LEU A 123 ? LEU A 131 ? LEU A 279 LEU A 287 
AA2 3 SER A 65  ? ILE A 74  ? SER A 221 ILE A 230 
AA2 4 CYS A 105 ? MET A 108 ? CYS A 261 MET A 264 
AA2 5 TRP A 114 ? ALA A 117 ? TRP A 270 ALA A 273 
# 
loop_
_pdbx_struct_sheet_hbond.sheet_id 
_pdbx_struct_sheet_hbond.range_id_1 
_pdbx_struct_sheet_hbond.range_id_2 
_pdbx_struct_sheet_hbond.range_1_label_atom_id 
_pdbx_struct_sheet_hbond.range_1_label_comp_id 
_pdbx_struct_sheet_hbond.range_1_label_asym_id 
_pdbx_struct_sheet_hbond.range_1_label_seq_id 
_pdbx_struct_sheet_hbond.range_1_PDB_ins_code 
_pdbx_struct_sheet_hbond.range_1_auth_atom_id 
_pdbx_struct_sheet_hbond.range_1_auth_comp_id 
_pdbx_struct_sheet_hbond.range_1_auth_asym_id 
_pdbx_struct_sheet_hbond.range_1_auth_seq_id 
_pdbx_struct_sheet_hbond.range_2_label_atom_id 
_pdbx_struct_sheet_hbond.range_2_label_comp_id 
_pdbx_struct_sheet_hbond.range_2_label_asym_id 
_pdbx_struct_sheet_hbond.range_2_label_seq_id 
_pdbx_struct_sheet_hbond.range_2_PDB_ins_code 
_pdbx_struct_sheet_hbond.range_2_auth_atom_id 
_pdbx_struct_sheet_hbond.range_2_auth_comp_id 
_pdbx_struct_sheet_hbond.range_2_auth_asym_id 
_pdbx_struct_sheet_hbond.range_2_auth_seq_id 
AA1 1 2 N PHE A 16  ? N PHE A 172 O LYS A 19  ? O LYS A 175 
AA1 2 3 N CYS A 20  ? N CYS A 176 O ARG A 130 ? O ARG A 286 
AA1 3 4 O GLY A 125 ? O GLY A 281 N TRP A 66  ? N TRP A 222 
AA1 4 5 N ARG A 70  ? N ARG A 226 O ILE A 79  ? O ILE A 235 
AA2 1 2 N ARG A 43  ? N ARG A 199 O ASP A 129 ? O ASP A 285 
AA2 2 3 O GLY A 125 ? O GLY A 281 N TRP A 66  ? N TRP A 222 
AA2 3 4 N SER A 65  ? N SER A 221 O MET A 108 ? O MET A 264 
AA2 4 5 N CYS A 105 ? N CYS A 261 O ALA A 117 ? O ALA A 273 
# 
_pdbx_entry_details.entry_id                   6PWR 
_pdbx_entry_details.has_ligand_of_interest     N 
_pdbx_entry_details.compound_details           ? 
_pdbx_entry_details.source_details             ? 
_pdbx_entry_details.nonpolymer_details         ? 
_pdbx_entry_details.sequence_details           'Residue numbering based on NCBI Reference Sequence: XP_002688905.2' 
_pdbx_entry_details.has_protein_modification   Y 
# 
_pdbx_validate_symm_contact.id                1 
_pdbx_validate_symm_contact.PDB_model_num     1 
_pdbx_validate_symm_contact.auth_atom_id_1    O 
_pdbx_validate_symm_contact.auth_asym_id_1    A 
_pdbx_validate_symm_contact.auth_comp_id_1    HOH 
_pdbx_validate_symm_contact.auth_seq_id_1     544 
_pdbx_validate_symm_contact.PDB_ins_code_1    ? 
_pdbx_validate_symm_contact.label_alt_id_1    ? 
_pdbx_validate_symm_contact.site_symmetry_1   1_555 
_pdbx_validate_symm_contact.auth_atom_id_2    O 
_pdbx_validate_symm_contact.auth_asym_id_2    A 
_pdbx_validate_symm_contact.auth_comp_id_2    HOH 
_pdbx_validate_symm_contact.auth_seq_id_2     594 
_pdbx_validate_symm_contact.PDB_ins_code_2    ? 
_pdbx_validate_symm_contact.label_alt_id_2    ? 
_pdbx_validate_symm_contact.site_symmetry_2   1_655 
_pdbx_validate_symm_contact.dist              2.19 
# 
loop_
_pdbx_validate_torsion.id 
_pdbx_validate_torsion.PDB_model_num 
_pdbx_validate_torsion.auth_comp_id 
_pdbx_validate_torsion.auth_asym_id 
_pdbx_validate_torsion.auth_seq_id 
_pdbx_validate_torsion.PDB_ins_code 
_pdbx_validate_torsion.label_alt_id 
_pdbx_validate_torsion.phi 
_pdbx_validate_torsion.psi 
1 1 ALA A 168 ? ? 79.85 -6.58 
2 1 HIS A 197 ? ? 72.05 30.11 
# 
loop_
_pdbx_unobs_or_zero_occ_residues.id 
_pdbx_unobs_or_zero_occ_residues.PDB_model_num 
_pdbx_unobs_or_zero_occ_residues.polymer_flag 
_pdbx_unobs_or_zero_occ_residues.occupancy_flag 
_pdbx_unobs_or_zero_occ_residues.auth_asym_id 
_pdbx_unobs_or_zero_occ_residues.auth_comp_id 
_pdbx_unobs_or_zero_occ_residues.auth_seq_id 
_pdbx_unobs_or_zero_occ_residues.PDB_ins_code 
_pdbx_unobs_or_zero_occ_residues.label_asym_id 
_pdbx_unobs_or_zero_occ_residues.label_comp_id 
_pdbx_unobs_or_zero_occ_residues.label_seq_id 
1 1 Y 1 A ALA 157 ? A ALA 1 
2 1 Y 1 A ASN 158 ? A ASN 2 
3 1 Y 1 A GLY 159 ? A GLY 3 
4 1 Y 1 A SER 160 ? A SER 4 
5 1 Y 1 A VAL 161 ? A VAL 5 
# 
loop_
_chem_comp_atom.comp_id 
_chem_comp_atom.atom_id 
_chem_comp_atom.type_symbol 
_chem_comp_atom.pdbx_aromatic_flag 
_chem_comp_atom.pdbx_stereo_config 
_chem_comp_atom.pdbx_ordinal 
ALA N    N  N N 1   
ALA CA   C  N S 2   
ALA C    C  N N 3   
ALA O    O  N N 4   
ALA CB   C  N N 5   
ALA OXT  O  N N 6   
ALA H    H  N N 7   
ALA H2   H  N N 8   
ALA HA   H  N N 9   
ALA HB1  H  N N 10  
ALA HB2  H  N N 11  
ALA HB3  H  N N 12  
ALA HXT  H  N N 13  
ARG N    N  N N 14  
ARG CA   C  N S 15  
ARG C    C  N N 16  
ARG O    O  N N 17  
ARG CB   C  N N 18  
ARG CG   C  N N 19  
ARG CD   C  N N 20  
ARG NE   N  N N 21  
ARG CZ   C  N N 22  
ARG NH1  N  N N 23  
ARG NH2  N  N N 24  
ARG OXT  O  N N 25  
ARG H    H  N N 26  
ARG H2   H  N N 27  
ARG HA   H  N N 28  
ARG HB2  H  N N 29  
ARG HB3  H  N N 30  
ARG HG2  H  N N 31  
ARG HG3  H  N N 32  
ARG HD2  H  N N 33  
ARG HD3  H  N N 34  
ARG HE   H  N N 35  
ARG HH11 H  N N 36  
ARG HH12 H  N N 37  
ARG HH21 H  N N 38  
ARG HH22 H  N N 39  
ARG HXT  H  N N 40  
ASN N    N  N N 41  
ASN CA   C  N S 42  
ASN C    C  N N 43  
ASN O    O  N N 44  
ASN CB   C  N N 45  
ASN CG   C  N N 46  
ASN OD1  O  N N 47  
ASN ND2  N  N N 48  
ASN OXT  O  N N 49  
ASN H    H  N N 50  
ASN H2   H  N N 51  
ASN HA   H  N N 52  
ASN HB2  H  N N 53  
ASN HB3  H  N N 54  
ASN HD21 H  N N 55  
ASN HD22 H  N N 56  
ASN HXT  H  N N 57  
ASP N    N  N N 58  
ASP CA   C  N S 59  
ASP C    C  N N 60  
ASP O    O  N N 61  
ASP CB   C  N N 62  
ASP CG   C  N N 63  
ASP OD1  O  N N 64  
ASP OD2  O  N N 65  
ASP OXT  O  N N 66  
ASP H    H  N N 67  
ASP H2   H  N N 68  
ASP HA   H  N N 69  
ASP HB2  H  N N 70  
ASP HB3  H  N N 71  
ASP HD2  H  N N 72  
ASP HXT  H  N N 73  
CA  CA   CA N N 74  
CYS N    N  N N 75  
CYS CA   C  N R 76  
CYS C    C  N N 77  
CYS O    O  N N 78  
CYS CB   C  N N 79  
CYS SG   S  N N 80  
CYS OXT  O  N N 81  
CYS H    H  N N 82  
CYS H2   H  N N 83  
CYS HA   H  N N 84  
CYS HB2  H  N N 85  
CYS HB3  H  N N 86  
CYS HG   H  N N 87  
CYS HXT  H  N N 88  
GLN N    N  N N 89  
GLN CA   C  N S 90  
GLN C    C  N N 91  
GLN O    O  N N 92  
GLN CB   C  N N 93  
GLN CG   C  N N 94  
GLN CD   C  N N 95  
GLN OE1  O  N N 96  
GLN NE2  N  N N 97  
GLN OXT  O  N N 98  
GLN H    H  N N 99  
GLN H2   H  N N 100 
GLN HA   H  N N 101 
GLN HB2  H  N N 102 
GLN HB3  H  N N 103 
GLN HG2  H  N N 104 
GLN HG3  H  N N 105 
GLN HE21 H  N N 106 
GLN HE22 H  N N 107 
GLN HXT  H  N N 108 
GLU N    N  N N 109 
GLU CA   C  N S 110 
GLU C    C  N N 111 
GLU O    O  N N 112 
GLU CB   C  N N 113 
GLU CG   C  N N 114 
GLU CD   C  N N 115 
GLU OE1  O  N N 116 
GLU OE2  O  N N 117 
GLU OXT  O  N N 118 
GLU H    H  N N 119 
GLU H2   H  N N 120 
GLU HA   H  N N 121 
GLU HB2  H  N N 122 
GLU HB3  H  N N 123 
GLU HG2  H  N N 124 
GLU HG3  H  N N 125 
GLU HE2  H  N N 126 
GLU HXT  H  N N 127 
GLY N    N  N N 128 
GLY CA   C  N N 129 
GLY C    C  N N 130 
GLY O    O  N N 131 
GLY OXT  O  N N 132 
GLY H    H  N N 133 
GLY H2   H  N N 134 
GLY HA2  H  N N 135 
GLY HA3  H  N N 136 
GLY HXT  H  N N 137 
HIS N    N  N N 138 
HIS CA   C  N S 139 
HIS C    C  N N 140 
HIS O    O  N N 141 
HIS CB   C  N N 142 
HIS CG   C  Y N 143 
HIS ND1  N  Y N 144 
HIS CD2  C  Y N 145 
HIS CE1  C  Y N 146 
HIS NE2  N  Y N 147 
HIS OXT  O  N N 148 
HIS H    H  N N 149 
HIS H2   H  N N 150 
HIS HA   H  N N 151 
HIS HB2  H  N N 152 
HIS HB3  H  N N 153 
HIS HD1  H  N N 154 
HIS HD2  H  N N 155 
HIS HE1  H  N N 156 
HIS HE2  H  N N 157 
HIS HXT  H  N N 158 
HOH O    O  N N 159 
HOH H1   H  N N 160 
HOH H2   H  N N 161 
ILE N    N  N N 162 
ILE CA   C  N S 163 
ILE C    C  N N 164 
ILE O    O  N N 165 
ILE CB   C  N S 166 
ILE CG1  C  N N 167 
ILE CG2  C  N N 168 
ILE CD1  C  N N 169 
ILE OXT  O  N N 170 
ILE H    H  N N 171 
ILE H2   H  N N 172 
ILE HA   H  N N 173 
ILE HB   H  N N 174 
ILE HG12 H  N N 175 
ILE HG13 H  N N 176 
ILE HG21 H  N N 177 
ILE HG22 H  N N 178 
ILE HG23 H  N N 179 
ILE HD11 H  N N 180 
ILE HD12 H  N N 181 
ILE HD13 H  N N 182 
ILE HXT  H  N N 183 
LEU N    N  N N 184 
LEU CA   C  N S 185 
LEU C    C  N N 186 
LEU O    O  N N 187 
LEU CB   C  N N 188 
LEU CG   C  N N 189 
LEU CD1  C  N N 190 
LEU CD2  C  N N 191 
LEU OXT  O  N N 192 
LEU H    H  N N 193 
LEU H2   H  N N 194 
LEU HA   H  N N 195 
LEU HB2  H  N N 196 
LEU HB3  H  N N 197 
LEU HG   H  N N 198 
LEU HD11 H  N N 199 
LEU HD12 H  N N 200 
LEU HD13 H  N N 201 
LEU HD21 H  N N 202 
LEU HD22 H  N N 203 
LEU HD23 H  N N 204 
LEU HXT  H  N N 205 
LYS N    N  N N 206 
LYS CA   C  N S 207 
LYS C    C  N N 208 
LYS O    O  N N 209 
LYS CB   C  N N 210 
LYS CG   C  N N 211 
LYS CD   C  N N 212 
LYS CE   C  N N 213 
LYS NZ   N  N N 214 
LYS OXT  O  N N 215 
LYS H    H  N N 216 
LYS H2   H  N N 217 
LYS HA   H  N N 218 
LYS HB2  H  N N 219 
LYS HB3  H  N N 220 
LYS HG2  H  N N 221 
LYS HG3  H  N N 222 
LYS HD2  H  N N 223 
LYS HD3  H  N N 224 
LYS HE2  H  N N 225 
LYS HE3  H  N N 226 
LYS HZ1  H  N N 227 
LYS HZ2  H  N N 228 
LYS HZ3  H  N N 229 
LYS HXT  H  N N 230 
MAN C1   C  N S 231 
MAN C2   C  N S 232 
MAN C3   C  N S 233 
MAN C4   C  N S 234 
MAN C5   C  N R 235 
MAN C6   C  N N 236 
MAN O1   O  N N 237 
MAN O2   O  N N 238 
MAN O3   O  N N 239 
MAN O4   O  N N 240 
MAN O5   O  N N 241 
MAN O6   O  N N 242 
MAN H1   H  N N 243 
MAN H2   H  N N 244 
MAN H3   H  N N 245 
MAN H4   H  N N 246 
MAN H5   H  N N 247 
MAN H61  H  N N 248 
MAN H62  H  N N 249 
MAN HO1  H  N N 250 
MAN HO2  H  N N 251 
MAN HO3  H  N N 252 
MAN HO4  H  N N 253 
MAN HO6  H  N N 254 
MET N    N  N N 255 
MET CA   C  N S 256 
MET C    C  N N 257 
MET O    O  N N 258 
MET CB   C  N N 259 
MET CG   C  N N 260 
MET SD   S  N N 261 
MET CE   C  N N 262 
MET OXT  O  N N 263 
MET H    H  N N 264 
MET H2   H  N N 265 
MET HA   H  N N 266 
MET HB2  H  N N 267 
MET HB3  H  N N 268 
MET HG2  H  N N 269 
MET HG3  H  N N 270 
MET HE1  H  N N 271 
MET HE2  H  N N 272 
MET HE3  H  N N 273 
MET HXT  H  N N 274 
NAG C1   C  N R 275 
NAG C2   C  N R 276 
NAG C3   C  N R 277 
NAG C4   C  N S 278 
NAG C5   C  N R 279 
NAG C6   C  N N 280 
NAG C7   C  N N 281 
NAG C8   C  N N 282 
NAG N2   N  N N 283 
NAG O1   O  N N 284 
NAG O3   O  N N 285 
NAG O4   O  N N 286 
NAG O5   O  N N 287 
NAG O6   O  N N 288 
NAG O7   O  N N 289 
NAG H1   H  N N 290 
NAG H2   H  N N 291 
NAG H3   H  N N 292 
NAG H4   H  N N 293 
NAG H5   H  N N 294 
NAG H61  H  N N 295 
NAG H62  H  N N 296 
NAG H81  H  N N 297 
NAG H82  H  N N 298 
NAG H83  H  N N 299 
NAG HN2  H  N N 300 
NAG HO1  H  N N 301 
NAG HO3  H  N N 302 
NAG HO4  H  N N 303 
NAG HO6  H  N N 304 
PHE N    N  N N 305 
PHE CA   C  N S 306 
PHE C    C  N N 307 
PHE O    O  N N 308 
PHE CB   C  N N 309 
PHE CG   C  Y N 310 
PHE CD1  C  Y N 311 
PHE CD2  C  Y N 312 
PHE CE1  C  Y N 313 
PHE CE2  C  Y N 314 
PHE CZ   C  Y N 315 
PHE OXT  O  N N 316 
PHE H    H  N N 317 
PHE H2   H  N N 318 
PHE HA   H  N N 319 
PHE HB2  H  N N 320 
PHE HB3  H  N N 321 
PHE HD1  H  N N 322 
PHE HD2  H  N N 323 
PHE HE1  H  N N 324 
PHE HE2  H  N N 325 
PHE HZ   H  N N 326 
PHE HXT  H  N N 327 
PRO N    N  N N 328 
PRO CA   C  N S 329 
PRO C    C  N N 330 
PRO O    O  N N 331 
PRO CB   C  N N 332 
PRO CG   C  N N 333 
PRO CD   C  N N 334 
PRO OXT  O  N N 335 
PRO H    H  N N 336 
PRO HA   H  N N 337 
PRO HB2  H  N N 338 
PRO HB3  H  N N 339 
PRO HG2  H  N N 340 
PRO HG3  H  N N 341 
PRO HD2  H  N N 342 
PRO HD3  H  N N 343 
PRO HXT  H  N N 344 
SER N    N  N N 345 
SER CA   C  N S 346 
SER C    C  N N 347 
SER O    O  N N 348 
SER CB   C  N N 349 
SER OG   O  N N 350 
SER OXT  O  N N 351 
SER H    H  N N 352 
SER H2   H  N N 353 
SER HA   H  N N 354 
SER HB2  H  N N 355 
SER HB3  H  N N 356 
SER HG   H  N N 357 
SER HXT  H  N N 358 
THR N    N  N N 359 
THR CA   C  N S 360 
THR C    C  N N 361 
THR O    O  N N 362 
THR CB   C  N R 363 
THR OG1  O  N N 364 
THR CG2  C  N N 365 
THR OXT  O  N N 366 
THR H    H  N N 367 
THR H2   H  N N 368 
THR HA   H  N N 369 
THR HB   H  N N 370 
THR HG1  H  N N 371 
THR HG21 H  N N 372 
THR HG22 H  N N 373 
THR HG23 H  N N 374 
THR HXT  H  N N 375 
TRP N    N  N N 376 
TRP CA   C  N S 377 
TRP C    C  N N 378 
TRP O    O  N N 379 
TRP CB   C  N N 380 
TRP CG   C  Y N 381 
TRP CD1  C  Y N 382 
TRP CD2  C  Y N 383 
TRP NE1  N  Y N 384 
TRP CE2  C  Y N 385 
TRP CE3  C  Y N 386 
TRP CZ2  C  Y N 387 
TRP CZ3  C  Y N 388 
TRP CH2  C  Y N 389 
TRP OXT  O  N N 390 
TRP H    H  N N 391 
TRP H2   H  N N 392 
TRP HA   H  N N 393 
TRP HB2  H  N N 394 
TRP HB3  H  N N 395 
TRP HD1  H  N N 396 
TRP HE1  H  N N 397 
TRP HE3  H  N N 398 
TRP HZ2  H  N N 399 
TRP HZ3  H  N N 400 
TRP HH2  H  N N 401 
TRP HXT  H  N N 402 
TYR N    N  N N 403 
TYR CA   C  N S 404 
TYR C    C  N N 405 
TYR O    O  N N 406 
TYR CB   C  N N 407 
TYR CG   C  Y N 408 
TYR CD1  C  Y N 409 
TYR CD2  C  Y N 410 
TYR CE1  C  Y N 411 
TYR CE2  C  Y N 412 
TYR CZ   C  Y N 413 
TYR OH   O  N N 414 
TYR OXT  O  N N 415 
TYR H    H  N N 416 
TYR H2   H  N N 417 
TYR HA   H  N N 418 
TYR HB2  H  N N 419 
TYR HB3  H  N N 420 
TYR HD1  H  N N 421 
TYR HD2  H  N N 422 
TYR HE1  H  N N 423 
TYR HE2  H  N N 424 
TYR HH   H  N N 425 
TYR HXT  H  N N 426 
VAL N    N  N N 427 
VAL CA   C  N S 428 
VAL C    C  N N 429 
VAL O    O  N N 430 
VAL CB   C  N N 431 
VAL CG1  C  N N 432 
VAL CG2  C  N N 433 
VAL OXT  O  N N 434 
VAL H    H  N N 435 
VAL H2   H  N N 436 
VAL HA   H  N N 437 
VAL HB   H  N N 438 
VAL HG11 H  N N 439 
VAL HG12 H  N N 440 
VAL HG13 H  N N 441 
VAL HG21 H  N N 442 
VAL HG22 H  N N 443 
VAL HG23 H  N N 444 
VAL HXT  H  N N 445 
# 
loop_
_chem_comp_bond.comp_id 
_chem_comp_bond.atom_id_1 
_chem_comp_bond.atom_id_2 
_chem_comp_bond.value_order 
_chem_comp_bond.pdbx_aromatic_flag 
_chem_comp_bond.pdbx_stereo_config 
_chem_comp_bond.pdbx_ordinal 
ALA N   CA   sing N N 1   
ALA N   H    sing N N 2   
ALA N   H2   sing N N 3   
ALA CA  C    sing N N 4   
ALA CA  CB   sing N N 5   
ALA CA  HA   sing N N 6   
ALA C   O    doub N N 7   
ALA C   OXT  sing N N 8   
ALA CB  HB1  sing N N 9   
ALA CB  HB2  sing N N 10  
ALA CB  HB3  sing N N 11  
ALA OXT HXT  sing N N 12  
ARG N   CA   sing N N 13  
ARG N   H    sing N N 14  
ARG N   H2   sing N N 15  
ARG CA  C    sing N N 16  
ARG CA  CB   sing N N 17  
ARG CA  HA   sing N N 18  
ARG C   O    doub N N 19  
ARG C   OXT  sing N N 20  
ARG CB  CG   sing N N 21  
ARG CB  HB2  sing N N 22  
ARG CB  HB3  sing N N 23  
ARG CG  CD   sing N N 24  
ARG CG  HG2  sing N N 25  
ARG CG  HG3  sing N N 26  
ARG CD  NE   sing N N 27  
ARG CD  HD2  sing N N 28  
ARG CD  HD3  sing N N 29  
ARG NE  CZ   sing N N 30  
ARG NE  HE   sing N N 31  
ARG CZ  NH1  sing N N 32  
ARG CZ  NH2  doub N N 33  
ARG NH1 HH11 sing N N 34  
ARG NH1 HH12 sing N N 35  
ARG NH2 HH21 sing N N 36  
ARG NH2 HH22 sing N N 37  
ARG OXT HXT  sing N N 38  
ASN N   CA   sing N N 39  
ASN N   H    sing N N 40  
ASN N   H2   sing N N 41  
ASN CA  C    sing N N 42  
ASN CA  CB   sing N N 43  
ASN CA  HA   sing N N 44  
ASN C   O    doub N N 45  
ASN C   OXT  sing N N 46  
ASN CB  CG   sing N N 47  
ASN CB  HB2  sing N N 48  
ASN CB  HB3  sing N N 49  
ASN CG  OD1  doub N N 50  
ASN CG  ND2  sing N N 51  
ASN ND2 HD21 sing N N 52  
ASN ND2 HD22 sing N N 53  
ASN OXT HXT  sing N N 54  
ASP N   CA   sing N N 55  
ASP N   H    sing N N 56  
ASP N   H2   sing N N 57  
ASP CA  C    sing N N 58  
ASP CA  CB   sing N N 59  
ASP CA  HA   sing N N 60  
ASP C   O    doub N N 61  
ASP C   OXT  sing N N 62  
ASP CB  CG   sing N N 63  
ASP CB  HB2  sing N N 64  
ASP CB  HB3  sing N N 65  
ASP CG  OD1  doub N N 66  
ASP CG  OD2  sing N N 67  
ASP OD2 HD2  sing N N 68  
ASP OXT HXT  sing N N 69  
CYS N   CA   sing N N 70  
CYS N   H    sing N N 71  
CYS N   H2   sing N N 72  
CYS CA  C    sing N N 73  
CYS CA  CB   sing N N 74  
CYS CA  HA   sing N N 75  
CYS C   O    doub N N 76  
CYS C   OXT  sing N N 77  
CYS CB  SG   sing N N 78  
CYS CB  HB2  sing N N 79  
CYS CB  HB3  sing N N 80  
CYS SG  HG   sing N N 81  
CYS OXT HXT  sing N N 82  
GLN N   CA   sing N N 83  
GLN N   H    sing N N 84  
GLN N   H2   sing N N 85  
GLN CA  C    sing N N 86  
GLN CA  CB   sing N N 87  
GLN CA  HA   sing N N 88  
GLN C   O    doub N N 89  
GLN C   OXT  sing N N 90  
GLN CB  CG   sing N N 91  
GLN CB  HB2  sing N N 92  
GLN CB  HB3  sing N N 93  
GLN CG  CD   sing N N 94  
GLN CG  HG2  sing N N 95  
GLN CG  HG3  sing N N 96  
GLN CD  OE1  doub N N 97  
GLN CD  NE2  sing N N 98  
GLN NE2 HE21 sing N N 99  
GLN NE2 HE22 sing N N 100 
GLN OXT HXT  sing N N 101 
GLU N   CA   sing N N 102 
GLU N   H    sing N N 103 
GLU N   H2   sing N N 104 
GLU CA  C    sing N N 105 
GLU CA  CB   sing N N 106 
GLU CA  HA   sing N N 107 
GLU C   O    doub N N 108 
GLU C   OXT  sing N N 109 
GLU CB  CG   sing N N 110 
GLU CB  HB2  sing N N 111 
GLU CB  HB3  sing N N 112 
GLU CG  CD   sing N N 113 
GLU CG  HG2  sing N N 114 
GLU CG  HG3  sing N N 115 
GLU CD  OE1  doub N N 116 
GLU CD  OE2  sing N N 117 
GLU OE2 HE2  sing N N 118 
GLU OXT HXT  sing N N 119 
GLY N   CA   sing N N 120 
GLY N   H    sing N N 121 
GLY N   H2   sing N N 122 
GLY CA  C    sing N N 123 
GLY CA  HA2  sing N N 124 
GLY CA  HA3  sing N N 125 
GLY C   O    doub N N 126 
GLY C   OXT  sing N N 127 
GLY OXT HXT  sing N N 128 
HIS N   CA   sing N N 129 
HIS N   H    sing N N 130 
HIS N   H2   sing N N 131 
HIS CA  C    sing N N 132 
HIS CA  CB   sing N N 133 
HIS CA  HA   sing N N 134 
HIS C   O    doub N N 135 
HIS C   OXT  sing N N 136 
HIS CB  CG   sing N N 137 
HIS CB  HB2  sing N N 138 
HIS CB  HB3  sing N N 139 
HIS CG  ND1  sing Y N 140 
HIS CG  CD2  doub Y N 141 
HIS ND1 CE1  doub Y N 142 
HIS ND1 HD1  sing N N 143 
HIS CD2 NE2  sing Y N 144 
HIS CD2 HD2  sing N N 145 
HIS CE1 NE2  sing Y N 146 
HIS CE1 HE1  sing N N 147 
HIS NE2 HE2  sing N N 148 
HIS OXT HXT  sing N N 149 
HOH O   H1   sing N N 150 
HOH O   H2   sing N N 151 
ILE N   CA   sing N N 152 
ILE N   H    sing N N 153 
ILE N   H2   sing N N 154 
ILE CA  C    sing N N 155 
ILE CA  CB   sing N N 156 
ILE CA  HA   sing N N 157 
ILE C   O    doub N N 158 
ILE C   OXT  sing N N 159 
ILE CB  CG1  sing N N 160 
ILE CB  CG2  sing N N 161 
ILE CB  HB   sing N N 162 
ILE CG1 CD1  sing N N 163 
ILE CG1 HG12 sing N N 164 
ILE CG1 HG13 sing N N 165 
ILE CG2 HG21 sing N N 166 
ILE CG2 HG22 sing N N 167 
ILE CG2 HG23 sing N N 168 
ILE CD1 HD11 sing N N 169 
ILE CD1 HD12 sing N N 170 
ILE CD1 HD13 sing N N 171 
ILE OXT HXT  sing N N 172 
LEU N   CA   sing N N 173 
LEU N   H    sing N N 174 
LEU N   H2   sing N N 175 
LEU CA  C    sing N N 176 
LEU CA  CB   sing N N 177 
LEU CA  HA   sing N N 178 
LEU C   O    doub N N 179 
LEU C   OXT  sing N N 180 
LEU CB  CG   sing N N 181 
LEU CB  HB2  sing N N 182 
LEU CB  HB3  sing N N 183 
LEU CG  CD1  sing N N 184 
LEU CG  CD2  sing N N 185 
LEU CG  HG   sing N N 186 
LEU CD1 HD11 sing N N 187 
LEU CD1 HD12 sing N N 188 
LEU CD1 HD13 sing N N 189 
LEU CD2 HD21 sing N N 190 
LEU CD2 HD22 sing N N 191 
LEU CD2 HD23 sing N N 192 
LEU OXT HXT  sing N N 193 
LYS N   CA   sing N N 194 
LYS N   H    sing N N 195 
LYS N   H2   sing N N 196 
LYS CA  C    sing N N 197 
LYS CA  CB   sing N N 198 
LYS CA  HA   sing N N 199 
LYS C   O    doub N N 200 
LYS C   OXT  sing N N 201 
LYS CB  CG   sing N N 202 
LYS CB  HB2  sing N N 203 
LYS CB  HB3  sing N N 204 
LYS CG  CD   sing N N 205 
LYS CG  HG2  sing N N 206 
LYS CG  HG3  sing N N 207 
LYS CD  CE   sing N N 208 
LYS CD  HD2  sing N N 209 
LYS CD  HD3  sing N N 210 
LYS CE  NZ   sing N N 211 
LYS CE  HE2  sing N N 212 
LYS CE  HE3  sing N N 213 
LYS NZ  HZ1  sing N N 214 
LYS NZ  HZ2  sing N N 215 
LYS NZ  HZ3  sing N N 216 
LYS OXT HXT  sing N N 217 
MAN C1  C2   sing N N 218 
MAN C1  O1   sing N N 219 
MAN C1  O5   sing N N 220 
MAN C1  H1   sing N N 221 
MAN C2  C3   sing N N 222 
MAN C2  O2   sing N N 223 
MAN C2  H2   sing N N 224 
MAN C3  C4   sing N N 225 
MAN C3  O3   sing N N 226 
MAN C3  H3   sing N N 227 
MAN C4  C5   sing N N 228 
MAN C4  O4   sing N N 229 
MAN C4  H4   sing N N 230 
MAN C5  C6   sing N N 231 
MAN C5  O5   sing N N 232 
MAN C5  H5   sing N N 233 
MAN C6  O6   sing N N 234 
MAN C6  H61  sing N N 235 
MAN C6  H62  sing N N 236 
MAN O1  HO1  sing N N 237 
MAN O2  HO2  sing N N 238 
MAN O3  HO3  sing N N 239 
MAN O4  HO4  sing N N 240 
MAN O6  HO6  sing N N 241 
MET N   CA   sing N N 242 
MET N   H    sing N N 243 
MET N   H2   sing N N 244 
MET CA  C    sing N N 245 
MET CA  CB   sing N N 246 
MET CA  HA   sing N N 247 
MET C   O    doub N N 248 
MET C   OXT  sing N N 249 
MET CB  CG   sing N N 250 
MET CB  HB2  sing N N 251 
MET CB  HB3  sing N N 252 
MET CG  SD   sing N N 253 
MET CG  HG2  sing N N 254 
MET CG  HG3  sing N N 255 
MET SD  CE   sing N N 256 
MET CE  HE1  sing N N 257 
MET CE  HE2  sing N N 258 
MET CE  HE3  sing N N 259 
MET OXT HXT  sing N N 260 
NAG C1  C2   sing N N 261 
NAG C1  O1   sing N N 262 
NAG C1  O5   sing N N 263 
NAG C1  H1   sing N N 264 
NAG C2  C3   sing N N 265 
NAG C2  N2   sing N N 266 
NAG C2  H2   sing N N 267 
NAG C3  C4   sing N N 268 
NAG C3  O3   sing N N 269 
NAG C3  H3   sing N N 270 
NAG C4  C5   sing N N 271 
NAG C4  O4   sing N N 272 
NAG C4  H4   sing N N 273 
NAG C5  C6   sing N N 274 
NAG C5  O5   sing N N 275 
NAG C5  H5   sing N N 276 
NAG C6  O6   sing N N 277 
NAG C6  H61  sing N N 278 
NAG C6  H62  sing N N 279 
NAG C7  C8   sing N N 280 
NAG C7  N2   sing N N 281 
NAG C7  O7   doub N N 282 
NAG C8  H81  sing N N 283 
NAG C8  H82  sing N N 284 
NAG C8  H83  sing N N 285 
NAG N2  HN2  sing N N 286 
NAG O1  HO1  sing N N 287 
NAG O3  HO3  sing N N 288 
NAG O4  HO4  sing N N 289 
NAG O6  HO6  sing N N 290 
PHE N   CA   sing N N 291 
PHE N   H    sing N N 292 
PHE N   H2   sing N N 293 
PHE CA  C    sing N N 294 
PHE CA  CB   sing N N 295 
PHE CA  HA   sing N N 296 
PHE C   O    doub N N 297 
PHE C   OXT  sing N N 298 
PHE CB  CG   sing N N 299 
PHE CB  HB2  sing N N 300 
PHE CB  HB3  sing N N 301 
PHE CG  CD1  doub Y N 302 
PHE CG  CD2  sing Y N 303 
PHE CD1 CE1  sing Y N 304 
PHE CD1 HD1  sing N N 305 
PHE CD2 CE2  doub Y N 306 
PHE CD2 HD2  sing N N 307 
PHE CE1 CZ   doub Y N 308 
PHE CE1 HE1  sing N N 309 
PHE CE2 CZ   sing Y N 310 
PHE CE2 HE2  sing N N 311 
PHE CZ  HZ   sing N N 312 
PHE OXT HXT  sing N N 313 
PRO N   CA   sing N N 314 
PRO N   CD   sing N N 315 
PRO N   H    sing N N 316 
PRO CA  C    sing N N 317 
PRO CA  CB   sing N N 318 
PRO CA  HA   sing N N 319 
PRO C   O    doub N N 320 
PRO C   OXT  sing N N 321 
PRO CB  CG   sing N N 322 
PRO CB  HB2  sing N N 323 
PRO CB  HB3  sing N N 324 
PRO CG  CD   sing N N 325 
PRO CG  HG2  sing N N 326 
PRO CG  HG3  sing N N 327 
PRO CD  HD2  sing N N 328 
PRO CD  HD3  sing N N 329 
PRO OXT HXT  sing N N 330 
SER N   CA   sing N N 331 
SER N   H    sing N N 332 
SER N   H2   sing N N 333 
SER CA  C    sing N N 334 
SER CA  CB   sing N N 335 
SER CA  HA   sing N N 336 
SER C   O    doub N N 337 
SER C   OXT  sing N N 338 
SER CB  OG   sing N N 339 
SER CB  HB2  sing N N 340 
SER CB  HB3  sing N N 341 
SER OG  HG   sing N N 342 
SER OXT HXT  sing N N 343 
THR N   CA   sing N N 344 
THR N   H    sing N N 345 
THR N   H2   sing N N 346 
THR CA  C    sing N N 347 
THR CA  CB   sing N N 348 
THR CA  HA   sing N N 349 
THR C   O    doub N N 350 
THR C   OXT  sing N N 351 
THR CB  OG1  sing N N 352 
THR CB  CG2  sing N N 353 
THR CB  HB   sing N N 354 
THR OG1 HG1  sing N N 355 
THR CG2 HG21 sing N N 356 
THR CG2 HG22 sing N N 357 
THR CG2 HG23 sing N N 358 
THR OXT HXT  sing N N 359 
TRP N   CA   sing N N 360 
TRP N   H    sing N N 361 
TRP N   H2   sing N N 362 
TRP CA  C    sing N N 363 
TRP CA  CB   sing N N 364 
TRP CA  HA   sing N N 365 
TRP C   O    doub N N 366 
TRP C   OXT  sing N N 367 
TRP CB  CG   sing N N 368 
TRP CB  HB2  sing N N 369 
TRP CB  HB3  sing N N 370 
TRP CG  CD1  doub Y N 371 
TRP CG  CD2  sing Y N 372 
TRP CD1 NE1  sing Y N 373 
TRP CD1 HD1  sing N N 374 
TRP CD2 CE2  doub Y N 375 
TRP CD2 CE3  sing Y N 376 
TRP NE1 CE2  sing Y N 377 
TRP NE1 HE1  sing N N 378 
TRP CE2 CZ2  sing Y N 379 
TRP CE3 CZ3  doub Y N 380 
TRP CE3 HE3  sing N N 381 
TRP CZ2 CH2  doub Y N 382 
TRP CZ2 HZ2  sing N N 383 
TRP CZ3 CH2  sing Y N 384 
TRP CZ3 HZ3  sing N N 385 
TRP CH2 HH2  sing N N 386 
TRP OXT HXT  sing N N 387 
TYR N   CA   sing N N 388 
TYR N   H    sing N N 389 
TYR N   H2   sing N N 390 
TYR CA  C    sing N N 391 
TYR CA  CB   sing N N 392 
TYR CA  HA   sing N N 393 
TYR C   O    doub N N 394 
TYR C   OXT  sing N N 395 
TYR CB  CG   sing N N 396 
TYR CB  HB2  sing N N 397 
TYR CB  HB3  sing N N 398 
TYR CG  CD1  doub Y N 399 
TYR CG  CD2  sing Y N 400 
TYR CD1 CE1  sing Y N 401 
TYR CD1 HD1  sing N N 402 
TYR CD2 CE2  doub Y N 403 
TYR CD2 HD2  sing N N 404 
TYR CE1 CZ   doub Y N 405 
TYR CE1 HE1  sing N N 406 
TYR CE2 CZ   sing Y N 407 
TYR CE2 HE2  sing N N 408 
TYR CZ  OH   sing N N 409 
TYR OH  HH   sing N N 410 
TYR OXT HXT  sing N N 411 
VAL N   CA   sing N N 412 
VAL N   H    sing N N 413 
VAL N   H2   sing N N 414 
VAL CA  C    sing N N 415 
VAL CA  CB   sing N N 416 
VAL CA  HA   sing N N 417 
VAL C   O    doub N N 418 
VAL C   OXT  sing N N 419 
VAL CB  CG1  sing N N 420 
VAL CB  CG2  sing N N 421 
VAL CB  HB   sing N N 422 
VAL CG1 HG11 sing N N 423 
VAL CG1 HG12 sing N N 424 
VAL CG1 HG13 sing N N 425 
VAL CG2 HG21 sing N N 426 
VAL CG2 HG22 sing N N 427 
VAL CG2 HG23 sing N N 428 
VAL OXT HXT  sing N N 429 
# 
_pdbx_audit_support.funding_organization   'Biotechnology and Biological Sciences Research Council (BBSRC)' 
_pdbx_audit_support.country                'United Kingdom' 
_pdbx_audit_support.grant_number           BB/P005659/1 
_pdbx_audit_support.ordinal                1 
# 
loop_
_pdbx_entity_branch_list.entity_id 
_pdbx_entity_branch_list.comp_id 
_pdbx_entity_branch_list.num 
_pdbx_entity_branch_list.hetero 
2 MAN 1 n 
2 NAG 2 n 
# 
_atom_sites.entry_id                    6PWR 
_atom_sites.Cartn_transf_matrix[1][1]   ? 
_atom_sites.Cartn_transf_matrix[1][2]   ? 
_atom_sites.Cartn_transf_matrix[1][3]   ? 
_atom_sites.Cartn_transf_matrix[2][1]   ? 
_atom_sites.Cartn_transf_matrix[2][2]   ? 
_atom_sites.Cartn_transf_matrix[2][3]   ? 
_atom_sites.Cartn_transf_matrix[3][1]   ? 
_atom_sites.Cartn_transf_matrix[3][2]   ? 
_atom_sites.Cartn_transf_matrix[3][3]   ? 
_atom_sites.Cartn_transf_vector[1]      ? 
_atom_sites.Cartn_transf_vector[2]      ? 
_atom_sites.Cartn_transf_vector[3]      ? 
_atom_sites.fract_transf_matrix[1][1]   0.00644195 
_atom_sites.fract_transf_matrix[1][2]   0.00849132 
_atom_sites.fract_transf_matrix[1][3]   0.02451418 
_atom_sites.fract_transf_matrix[2][1]   -0.01764496 
_atom_sites.fract_transf_matrix[2][2]   0.01292849 
_atom_sites.fract_transf_matrix[2][3]   0.00015860 
_atom_sites.fract_transf_matrix[3][1]   -0.00781000 
_atom_sites.fract_transf_matrix[3][2]   -0.01072996 
_atom_sites.fract_transf_matrix[3][3]   0.00576903 
_atom_sites.fract_transf_vector[1]      0.423990 
_atom_sites.fract_transf_vector[2]      0.416238 
_atom_sites.fract_transf_vector[3]      0.368592 
_atom_sites.solution_primary            ? 
_atom_sites.solution_secondary          ? 
_atom_sites.solution_hydrogens          ? 
_atom_sites.special_details             ? 
# 
loop_
_atom_type.symbol 
C  
CA 
N  
O  
S  
# 
loop_
_atom_site.group_PDB 
_atom_site.id 
_atom_site.type_symbol 
_atom_site.label_atom_id 
_atom_site.label_alt_id 
_atom_site.label_comp_id 
_atom_site.label_asym_id 
_atom_site.label_entity_id 
_atom_site.label_seq_id 
_atom_site.pdbx_PDB_ins_code 
_atom_site.Cartn_x 
_atom_site.Cartn_y 
_atom_site.Cartn_z 
_atom_site.occupancy 
_atom_site.B_iso_or_equiv 
_atom_site.pdbx_formal_charge 
_atom_site.auth_seq_id 
_atom_site.auth_comp_id 
_atom_site.auth_asym_id 
_atom_site.auth_atom_id 
_atom_site.pdbx_PDB_model_num 
ATOM   1    N  N   . CYS A 1 6   ? -7.454  2.074   -21.488 1.00 25.54 ? 162 CYS A N   1 
ATOM   2    C  CA  . CYS A 1 6   ? -8.902  2.007   -21.654 1.00 29.50 ? 162 CYS A CA  1 
ATOM   3    C  C   . CYS A 1 6   ? -9.640  2.775   -20.554 1.00 29.50 ? 162 CYS A C   1 
ATOM   4    O  O   . CYS A 1 6   ? -10.805 3.142   -20.724 1.00 31.66 ? 162 CYS A O   1 
ATOM   5    C  CB  . CYS A 1 6   ? -9.370  0.553   -21.680 1.00 25.09 ? 162 CYS A CB  1 
ATOM   6    S  SG  . CYS A 1 6   ? -9.023  -0.354  -20.157 1.00 20.61 ? 162 CYS A SG  1 
ATOM   7    N  N   . ASN A 1 7   ? -8.962  2.996   -19.424 1.00 22.52 ? 163 ASN A N   1 
ATOM   8    C  CA  . ASN A 1 7   ? -9.483  3.843   -18.347 1.00 20.46 ? 163 ASN A CA  1 
ATOM   9    C  C   . ASN A 1 7   ? -10.768 3.272   -17.744 1.00 23.17 ? 163 ASN A C   1 
ATOM   10   O  O   . ASN A 1 7   ? -11.715 4.003   -17.447 1.00 31.02 ? 163 ASN A O   1 
ATOM   11   C  CB  . ASN A 1 7   ? -9.678  5.289   -18.827 1.00 26.40 ? 163 ASN A CB  1 
ATOM   12   C  CG  . ASN A 1 7   ? -9.755  6.286   -17.684 1.00 30.51 ? 163 ASN A CG  1 
ATOM   13   O  OD1 . ASN A 1 7   ? -9.040  6.167   -16.690 1.00 31.34 ? 163 ASN A OD1 1 
ATOM   14   N  ND2 . ASN A 1 7   ? -10.627 7.281   -17.825 1.00 32.24 ? 163 ASN A ND2 1 
ATOM   15   N  N   . THR A 1 8   ? -10.801 1.954   -17.550 1.00 20.18 ? 164 THR A N   1 
ATOM   16   C  CA  . THR A 1 8   ? -12.013 1.241   -17.152 1.00 19.97 ? 164 THR A CA  1 
ATOM   17   C  C   . THR A 1 8   ? -11.805 0.579   -15.796 1.00 22.02 ? 164 THR A C   1 
ATOM   18   O  O   . THR A 1 8   ? -10.998 -0.352  -15.674 1.00 18.45 ? 164 THR A O   1 
ATOM   19   C  CB  . THR A 1 8   ? -12.373 0.181   -18.195 1.00 21.21 ? 164 THR A CB  1 
ATOM   20   O  OG1 . THR A 1 8   ? -12.628 0.812   -19.458 1.00 28.11 ? 164 THR A OG1 1 
ATOM   21   C  CG2 . THR A 1 8   ? -13.601 -0.602  -17.754 1.00 20.90 ? 164 THR A CG2 1 
ATOM   22   N  N   . CYS A 1 9   ? -12.555 1.027   -14.796 1.00 17.80 ? 165 CYS A N   1 
ATOM   23   C  CA  . CYS A 1 9   ? -12.455 0.523   -13.435 1.00 14.79 ? 165 CYS A CA  1 
ATOM   24   C  C   . CYS A 1 9   ? -13.835 0.474   -12.804 1.00 16.06 ? 165 CYS A C   1 
ATOM   25   O  O   . CYS A 1 9   ? -14.771 1.118   -13.291 1.00 18.89 ? 165 CYS A O   1 
ATOM   26   C  CB  . CYS A 1 9   ? -11.566 1.436   -12.583 1.00 13.12 ? 165 CYS A CB  1 
ATOM   27   S  SG  . CYS A 1 9   ? -9.839  1.267   -12.958 1.00 12.62 ? 165 CYS A SG  1 
ATOM   28   N  N   . PRO A 1 10  ? -13.993 -0.277  -11.710 1.00 14.03 ? 166 PRO A N   1 
ATOM   29   C  CA  . PRO A 1 10  ? -15.228 -0.174  -10.926 1.00 17.57 ? 166 PRO A CA  1 
ATOM   30   C  C   . PRO A 1 10  ? -15.415 1.248   -10.426 1.00 15.03 ? 166 PRO A C   1 
ATOM   31   O  O   . PRO A 1 10  ? -14.469 2.033   -10.331 1.00 14.77 ? 166 PRO A O   1 
ATOM   32   C  CB  . PRO A 1 10  ? -14.987 -1.131  -9.752  1.00 18.99 ? 166 PRO A CB  1 
ATOM   33   C  CG  . PRO A 1 10  ? -13.948 -2.077  -10.228 1.00 19.63 ? 166 PRO A CG  1 
ATOM   34   C  CD  . PRO A 1 10  ? -13.075 -1.291  -11.161 1.00 18.09 ? 166 PRO A CD  1 
ATOM   35   N  N   . GLU A 1 11  ? -16.663 1.576   -10.105 1.00 19.46 ? 167 GLU A N   1 
ATOM   36   C  CA  . GLU A 1 11  ? -16.979 2.924   -9.654  1.00 16.47 ? 167 GLU A CA  1 
ATOM   37   C  C   . GLU A 1 11  ? -16.162 3.281   -8.417  1.00 11.82 ? 167 GLU A C   1 
ATOM   38   O  O   . GLU A 1 11  ? -15.998 2.468   -7.503  1.00 15.62 ? 167 GLU A O   1 
ATOM   39   C  CB  . GLU A 1 11  ? -18.474 3.038   -9.353  1.00 21.69 ? 167 GLU A CB  1 
ATOM   40   C  CG  . GLU A 1 11  ? -18.949 4.461   -9.123  1.00 26.14 ? 167 GLU A CG  1 
ATOM   41   C  CD  . GLU A 1 11  ? -20.456 4.591   -9.216  1.00 35.85 ? 167 GLU A CD  1 
ATOM   42   O  OE1 . GLU A 1 11  ? -21.127 3.572   -9.485  1.00 36.70 ? 167 GLU A OE1 1 
ATOM   43   O  OE2 . GLU A 1 11  ? -20.969 5.714   -9.023  1.00 41.48 ? 167 GLU A OE2 1 
ATOM   44   N  N   . ALA A 1 12  ? -15.650 4.510   -8.401  1.00 12.31 ? 168 ALA A N   1 
ATOM   45   C  CA  . ALA A 1 12  ? -14.819 5.129   -7.374  1.00 11.19 ? 168 ALA A CA  1 
ATOM   46   C  C   . ALA A 1 12  ? -13.349 4.710   -7.456  1.00 12.05 ? 168 ALA A C   1 
ATOM   47   O  O   . ALA A 1 12  ? -12.527 5.270   -6.731  1.00 13.80 ? 168 ALA A O   1 
ATOM   48   C  CB  . ALA A 1 12  ? -15.341 4.957   -5.933  1.00 16.16 ? 168 ALA A CB  1 
ATOM   49   N  N   . TRP A 1 13  ? -12.987 3.764   -8.316  1.00 8.90  ? 169 TRP A N   1 
ATOM   50   C  CA  . TRP A 1 13  ? -11.602 3.369   -8.500  1.00 6.73  ? 169 TRP A CA  1 
ATOM   51   C  C   . TRP A 1 13  ? -10.984 4.145   -9.655  1.00 7.68  ? 169 TRP A C   1 
ATOM   52   O  O   . TRP A 1 13  ? -11.681 4.683   -10.517 1.00 10.34 ? 169 TRP A O   1 
ATOM   53   C  CB  . TRP A 1 13  ? -11.512 1.872   -8.774  1.00 7.61  ? 169 TRP A CB  1 
ATOM   54   C  CG  . TRP A 1 13  ? -11.947 0.999   -7.635  1.00 7.92  ? 169 TRP A CG  1 
ATOM   55   C  CD1 . TRP A 1 13  ? -13.206 0.882   -7.113  1.00 9.56  ? 169 TRP A CD1 1 
ATOM   56   C  CD2 . TRP A 1 13  ? -11.125 0.085   -6.902  1.00 6.20  ? 169 TRP A CD2 1 
ATOM   57   N  NE1 . TRP A 1 13  ? -13.208 -0.038  -6.094  1.00 9.84  ? 169 TRP A NE1 1 
ATOM   58   C  CE2 . TRP A 1 13  ? -11.942 -0.543  -5.946  1.00 8.08  ? 169 TRP A CE2 1 
ATOM   59   C  CE3 . TRP A 1 13  ? -9.773  -0.259  -6.959  1.00 6.51  ? 169 TRP A CE3 1 
ATOM   60   C  CZ2 . TRP A 1 13  ? -11.450 -1.493  -5.057  1.00 8.92  ? 169 TRP A CZ2 1 
ATOM   61   C  CZ3 . TRP A 1 13  ? -9.290  -1.199  -6.078  1.00 7.48  ? 169 TRP A CZ3 1 
ATOM   62   C  CH2 . TRP A 1 13  ? -10.124 -1.807  -5.143  1.00 7.99  ? 169 TRP A CH2 1 
ATOM   63   N  N   . ILE A 1 14  ? -9.657  4.185   -9.667  1.00 6.08  ? 170 ILE A N   1 
ATOM   64   C  CA  . ILE A 1 14  ? -8.882  5.012   -10.581 1.00 6.28  ? 170 ILE A CA  1 
ATOM   65   C  C   . ILE A 1 14  ? -7.965  4.101   -11.382 1.00 5.71  ? 170 ILE A C   1 
ATOM   66   O  O   . ILE A 1 14  ? -7.266  3.262   -10.803 1.00 6.22  ? 170 ILE A O   1 
ATOM   67   C  CB  . ILE A 1 14  ? -8.034  6.028   -9.798  1.00 6.76  ? 170 ILE A CB  1 
ATOM   68   C  CG1 . ILE A 1 14  ? -8.893  6.831   -8.819  1.00 8.05  ? 170 ILE A CG1 1 
ATOM   69   C  CG2 . ILE A 1 14  ? -7.264  6.924   -10.742 1.00 7.33  ? 170 ILE A CG2 1 
ATOM   70   C  CD1 . ILE A 1 14  ? -9.933  7.691   -9.488  1.00 10.77 ? 170 ILE A CD1 1 
ATOM   71   N  N   . TYR A 1 15  ? -7.902  4.316   -12.692 1.00 6.32  ? 171 TYR A N   1 
ATOM   72   C  CA  . TYR A 1 15  ? -7.169  3.437   -13.593 1.00 6.12  ? 171 TYR A CA  1 
ATOM   73   C  C   . TYR A 1 15  ? -5.722  3.880   -13.759 1.00 8.08  ? 171 TYR A C   1 
ATOM   74   O  O   . TYR A 1 15  ? -5.441  5.063   -13.972 1.00 9.33  ? 171 TYR A O   1 
ATOM   75   C  CB  . TYR A 1 15  ? -7.847  3.461   -14.965 1.00 8.64  ? 171 TYR A CB  1 
ATOM   76   C  CG  . TYR A 1 15  ? -7.258  2.453   -15.914 1.00 7.83  ? 171 TYR A CG  1 
ATOM   77   C  CD1 . TYR A 1 15  ? -7.815  1.191   -16.041 1.00 9.68  ? 171 TYR A CD1 1 
ATOM   78   C  CD2 . TYR A 1 15  ? -6.136  2.752   -16.667 1.00 9.38  ? 171 TYR A CD2 1 
ATOM   79   C  CE1 . TYR A 1 15  ? -7.274  0.252   -16.893 1.00 8.87  ? 171 TYR A CE1 1 
ATOM   80   C  CE2 . TYR A 1 15  ? -5.584  1.819   -17.524 1.00 8.28  ? 171 TYR A CE2 1 
ATOM   81   C  CZ  . TYR A 1 15  ? -6.157  0.572   -17.627 1.00 8.17  ? 171 TYR A CZ  1 
ATOM   82   O  OH  . TYR A 1 15  ? -5.584  -0.341  -18.483 1.00 8.58  ? 171 TYR A OH  1 
ATOM   83   N  N   . PHE A 1 16  ? -4.808  2.915   -13.725 1.00 6.35  ? 172 PHE A N   1 
ATOM   84   C  CA  . PHE A 1 16  ? -3.436  3.168   -14.153 1.00 7.22  ? 172 PHE A CA  1 
ATOM   85   C  C   . PHE A 1 16  ? -2.820  1.856   -14.603 1.00 6.97  ? 172 PHE A C   1 
ATOM   86   O  O   . PHE A 1 16  ? -2.754  0.908   -13.818 1.00 5.99  ? 172 PHE A O   1 
ATOM   87   C  CB  . PHE A 1 16  ? -2.579  3.802   -13.049 1.00 7.14  ? 172 PHE A CB  1 
ATOM   88   C  CG  . PHE A 1 16  ? -1.177  4.095   -13.482 1.00 7.91  ? 172 PHE A CG  1 
ATOM   89   C  CD1 . PHE A 1 16  ? -0.898  5.219   -14.245 1.00 9.12  ? 172 PHE A CD1 1 
ATOM   90   C  CD2 . PHE A 1 16  ? -0.141  3.247   -13.148 1.00 9.20  ? 172 PHE A CD2 1 
ATOM   91   C  CE1 . PHE A 1 16  ? 0.392   5.490   -14.655 1.00 10.40 ? 172 PHE A CE1 1 
ATOM   92   C  CE2 . PHE A 1 16  ? 1.150   3.514   -13.558 1.00 10.47 ? 172 PHE A CE2 1 
ATOM   93   C  CZ  . PHE A 1 16  ? 1.416   4.634   -14.310 1.00 11.27 ? 172 PHE A CZ  1 
ATOM   94   N  N   . GLN A 1 17  ? -2.383  1.810   -15.859 1.00 7.32  ? 173 GLN A N   1 
ATOM   95   C  CA  . GLN A 1 17  ? -1.626  0.691   -16.421 1.00 7.33  ? 173 GLN A CA  1 
ATOM   96   C  C   . GLN A 1 17  ? -2.176  -0.669  -15.996 1.00 6.17  ? 173 GLN A C   1 
ATOM   97   O  O   . GLN A 1 17  ? -1.497  -1.469  -15.349 1.00 6.95  ? 173 GLN A O   1 
ATOM   98   C  CB  . GLN A 1 17  ? -0.138  0.805   -16.103 1.00 9.07  ? 173 GLN A CB  1 
ATOM   99   C  CG  . GLN A 1 17  ? 0.538   2.003   -16.735 1.00 12.21 ? 173 GLN A CG  1 
ATOM   100  C  CD  . GLN A 1 17  ? 2.051   1.985   -16.579 1.00 12.89 ? 173 GLN A CD  1 
ATOM   101  O  OE1 . GLN A 1 17  ? 2.614   1.164   -15.848 1.00 15.18 ? 173 GLN A OE1 1 
ATOM   102  N  NE2 . GLN A 1 17  ? 2.721   2.895   -17.279 1.00 16.84 ? 173 GLN A NE2 1 
ATOM   103  N  N   . LYS A 1 18  ? -3.419  -0.934  -16.397 1.00 6.53  ? 174 LYS A N   1 
ATOM   104  C  CA  . LYS A 1 18  ? -4.037  -2.252  -16.258 1.00 6.44  ? 174 LYS A CA  1 
ATOM   105  C  C   . LYS A 1 18  ? -4.318  -2.629  -14.811 1.00 6.30  ? 174 LYS A C   1 
ATOM   106  O  O   . LYS A 1 18  ? -4.564  -3.800  -14.503 1.00 6.04  ? 174 LYS A O   1 
ATOM   107  C  CB  . LYS A 1 18  ? -3.261  -3.354  -17.001 1.00 7.69  ? 174 LYS A CB  1 
ATOM   108  C  CG  . LYS A 1 18  ? -4.123  -4.521  -17.473 1.00 7.47  ? 174 LYS A CG  1 
ATOM   109  C  CD  . LYS A 1 18  ? -3.406  -5.440  -18.467 1.00 8.48  ? 174 LYS A CD  1 
ATOM   110  C  CE  . LYS A 1 18  ? -2.190  -6.116  -17.865 1.00 9.99  ? 174 LYS A CE  1 
ATOM   111  N  NZ  . LYS A 1 18  ? -2.536  -7.048  -16.766 1.00 7.70  ? 174 LYS A NZ  1 
ATOM   112  N  N   . LYS A 1 19  ? -4.313  -1.649  -13.917 1.00 6.10  ? 175 LYS A N   1 
ATOM   113  C  CA  . LYS A 1 19  ? -4.769  -1.839  -12.557 1.00 5.52  ? 175 LYS A CA  1 
ATOM   114  C  C   . LYS A 1 19  ? -5.725  -0.715  -12.210 1.00 5.37  ? 175 LYS A C   1 
ATOM   115  O  O   . LYS A 1 19  ? -5.698  0.363   -12.810 1.00 6.19  ? 175 LYS A O   1 
ATOM   116  C  CB  . LYS A 1 19  ? -3.599  -1.909  -11.565 1.00 6.58  ? 175 LYS A CB  1 
ATOM   117  C  CG  . LYS A 1 19  ? -2.751  -3.162  -11.751 1.00 7.43  ? 175 LYS A CG  1 
ATOM   118  C  CD  . LYS A 1 19  ? -1.487  -3.157  -10.896 1.00 8.59  ? 175 LYS A CD  1 
ATOM   119  C  CE  . LYS A 1 19  ? -1.815  -3.091  -9.420  1.00 7.77  ? 175 LYS A CE  1 
ATOM   120  N  NZ  . LYS A 1 19  ? -0.591  -3.203  -8.579  1.00 6.80  ? 175 LYS A NZ  1 
ATOM   121  N  N   . CYS A 1 20  ? -6.590  -1.004  -11.256 1.00 5.23  ? 176 CYS A N   1 
ATOM   122  C  CA  . CYS A 1 20  ? -7.479  -0.020  -10.669 1.00 6.49  ? 176 CYS A CA  1 
ATOM   123  C  C   . CYS A 1 20  ? -7.080  0.182   -9.221  1.00 4.54  ? 176 CYS A C   1 
ATOM   124  O  O   . CYS A 1 20  ? -6.703  -0.772  -8.539  1.00 6.16  ? 176 CYS A O   1 
ATOM   125  C  CB  . CYS A 1 20  ? -8.923  -0.510  -10.755 1.00 6.49  ? 176 CYS A CB  1 
ATOM   126  S  SG  . CYS A 1 20  ? -9.462  -0.676  -12.454 1.00 10.02 ? 176 CYS A SG  1 
ATOM   127  N  N   . TYR A 1 21  ? -7.181  1.420   -8.757  1.00 5.28  ? 177 TYR A N   1 
ATOM   128  C  CA  . TYR A 1 21  ? -6.680  1.803   -7.449  1.00 4.95  ? 177 TYR A CA  1 
ATOM   129  C  C   . TYR A 1 21  ? -7.775  2.495   -6.666  1.00 5.05  ? 177 TYR A C   1 
ATOM   130  O  O   . TYR A 1 21  ? -8.556  3.279   -7.215  1.00 5.96  ? 177 TYR A O   1 
ATOM   131  C  CB  . TYR A 1 21  ? -5.496  2.742   -7.575  1.00 5.88  ? 177 TYR A CB  1 
ATOM   132  C  CG  . TYR A 1 21  ? -4.332  2.111   -8.282  1.00 5.09  ? 177 TYR A CG  1 
ATOM   133  C  CD1 . TYR A 1 21  ? -4.292  2.046   -9.668  1.00 5.84  ? 177 TYR A CD1 1 
ATOM   134  C  CD2 . TYR A 1 21  ? -3.282  1.553   -7.567  1.00 5.44  ? 177 TYR A CD2 1 
ATOM   135  C  CE1 . TYR A 1 21  ? -3.240  1.457   -10.321 1.00 6.86  ? 177 TYR A CE1 1 
ATOM   136  C  CE2 . TYR A 1 21  ? -2.210  0.975   -8.217  1.00 5.94  ? 177 TYR A CE2 1 
ATOM   137  C  CZ  . TYR A 1 21  ? -2.201  0.929   -9.594  1.00 5.71  ? 177 TYR A CZ  1 
ATOM   138  O  OH  . TYR A 1 21  ? -1.154  0.359   -10.276 1.00 6.26  ? 177 TYR A OH  1 
ATOM   139  N  N   . TYR A 1 22  ? -7.821  2.204   -5.375  1.00 4.76  ? 178 TYR A N   1 
ATOM   140  C  CA  . TYR A 1 22  ? -8.792  2.795   -4.471  1.00 5.26  ? 178 TYR A CA  1 
ATOM   141  C  C   . TYR A 1 22  ? -8.032  3.591   -3.427  1.00 5.06  ? 178 TYR A C   1 
ATOM   142  O  O   . TYR A 1 22  ? -7.212  3.030   -2.695  1.00 5.55  ? 178 TYR A O   1 
ATOM   143  C  CB  . TYR A 1 22  ? -9.614  1.705   -3.793  1.00 6.13  ? 178 TYR A CB  1 
ATOM   144  C  CG  . TYR A 1 22  ? -10.832 2.243   -3.108  1.00 5.96  ? 178 TYR A CG  1 
ATOM   145  C  CD1 . TYR A 1 22  ? -10.796 2.627   -1.778  1.00 7.47  ? 178 TYR A CD1 1 
ATOM   146  C  CD2 . TYR A 1 22  ? -12.029 2.373   -3.796  1.00 9.03  ? 178 TYR A CD2 1 
ATOM   147  C  CE1 . TYR A 1 22  ? -11.928 3.129   -1.146  1.00 8.15  ? 178 TYR A CE1 1 
ATOM   148  C  CE2 . TYR A 1 22  ? -13.156 2.870   -3.180  1.00 9.69  ? 178 TYR A CE2 1 
ATOM   149  C  CZ  . TYR A 1 22  ? -13.099 3.244   -1.864  1.00 8.98  ? 178 TYR A CZ  1 
ATOM   150  O  OH  . TYR A 1 22  ? -14.243 3.736   -1.274  1.00 11.99 ? 178 TYR A OH  1 
ATOM   151  N  N   . PHE A 1 23  ? -8.306  4.889   -3.352  1.00 4.85  ? 179 PHE A N   1 
ATOM   152  C  CA  . PHE A 1 23  ? -7.628  5.762   -2.397  1.00 4.46  ? 179 PHE A CA  1 
ATOM   153  C  C   . PHE A 1 23  ? -8.537  5.884   -1.188  1.00 5.18  ? 179 PHE A C   1 
ATOM   154  O  O   . PHE A 1 23  ? -9.361  6.790   -1.088  1.00 5.92  ? 179 PHE A O   1 
ATOM   155  C  CB  . PHE A 1 23  ? -7.277  7.095   -3.039  1.00 5.48  ? 179 PHE A CB  1 
ATOM   156  C  CG  . PHE A 1 23  ? -6.242  6.958   -4.103  1.00 5.10  ? 179 PHE A CG  1 
ATOM   157  C  CD1 . PHE A 1 23  ? -4.904  6.992   -3.774  1.00 5.67  ? 179 PHE A CD1 1 
ATOM   158  C  CD2 . PHE A 1 23  ? -6.603  6.721   -5.418  1.00 6.11  ? 179 PHE A CD2 1 
ATOM   159  C  CE1 . PHE A 1 23  ? -3.931  6.818   -4.741  1.00 6.70  ? 179 PHE A CE1 1 
ATOM   160  C  CE2 . PHE A 1 23  ? -5.634  6.554   -6.391  1.00 7.88  ? 179 PHE A CE2 1 
ATOM   161  C  CZ  . PHE A 1 23  ? -4.303  6.610   -6.050  1.00 7.73  ? 179 PHE A CZ  1 
ATOM   162  N  N   . GLY A 1 24  ? -8.385  4.947   -0.264  1.00 5.53  ? 180 GLY A N   1 
ATOM   163  C  CA  . GLY A 1 24  ? -9.232  4.912   0.900   1.00 6.76  ? 180 GLY A CA  1 
ATOM   164  C  C   . GLY A 1 24  ? -8.835  5.954   1.923   1.00 5.70  ? 180 GLY A C   1 
ATOM   165  O  O   . GLY A 1 24  ? -7.669  6.324   2.070   1.00 5.75  ? 180 GLY A O   1 
ATOM   166  N  N   . GLU A 1 25  ? -9.836  6.413   2.655   1.00 6.52  ? 181 GLU A N   1 
ATOM   167  C  CA  . GLU A 1 25  ? -9.646  7.442   3.657   1.00 5.93  ? 181 GLU A CA  1 
ATOM   168  C  C   . GLU A 1 25  ? -10.379 7.033   4.920   1.00 6.93  ? 181 GLU A C   1 
ATOM   169  O  O   . GLU A 1 25  ? -11.444 6.418   4.860   1.00 9.45  ? 181 GLU A O   1 
ATOM   170  C  CB  . GLU A 1 25  ? -10.160 8.791   3.146   1.00 9.70  ? 181 GLU A CB  1 
ATOM   171  C  CG  . GLU A 1 25  ? -9.616  10.004  3.872   1.00 11.66 ? 181 GLU A CG  1 
ATOM   172  C  CD  . GLU A 1 25  ? -10.263 10.234  5.221   1.00 10.92 ? 181 GLU A CD  1 
ATOM   173  O  OE1 . GLU A 1 25  ? -11.498 10.050  5.341   1.00 13.26 ? 181 GLU A OE1 1 
ATOM   174  O  OE2 . GLU A 1 25  ? -9.533  10.588  6.169   1.00 12.22 ? 181 GLU A OE2 1 
ATOM   175  N  N   . GLY A 1 26  ? -9.805  7.382   6.058   1.00 8.30  ? 182 GLY A N   1 
ATOM   176  C  CA  . GLY A 1 26  ? -10.416 7.072   7.329   1.00 8.72  ? 182 GLY A CA  1 
ATOM   177  C  C   . GLY A 1 26  ? -9.465  6.237   8.147   1.00 8.02  ? 182 GLY A C   1 
ATOM   178  O  O   . GLY A 1 26  ? -8.848  5.305   7.623   1.00 8.57  ? 182 GLY A O   1 
ATOM   179  N  N   . ALA A 1 27  ? -9.341  6.564   9.428   1.00 7.57  ? 183 ALA A N   1 
ATOM   180  C  CA  . ALA A 1 27  ? -8.295  5.994   10.268  1.00 8.49  ? 183 ALA A CA  1 
ATOM   181  C  C   . ALA A 1 27  ? -8.459  4.489   10.393  1.00 9.35  ? 183 ALA A C   1 
ATOM   182  O  O   . ALA A 1 27  ? -9.525  3.998   10.769  1.00 11.28 ? 183 ALA A O   1 
ATOM   183  C  CB  . ALA A 1 27  ? -8.356  6.637   11.653  1.00 12.02 ? 183 ALA A CB  1 
ATOM   184  N  N   . LYS A 1 28  ? -7.392  3.759   10.078  1.00 6.72  ? 184 LYS A N   1 
ATOM   185  C  CA  . LYS A 1 28  ? -7.401  2.306   10.150  1.00 6.72  ? 184 LYS A CA  1 
ATOM   186  C  C   . LYS A 1 28  ? -6.025  1.816   10.540  1.00 6.22  ? 184 LYS A C   1 
ATOM   187  O  O   . LYS A 1 28  ? -5.014  2.386   10.124  1.00 5.59  ? 184 LYS A O   1 
ATOM   188  C  CB  . LYS A 1 28  ? -7.764  1.668   8.808   1.00 7.57  ? 184 LYS A CB  1 
ATOM   189  C  CG  . LYS A 1 28  ? -9.216  1.900   8.445   1.00 11.00 ? 184 LYS A CG  1 
ATOM   190  C  CD  . LYS A 1 28  ? -9.649  1.089   7.261   1.00 10.83 ? 184 LYS A CD  1 
ATOM   191  C  CE  . LYS A 1 28  ? -11.038 1.513   6.815   1.00 11.50 ? 184 LYS A CE  1 
ATOM   192  N  NZ  . LYS A 1 28  ? -12.048 1.344   7.892   1.00 16.16 ? 184 LYS A NZ  1 
ATOM   193  N  N   . LYS A 1 29  ? -6.003  0.758   11.343  1.00 6.03  ? 185 LYS A N   1 
ATOM   194  C  CA  . LYS A 1 29  ? -4.800  -0.027  11.535  1.00 6.55  ? 185 LYS A CA  1 
ATOM   195  C  C   . LYS A 1 29  ? -4.555  -0.859  10.283  1.00 5.30  ? 185 LYS A C   1 
ATOM   196  O  O   . LYS A 1 29  ? -5.435  -1.001  9.436   1.00 5.88  ? 185 LYS A O   1 
ATOM   197  C  CB  . LYS A 1 29  ? -4.955  -0.925  12.760  1.00 6.44  ? 185 LYS A CB  1 
ATOM   198  C  CG  . LYS A 1 29  ? -5.249  -0.140  14.023  1.00 7.89  ? 185 LYS A CG  1 
ATOM   199  C  CD  . LYS A 1 29  ? -5.468  -1.034  15.232  1.00 11.29 ? 185 LYS A CD  1 
ATOM   200  C  CE  . LYS A 1 29  ? -5.643  -0.192  16.491  1.00 13.84 ? 185 LYS A CE  1 
ATOM   201  N  NZ  . LYS A 1 29  ? -5.894  -1.030  17.690  1.00 23.05 ? 185 LYS A NZ  1 
ATOM   202  N  N   . TRP A 1 30  ? -3.344  -1.403  10.150  1.00 5.81  ? 186 TRP A N   1 
ATOM   203  C  CA  . TRP A 1 30  ? -3.016  -2.080  8.900   1.00 5.67  ? 186 TRP A CA  1 
ATOM   204  C  C   . TRP A 1 30  ? -3.977  -3.226  8.621   1.00 5.69  ? 186 TRP A C   1 
ATOM   205  O  O   . TRP A 1 30  ? -4.469  -3.371  7.498   1.00 6.48  ? 186 TRP A O   1 
ATOM   206  C  CB  . TRP A 1 30  ? -1.567  -2.559  8.892   1.00 5.34  ? 186 TRP A CB  1 
ATOM   207  C  CG  . TRP A 1 30  ? -1.146  -3.133  7.579   1.00 4.57  ? 186 TRP A CG  1 
ATOM   208  C  CD1 . TRP A 1 30  ? -0.616  -2.458  6.522   1.00 4.64  ? 186 TRP A CD1 1 
ATOM   209  C  CD2 . TRP A 1 30  ? -1.208  -4.509  7.184   1.00 5.78  ? 186 TRP A CD2 1 
ATOM   210  N  NE1 . TRP A 1 30  ? -0.337  -3.324  5.502   1.00 5.11  ? 186 TRP A NE1 1 
ATOM   211  C  CE2 . TRP A 1 30  ? -0.699  -4.589  5.877   1.00 5.14  ? 186 TRP A CE2 1 
ATOM   212  C  CE3 . TRP A 1 30  ? -1.654  -5.677  7.808   1.00 6.86  ? 186 TRP A CE3 1 
ATOM   213  C  CZ2 . TRP A 1 30  ? -0.617  -5.787  5.182   1.00 6.79  ? 186 TRP A CZ2 1 
ATOM   214  C  CZ3 . TRP A 1 30  ? -1.562  -6.869  7.121   1.00 8.41  ? 186 TRP A CZ3 1 
ATOM   215  C  CH2 . TRP A 1 30  ? -1.052  -6.915  5.821   1.00 8.83  ? 186 TRP A CH2 1 
ATOM   216  N  N   . ILE A 1 31  ? -4.273  -4.047  9.632   1.00 7.01  ? 187 ILE A N   1 
ATOM   217  C  CA  A ILE A 1 31  ? -5.175  -5.178  9.419   0.36 7.92  ? 187 ILE A CA  1 
ATOM   218  C  CA  B ILE A 1 31  ? -5.170  -5.177  9.405   0.64 7.89  ? 187 ILE A CA  1 
ATOM   219  C  C   . ILE A 1 31  ? -6.565  -4.689  9.029   1.00 6.95  ? 187 ILE A C   1 
ATOM   220  O  O   . ILE A 1 31  ? -7.237  -5.284  8.174   1.00 8.79  ? 187 ILE A O   1 
ATOM   221  C  CB  A ILE A 1 31  ? -5.199  -6.103  10.652  0.36 9.85  ? 187 ILE A CB  1 
ATOM   222  C  CB  B ILE A 1 31  ? -5.183  -6.132  10.615  0.64 9.80  ? 187 ILE A CB  1 
ATOM   223  C  CG1 A ILE A 1 31  ? -5.981  -7.376  10.335  0.36 10.75 ? 187 ILE A CG1 1 
ATOM   224  C  CG1 B ILE A 1 31  ? -5.937  -7.418  10.266  0.64 10.72 ? 187 ILE A CG1 1 
ATOM   225  C  CG2 A ILE A 1 31  ? -5.808  -5.404  11.865  0.36 15.21 ? 187 ILE A CG2 1 
ATOM   226  C  CG2 B ILE A 1 31  ? -5.816  -5.473  11.837  0.64 15.31 ? 187 ILE A CG2 1 
ATOM   227  C  CD1 A ILE A 1 31  ? -5.390  -8.162  9.200   0.36 11.67 ? 187 ILE A CD1 1 
ATOM   228  C  CD1 B ILE A 1 31  ? -5.969  -8.435  11.393  0.64 18.54 ? 187 ILE A CD1 1 
ATOM   229  N  N   . GLN A 1 32  ? -7.016  -3.594  9.640   1.00 7.31  ? 188 GLN A N   1 
ATOM   230  C  CA  . GLN A 1 32  ? -8.310  -3.039  9.271   1.00 7.38  ? 188 GLN A CA  1 
ATOM   231  C  C   . GLN A 1 32  ? -8.289  -2.554  7.832   1.00 7.66  ? 188 GLN A C   1 
ATOM   232  O  O   . GLN A 1 32  ? -9.263  -2.740  7.094   1.00 8.19  ? 188 GLN A O   1 
ATOM   233  C  CB  . GLN A 1 32  ? -8.678  -1.889  10.203  1.00 9.08  ? 188 GLN A CB  1 
ATOM   234  C  CG  . GLN A 1 32  ? -8.914  -2.294  11.637  1.00 10.32 ? 188 GLN A CG  1 
ATOM   235  C  CD  . GLN A 1 32  ? -9.163  -1.098  12.526  1.00 11.82 ? 188 GLN A CD  1 
ATOM   236  O  OE1 . GLN A 1 32  ? -8.447  -0.100  12.465  1.00 9.69  ? 188 GLN A OE1 1 
ATOM   237  N  NE2 . GLN A 1 32  ? -10.196 -1.185  13.357  1.00 19.88 ? 188 GLN A NE2 1 
ATOM   238  N  N   . ALA A 1 33  ? -7.175  -1.948  7.407   1.00 6.76  ? 189 ALA A N   1 
ATOM   239  C  CA  . ALA A 1 33  ? -7.071  -1.528  6.014   1.00 6.11  ? 189 ALA A CA  1 
ATOM   240  C  C   . ALA A 1 33  ? -7.026  -2.729  5.083   1.00 6.74  ? 189 ALA A C   1 
ATOM   241  O  O   . ALA A 1 33  ? -7.598  -2.691  3.986   1.00 6.37  ? 189 ALA A O   1 
ATOM   242  C  CB  . ALA A 1 33  ? -5.854  -0.622  5.821   1.00 6.04  ? 189 ALA A CB  1 
ATOM   243  N  N   . ARG A 1 34  ? -6.345  -3.797  5.495   1.00 6.69  ? 190 ARG A N   1 
ATOM   244  C  CA  . ARG A 1 34  ? -6.344  -5.006  4.683   1.00 7.25  ? 190 ARG A CA  1 
ATOM   245  C  C   . ARG A 1 34  ? -7.769  -5.454  4.389   1.00 7.01  ? 190 ARG A C   1 
ATOM   246  O  O   . ARG A 1 34  ? -8.139  -5.708  3.235   1.00 6.78  ? 190 ARG A O   1 
ATOM   247  C  CB  . ARG A 1 34  ? -5.594  -6.126  5.402   1.00 7.89  ? 190 ARG A CB  1 
ATOM   248  C  CG  . ARG A 1 34  ? -5.775  -7.441  4.675   1.00 8.77  ? 190 ARG A CG  1 
ATOM   249  C  CD  . ARG A 1 34  ? -5.339  -8.688  5.430   1.00 14.00 ? 190 ARG A CD  1 
ATOM   250  N  NE  . ARG A 1 34  ? -5.880  -9.864  4.742   1.00 15.82 ? 190 ARG A NE  1 
ATOM   251  C  CZ  . ARG A 1 34  ? -5.676  -11.127 5.102   1.00 15.92 ? 190 ARG A CZ  1 
ATOM   252  N  NH1 . ARG A 1 34  ? -4.926  -11.408 6.156   1.00 14.01 ? 190 ARG A NH1 1 
ATOM   253  N  NH2 . ARG A 1 34  ? -6.225  -12.114 4.403   1.00 16.69 ? 190 ARG A NH2 1 
ATOM   254  N  N   . TYR A 1 35  ? -8.592  -5.542  5.429   1.00 6.93  ? 191 TYR A N   1 
ATOM   255  C  CA  . TYR A 1 35  ? -9.952  -6.021  5.232   1.00 8.18  ? 191 TYR A CA  1 
ATOM   256  C  C   . TYR A 1 35  ? -10.852 -4.974  4.598   1.00 7.81  ? 191 TYR A C   1 
ATOM   257  O  O   . TYR A 1 35  ? -11.804 -5.332  3.897   1.00 8.48  ? 191 TYR A O   1 
ATOM   258  C  CB  . TYR A 1 35  ? -10.508 -6.615  6.522   1.00 10.47 ? 191 TYR A CB  1 
ATOM   259  C  CG  . TYR A 1 35  ? -9.884  -7.961  6.785   1.00 12.85 ? 191 TYR A CG  1 
ATOM   260  C  CD1 . TYR A 1 35  ? -10.154 -9.035  5.950   1.00 14.66 ? 191 TYR A CD1 1 
ATOM   261  C  CD2 . TYR A 1 35  ? -8.999  -8.150  7.832   1.00 13.01 ? 191 TYR A CD2 1 
ATOM   262  C  CE1 . TYR A 1 35  ? -9.578  -10.271 6.163   1.00 16.62 ? 191 TYR A CE1 1 
ATOM   263  C  CE2 . TYR A 1 35  ? -8.416  -9.386  8.057   1.00 12.88 ? 191 TYR A CE2 1 
ATOM   264  C  CZ  . TYR A 1 35  ? -8.709  -10.442 7.216   1.00 15.44 ? 191 TYR A CZ  1 
ATOM   265  O  OH  . TYR A 1 35  ? -8.139  -11.683 7.423   1.00 18.52 ? 191 TYR A OH  1 
ATOM   266  N  N   . ALA A 1 36  ? -10.557 -3.689  4.795   1.00 7.24  ? 192 ALA A N   1 
ATOM   267  C  CA  . ALA A 1 36  ? -11.300 -2.673  4.065   1.00 7.41  ? 192 ALA A CA  1 
ATOM   268  C  C   . ALA A 1 36  ? -11.106 -2.842  2.566   1.00 7.25  ? 192 ALA A C   1 
ATOM   269  O  O   . ALA A 1 36  ? -12.063 -2.731  1.792   1.00 7.27  ? 192 ALA A O   1 
ATOM   270  C  CB  . ALA A 1 36  ? -10.886 -1.277  4.524   1.00 8.69  ? 192 ALA A CB  1 
ATOM   271  N  N   . CYS A 1 37  ? -9.873  -3.131  2.135   1.00 5.95  ? 193 CYS A N   1 
ATOM   272  C  CA  . CYS A 1 37  ? -9.651  -3.377  0.716   1.00 5.33  ? 193 CYS A CA  1 
ATOM   273  C  C   . CYS A 1 37  ? -10.365 -4.636  0.260   1.00 6.22  ? 193 CYS A C   1 
ATOM   274  O  O   . CYS A 1 37  ? -10.978 -4.651  -0.814  1.00 6.83  ? 193 CYS A O   1 
ATOM   275  C  CB  . CYS A 1 37  ? -8.160  -3.465  0.418   1.00 4.92  ? 193 CYS A CB  1 
ATOM   276  S  SG  . CYS A 1 37  ? -7.325  -1.894  0.541   1.00 5.65  ? 193 CYS A SG  1 
ATOM   277  N  N   . GLU A 1 38  ? -10.303 -5.699  1.065   1.00 6.37  ? 194 GLU A N   1 
ATOM   278  C  CA  . GLU A 1 38  ? -10.974 -6.934  0.681   1.00 7.91  ? 194 GLU A CA  1 
ATOM   279  C  C   . GLU A 1 38  ? -12.475 -6.726  0.571   1.00 8.18  ? 194 GLU A C   1 
ATOM   280  O  O   . GLU A 1 38  ? -13.118 -7.263  -0.337  1.00 8.51  ? 194 GLU A O   1 
ATOM   281  C  CB  . GLU A 1 38  ? -10.645 -8.050  1.672   1.00 9.57  ? 194 GLU A CB  1 
ATOM   282  C  CG  . GLU A 1 38  ? -9.193  -8.491  1.617   1.00 11.63 ? 194 GLU A CG  1 
ATOM   283  C  CD  . GLU A 1 38  ? -8.944  -9.812  2.316   1.00 14.38 ? 194 GLU A CD  1 
ATOM   284  O  OE1 . GLU A 1 38  ? -9.915  -10.502 2.698   1.00 13.71 ? 194 GLU A OE1 1 
ATOM   285  O  OE2 . GLU A 1 38  ? -7.760  -10.164 2.484   1.00 15.31 ? 194 GLU A OE2 1 
ATOM   286  N  N   . ASN A 1 39  ? -13.046 -5.923  1.468   1.00 7.42  ? 195 ASN A N   1 
ATOM   287  C  CA  A ASN A 1 39  ? -14.472 -5.624  1.414   0.50 8.53  ? 195 ASN A CA  1 
ATOM   288  C  CA  B ASN A 1 39  ? -14.477 -5.669  1.388   0.50 8.48  ? 195 ASN A CA  1 
ATOM   289  C  C   . ASN A 1 39  ? -14.851 -4.936  0.112   1.00 8.11  ? 195 ASN A C   1 
ATOM   290  O  O   . ASN A 1 39  ? -15.993 -5.059  -0.348  1.00 10.07 ? 195 ASN A O   1 
ATOM   291  C  CB  A ASN A 1 39  ? -14.850 -4.743  2.606   0.50 11.18 ? 195 ASN A CB  1 
ATOM   292  C  CB  B ASN A 1 39  ? -14.959 -4.914  2.629   0.50 11.49 ? 195 ASN A CB  1 
ATOM   293  C  CG  A ASN A 1 39  ? -16.287 -4.272  2.552   0.50 13.67 ? 195 ASN A CG  1 
ATOM   294  C  CG  B ASN A 1 39  ? -14.888 -5.761  3.888   0.50 10.90 ? 195 ASN A CG  1 
ATOM   295  O  OD1 A ASN A 1 39  ? -17.213 -5.051  2.771   0.50 14.52 ? 195 ASN A OD1 1 
ATOM   296  O  OD1 B ASN A 1 39  ? -14.843 -6.991  3.821   0.50 11.96 ? 195 ASN A OD1 1 
ATOM   297  N  ND2 A ASN A 1 39  ? -16.481 -2.988  2.269   0.50 14.39 ? 195 ASN A ND2 1 
ATOM   298  N  ND2 B ASN A 1 39  ? -14.882 -5.107  5.043   0.50 13.27 ? 195 ASN A ND2 1 
ATOM   299  N  N   . LEU A 1 40  ? -13.917 -4.201  -0.484  1.00 7.61  ? 196 LEU A N   1 
ATOM   300  C  CA  . LEU A 1 40  ? -14.100 -3.532  -1.759  1.00 7.61  ? 196 LEU A CA  1 
ATOM   301  C  C   . LEU A 1 40  ? -13.627 -4.380  -2.929  1.00 8.60  ? 196 LEU A C   1 
ATOM   302  O  O   . LEU A 1 40  ? -13.561 -3.875  -4.052  1.00 9.72  ? 196 LEU A O   1 
ATOM   303  C  CB  . LEU A 1 40  ? -13.358 -2.194  -1.751  1.00 9.13  ? 196 LEU A CB  1 
ATOM   304  C  CG  . LEU A 1 40  ? -13.883 -1.198  -0.725  1.00 9.09  ? 196 LEU A CG  1 
ATOM   305  C  CD1 . LEU A 1 40  ? -12.853 -0.119  -0.466  1.00 13.47 ? 196 LEU A CD1 1 
ATOM   306  C  CD2 . LEU A 1 40  ? -15.188 -0.585  -1.201  1.00 17.17 ? 196 LEU A CD2 1 
ATOM   307  N  N   . HIS A 1 41  ? -13.287 -5.645  -2.681  1.00 8.36  ? 197 HIS A N   1 
ATOM   308  C  CA  . HIS A 1 41  ? -12.909 -6.602  -3.720  1.00 8.42  ? 197 HIS A CA  1 
ATOM   309  C  C   . HIS A 1 41  ? -11.534 -6.309  -4.309  1.00 9.50  ? 197 HIS A C   1 
ATOM   310  O  O   . HIS A 1 41  ? -11.271 -6.605  -5.475  1.00 10.87 ? 197 HIS A O   1 
ATOM   311  C  CB  . HIS A 1 41  ? -13.987 -6.753  -4.798  1.00 11.76 ? 197 HIS A CB  1 
ATOM   312  C  CG  . HIS A 1 41  ? -15.377 -6.804  -4.242  1.00 16.10 ? 197 HIS A CG  1 
ATOM   313  N  ND1 . HIS A 1 41  ? -15.834 -7.860  -3.484  1.00 19.21 ? 197 HIS A ND1 1 
ATOM   314  C  CD2 . HIS A 1 41  ? -16.399 -5.918  -4.308  1.00 16.31 ? 197 HIS A CD2 1 
ATOM   315  C  CE1 . HIS A 1 41  ? -17.082 -7.630  -3.118  1.00 18.69 ? 197 HIS A CE1 1 
ATOM   316  N  NE2 . HIS A 1 41  ? -17.449 -6.458  -3.608  1.00 21.76 ? 197 HIS A NE2 1 
ATOM   317  N  N   . GLY A 1 42  ? -10.651 -5.734  -3.501  1.00 6.44  ? 198 GLY A N   1 
ATOM   318  C  CA  . GLY A 1 42  ? -9.267  -5.563  -3.883  1.00 6.88  ? 198 GLY A CA  1 
ATOM   319  C  C   . GLY A 1 42  ? -8.357  -5.966  -2.750  1.00 5.83  ? 198 GLY A C   1 
ATOM   320  O  O   . GLY A 1 42  ? -8.788  -6.616  -1.795  1.00 7.45  ? 198 GLY A O   1 
ATOM   321  N  N   . ARG A 1 43  ? -7.095  -5.575  -2.837  1.00 5.67  ? 199 ARG A N   1 
ATOM   322  C  CA  . ARG A 1 43  ? -6.146  -5.809  -1.766  1.00 4.92  ? 199 ARG A CA  1 
ATOM   323  C  C   . ARG A 1 43  ? -5.343  -4.542  -1.577  1.00 5.05  ? 199 ARG A C   1 
ATOM   324  O  O   . ARG A 1 43  ? -5.238  -3.720  -2.484  1.00 4.94  ? 199 ARG A O   1 
ATOM   325  C  CB  . ARG A 1 43  ? -5.167  -6.934  -2.107  1.00 6.17  ? 199 ARG A CB  1 
ATOM   326  C  CG  . ARG A 1 43  ? -5.809  -8.278  -2.396  1.00 6.49  ? 199 ARG A CG  1 
ATOM   327  C  CD  . ARG A 1 43  ? -4.782  -9.390  -2.229  1.00 8.10  ? 199 ARG A CD  1 
ATOM   328  N  NE  . ARG A 1 43  ? -5.295  -10.706 -2.595  1.00 8.62  ? 199 ARG A NE  1 
ATOM   329  C  CZ  . ARG A 1 43  ? -5.134  -11.254 -3.792  1.00 8.58  ? 199 ARG A CZ  1 
ATOM   330  N  NH1 . ARG A 1 43  ? -4.474  -10.620 -4.745  1.00 8.89  ? 199 ARG A NH1 1 
ATOM   331  N  NH2 . ARG A 1 43  ? -5.640  -12.456 -4.028  1.00 8.97  ? 199 ARG A NH2 1 
ATOM   332  N  N   . LEU A 1 44  ? -4.744  -4.396  -0.401  1.00 4.14  ? 200 LEU A N   1 
ATOM   333  C  CA  . LEU A 1 44  ? -3.811  -3.294  -0.224  1.00 4.27  ? 200 LEU A CA  1 
ATOM   334  C  C   . LEU A 1 44  ? -2.768  -3.331  -1.334  1.00 4.57  ? 200 LEU A C   1 
ATOM   335  O  O   . LEU A 1 44  ? -2.307  -4.398  -1.744  1.00 5.06  ? 200 LEU A O   1 
ATOM   336  C  CB  . LEU A 1 44  ? -3.144  -3.370  1.144   1.00 4.80  ? 200 LEU A CB  1 
ATOM   337  C  CG  . LEU A 1 44  ? -3.982  -2.914  2.330   1.00 4.78  ? 200 LEU A CG  1 
ATOM   338  C  CD1 . LEU A 1 44  ? -3.313  -3.395  3.604   1.00 5.69  ? 200 LEU A CD1 1 
ATOM   339  C  CD2 . LEU A 1 44  ? -4.130  -1.402  2.344   1.00 6.30  ? 200 LEU A CD2 1 
ATOM   340  N  N   . VAL A 1 45  ? -2.405  -2.140  -1.809  1.00 4.23  ? 201 VAL A N   1 
ATOM   341  C  CA  . VAL A 1 45  ? -1.716  -1.989  -3.083  1.00 3.94  ? 201 VAL A CA  1 
ATOM   342  C  C   . VAL A 1 45  ? -0.340  -2.628  -3.067  1.00 4.16  ? 201 VAL A C   1 
ATOM   343  O  O   . VAL A 1 45  ? 0.405   -2.561  -2.081  1.00 4.20  ? 201 VAL A O   1 
ATOM   344  C  CB  . VAL A 1 45  ? -1.620  -0.496  -3.437  1.00 4.30  ? 201 VAL A CB  1 
ATOM   345  C  CG1 . VAL A 1 45  ? -0.771  0.267   -2.421  1.00 4.75  ? 201 VAL A CG1 1 
ATOM   346  C  CG2 . VAL A 1 45  ? -1.071  -0.296  -4.829  1.00 5.39  ? 201 VAL A CG2 1 
ATOM   347  N  N   . SER A 1 46  ? 0.007   -3.227  -4.195  1.00 4.03  ? 202 SER A N   1 
ATOM   348  C  CA  . SER A 1 46  ? 1.344   -3.738  -4.446  1.00 4.51  ? 202 SER A CA  1 
ATOM   349  C  C   . SER A 1 46  ? 2.005   -2.897  -5.526  1.00 4.52  ? 202 SER A C   1 
ATOM   350  O  O   . SER A 1 46  ? 1.352   -2.496  -6.493  1.00 6.11  ? 202 SER A O   1 
ATOM   351  C  CB  . SER A 1 46  ? 1.301   -5.194  -4.914  1.00 5.63  ? 202 SER A CB  1 
ATOM   352  O  OG  . SER A 1 46  ? 0.662   -6.039  -3.971  1.00 5.76  ? 202 SER A OG  1 
ATOM   353  N  N   . ILE A 1 47  ? 3.303   -2.635  -5.369  1.00 4.47  ? 203 ILE A N   1 
ATOM   354  C  CA  . ILE A 1 47  ? 3.990   -1.635  -6.178  1.00 4.22  ? 203 ILE A CA  1 
ATOM   355  C  C   . ILE A 1 47  ? 5.193   -2.278  -6.843  1.00 4.56  ? 203 ILE A C   1 
ATOM   356  O  O   . ILE A 1 47  ? 6.090   -2.782  -6.154  1.00 5.14  ? 203 ILE A O   1 
ATOM   357  C  CB  . ILE A 1 47  ? 4.423   -0.429  -5.339  1.00 4.57  ? 203 ILE A CB  1 
ATOM   358  C  CG1 . ILE A 1 47  ? 3.236   0.082   -4.517  1.00 4.76  ? 203 ILE A CG1 1 
ATOM   359  C  CG2 . ILE A 1 47  ? 4.983   0.649   -6.237  1.00 5.26  ? 203 ILE A CG2 1 
ATOM   360  C  CD1 . ILE A 1 47  ? 3.585   1.203   -3.563  1.00 5.63  ? 203 ILE A CD1 1 
ATOM   361  N  N   . HIS A 1 48  ? 5.241   -2.218  -8.176  1.00 4.65  ? 204 HIS A N   1 
ATOM   362  C  CA  . HIS A 1 48  ? 6.214   -3.005  -8.916  1.00 5.35  ? 204 HIS A CA  1 
ATOM   363  C  C   . HIS A 1 48  ? 6.973   -2.239  -9.987  1.00 5.42  ? 204 HIS A C   1 
ATOM   364  O  O   . HIS A 1 48  ? 7.676   -2.870  -10.784 1.00 7.34  ? 204 HIS A O   1 
ATOM   365  C  CB  . HIS A 1 48  ? 5.570   -4.263  -9.489  1.00 7.36  ? 204 HIS A CB  1 
ATOM   366  C  CG  . HIS A 1 48  ? 5.240   -5.264  -8.438  1.00 5.70  ? 204 HIS A CG  1 
ATOM   367  N  ND1 . HIS A 1 48  ? 6.208   -5.987  -7.775  1.00 7.27  ? 204 HIS A ND1 1 
ATOM   368  C  CD2 . HIS A 1 48  ? 4.057   -5.628  -7.892  1.00 7.44  ? 204 HIS A CD2 1 
ATOM   369  C  CE1 . HIS A 1 48  ? 5.633   -6.774  -6.884  1.00 7.11  ? 204 HIS A CE1 1 
ATOM   370  N  NE2 . HIS A 1 48  ? 4.329   -6.580  -6.940  1.00 7.33  ? 204 HIS A NE2 1 
ATOM   371  N  N   . SER A 1 49  ? 6.901   -0.915  -10.012 1.00 5.66  ? 205 SER A N   1 
ATOM   372  C  CA  . SER A 1 49  ? 7.660   -0.163  -10.997 1.00 7.16  ? 205 SER A CA  1 
ATOM   373  C  C   . SER A 1 49  ? 7.727   1.283   -10.548 1.00 6.02  ? 205 SER A C   1 
ATOM   374  O  O   . SER A 1 49  ? 6.870   1.744   -9.779  1.00 5.68  ? 205 SER A O   1 
ATOM   375  C  CB  . SER A 1 49  ? 7.007   -0.248  -12.383 1.00 6.97  ? 205 SER A CB  1 
ATOM   376  O  OG  . SER A 1 49  ? 5.790   0.471   -12.381 1.00 6.77  ? 205 SER A OG  1 
ATOM   377  N  N   . PRO A 1 50  ? 8.721   2.033   -11.024 1.00 5.87  ? 206 PRO A N   1 
ATOM   378  C  CA  . PRO A 1 50  ? 8.762   3.466   -10.714 1.00 5.76  ? 206 PRO A CA  1 
ATOM   379  C  C   . PRO A 1 50  ? 7.582   4.223   -11.275 1.00 6.26  ? 206 PRO A C   1 
ATOM   380  O  O   . PRO A 1 50  ? 7.162   5.210   -10.670 1.00 5.81  ? 206 PRO A O   1 
ATOM   381  C  CB  . PRO A 1 50  ? 10.089  3.928   -11.338 1.00 7.96  ? 206 PRO A CB  1 
ATOM   382  C  CG  . PRO A 1 50  ? 10.410  2.891   -12.362 1.00 11.30 ? 206 PRO A CG  1 
ATOM   383  C  CD  . PRO A 1 50  ? 9.888   1.602   -11.809 1.00 8.12  ? 206 PRO A CD  1 
ATOM   384  N  N   . GLU A 1 51  ? 7.033   3.794   -12.412 1.00 5.99  ? 207 GLU A N   1 
ATOM   385  C  CA  . GLU A 1 51  ? 5.884   4.499   -12.971 1.00 6.81  ? 207 GLU A CA  1 
ATOM   386  C  C   . GLU A 1 51  ? 4.659   4.318   -12.088 1.00 5.58  ? 207 GLU A C   1 
ATOM   387  O  O   . GLU A 1 51  ? 3.890   5.259   -11.876 1.00 6.19  ? 207 GLU A O   1 
ATOM   388  C  CB  . GLU A 1 51  ? 5.598   4.008   -14.394 1.00 10.92 ? 207 GLU A CB  1 
ATOM   389  C  CG  . GLU A 1 51  ? 6.715   4.269   -15.404 1.00 13.47 ? 207 GLU A CG  1 
ATOM   390  C  CD  . GLU A 1 51  ? 7.890   3.291   -15.303 1.00 14.67 ? 207 GLU A CD  1 
ATOM   391  O  OE1 . GLU A 1 51  ? 7.760   2.210   -14.681 1.00 10.48 ? 207 GLU A OE1 1 
ATOM   392  O  OE2 . GLU A 1 51  ? 8.963   3.617   -15.858 1.00 24.61 ? 207 GLU A OE2 1 
ATOM   393  N  N   . GLU A 1 52  ? 4.461   3.109   -11.575 1.00 5.42  ? 208 GLU A N   1 
ATOM   394  C  CA  . GLU A 1 52  ? 3.366   2.870   -10.649 1.00 5.61  ? 208 GLU A CA  1 
ATOM   395  C  C   . GLU A 1 52  ? 3.571   3.651   -9.360  1.00 5.09  ? 208 GLU A C   1 
ATOM   396  O  O   . GLU A 1 52  ? 2.632   4.262   -8.835  1.00 5.37  ? 208 GLU A O   1 
ATOM   397  C  CB  . GLU A 1 52  ? 3.251   1.374   -10.387 1.00 6.50  ? 208 GLU A CB  1 
ATOM   398  C  CG  . GLU A 1 52  ? 2.142   1.007   -9.447  1.00 7.64  ? 208 GLU A CG  1 
ATOM   399  C  CD  . GLU A 1 52  ? 1.915   -0.487  -9.383  1.00 6.77  ? 208 GLU A CD  1 
ATOM   400  O  OE1 . GLU A 1 52  ? 2.883   -1.264  -9.568  1.00 6.98  ? 208 GLU A OE1 1 
ATOM   401  O  OE2 . GLU A 1 52  ? 0.750   -0.877  -9.157  1.00 8.17  ? 208 GLU A OE2 1 
ATOM   402  N  N   . GLN A 1 53  ? 4.789   3.643   -8.831  1.00 4.66  ? 209 GLN A N   1 
ATOM   403  C  CA  . GLN A 1 53  ? 5.055   4.452   -7.648  1.00 4.55  ? 209 GLN A CA  1 
ATOM   404  C  C   . GLN A 1 53  ? 4.772   5.920   -7.911  1.00 4.20  ? 209 GLN A C   1 
ATOM   405  O  O   . GLN A 1 53  ? 4.205   6.610   -7.058  1.00 4.96  ? 209 GLN A O   1 
ATOM   406  C  CB  . GLN A 1 53  ? 6.502   4.287   -7.201  1.00 4.43  ? 209 GLN A CB  1 
ATOM   407  C  CG  . GLN A 1 53  ? 6.841   5.100   -5.962  1.00 5.10  ? 209 GLN A CG  1 
ATOM   408  C  CD  . GLN A 1 53  ? 6.037   4.658   -4.759  1.00 4.85  ? 209 GLN A CD  1 
ATOM   409  O  OE1 . GLN A 1 53  ? 6.147   3.522   -4.314  1.00 4.77  ? 209 GLN A OE1 1 
ATOM   410  N  NE2 . GLN A 1 53  ? 5.239   5.562   -4.213  1.00 5.41  ? 209 GLN A NE2 1 
ATOM   411  N  N   . ASP A 1 54  ? 5.180   6.422   -9.074  1.00 4.88  ? 210 ASP A N   1 
ATOM   412  C  CA  . ASP A 1 54  ? 4.937   7.827   -9.391  1.00 6.10  ? 210 ASP A CA  1 
ATOM   413  C  C   . ASP A 1 54  ? 3.448   8.152   -9.379  1.00 4.76  ? 210 ASP A C   1 
ATOM   414  O  O   . ASP A 1 54  ? 3.035   9.178   -8.827  1.00 6.28  ? 210 ASP A O   1 
ATOM   415  C  CB  . ASP A 1 54  ? 5.554   8.138   -10.755 1.00 8.18  ? 210 ASP A CB  1 
ATOM   416  C  CG  . ASP A 1 54  ? 5.250   9.540   -11.233 1.00 15.30 ? 210 ASP A CG  1 
ATOM   417  O  OD1 . ASP A 1 54  ? 5.825   10.488  -10.662 1.00 17.55 ? 210 ASP A OD1 1 
ATOM   418  O  OD2 . ASP A 1 54  ? 4.444   9.690   -12.181 1.00 16.01 ? 210 ASP A OD2 1 
ATOM   419  N  N   . PHE A 1 55  ? 2.630   7.286   -9.979  1.00 4.84  ? 211 PHE A N   1 
ATOM   420  C  CA  . PHE A 1 55  ? 1.182   7.453   -9.933  1.00 4.63  ? 211 PHE A CA  1 
ATOM   421  C  C   . PHE A 1 55  ? 0.694   7.575   -8.495  1.00 4.71  ? 211 PHE A C   1 
ATOM   422  O  O   . PHE A 1 55  ? -0.127  8.447   -8.176  1.00 4.92  ? 211 PHE A O   1 
ATOM   423  C  CB  . PHE A 1 55  ? 0.541   6.256   -10.641 1.00 5.51  ? 211 PHE A CB  1 
ATOM   424  C  CG  . PHE A 1 55  ? -0.936  6.146   -10.439 1.00 4.63  ? 211 PHE A CG  1 
ATOM   425  C  CD1 . PHE A 1 55  ? -1.451  5.305   -9.467  1.00 6.90  ? 211 PHE A CD1 1 
ATOM   426  C  CD2 . PHE A 1 55  ? -1.821  6.872   -11.221 1.00 5.55  ? 211 PHE A CD2 1 
ATOM   427  C  CE1 . PHE A 1 55  ? -2.807  5.189   -9.275  1.00 7.62  ? 211 PHE A CE1 1 
ATOM   428  C  CE2 . PHE A 1 55  ? -3.179  6.764   -11.030 1.00 6.21  ? 211 PHE A CE2 1 
ATOM   429  C  CZ  . PHE A 1 55  ? -3.671  5.920   -10.058 1.00 7.13  ? 211 PHE A CZ  1 
ATOM   430  N  N   . LEU A 1 56  ? 1.200   6.709   -7.611  1.00 4.32  ? 212 LEU A N   1 
ATOM   431  C  CA  . LEU A 1 56  ? 0.762   6.698   -6.217  1.00 4.76  ? 212 LEU A CA  1 
ATOM   432  C  C   . LEU A 1 56  ? 1.307   7.887   -5.444  1.00 3.95  ? 212 LEU A C   1 
ATOM   433  O  O   . LEU A 1 56  ? 0.578   8.507   -4.664  1.00 5.48  ? 212 LEU A O   1 
ATOM   434  C  CB  . LEU A 1 56  ? 1.207   5.399   -5.558  1.00 5.38  ? 212 LEU A CB  1 
ATOM   435  C  CG  . LEU A 1 56  ? 0.542   4.153   -6.139  1.00 5.41  ? 212 LEU A CG  1 
ATOM   436  C  CD1 . LEU A 1 56  ? 1.210   2.910   -5.610  1.00 6.70  ? 212 LEU A CD1 1 
ATOM   437  C  CD2 . LEU A 1 56  ? -0.951  4.153   -5.820  1.00 7.03  ? 212 LEU A CD2 1 
ATOM   438  N  N   . THR A 1 57  ? 2.595   8.194   -5.615  1.00 4.79  ? 213 THR A N   1 
ATOM   439  C  CA  . THR A 1 57  ? 3.191   9.325   -4.915  1.00 5.60  ? 213 THR A CA  1 
ATOM   440  C  C   . THR A 1 57  ? 2.425   10.603  -5.183  1.00 5.48  ? 213 THR A C   1 
ATOM   441  O  O   . THR A 1 57  ? 2.148   11.379  -4.263  1.00 6.30  ? 213 THR A O   1 
ATOM   442  C  CB  . THR A 1 57  ? 4.625   9.500   -5.390  1.00 5.96  ? 213 THR A CB  1 
ATOM   443  O  OG1 . THR A 1 57  ? 5.403   8.422   -4.879  1.00 6.66  ? 213 THR A OG1 1 
ATOM   444  C  CG2 . THR A 1 57  ? 5.217   10.825  -4.925  1.00 7.36  ? 213 THR A CG2 1 
ATOM   445  N  N   . LYS A 1 58  ? 2.057   10.832  -6.438  1.00 5.14  ? 214 LYS A N   1 
ATOM   446  C  CA  A LYS A 1 58  ? 1.361   12.059  -6.806  0.50 5.40  ? 214 LYS A CA  1 
ATOM   447  C  CA  B LYS A 1 58  ? 1.381   12.076  -6.766  0.50 5.42  ? 214 LYS A CA  1 
ATOM   448  C  C   . LYS A 1 58  ? 0.016   12.178  -6.109  1.00 5.08  ? 214 LYS A C   1 
ATOM   449  O  O   . LYS A 1 58  ? -0.449  13.293  -5.854  1.00 6.46  ? 214 LYS A O   1 
ATOM   450  C  CB  A LYS A 1 58  ? 1.175   12.101  -8.322  0.50 5.93  ? 214 LYS A CB  1 
ATOM   451  C  CB  B LYS A 1 58  ? 1.289   12.238  -8.280  0.50 6.46  ? 214 LYS A CB  1 
ATOM   452  C  CG  A LYS A 1 58  ? 2.465   12.390  -9.062  0.50 8.72  ? 214 LYS A CG  1 
ATOM   453  C  CG  B LYS A 1 58  ? 2.642   12.517  -8.902  0.50 8.59  ? 214 LYS A CG  1 
ATOM   454  C  CD  A LYS A 1 58  ? 2.339   12.166  -10.560 0.50 8.74  ? 214 LYS A CD  1 
ATOM   455  C  CD  B LYS A 1 58  ? 2.555   12.693  -10.404 0.50 10.87 ? 214 LYS A CD  1 
ATOM   456  C  CE  A LYS A 1 58  ? 3.600   12.622  -11.281 0.50 10.55 ? 214 LYS A CE  1 
ATOM   457  C  CE  B LYS A 1 58  ? 1.999   11.449  -11.067 0.50 12.29 ? 214 LYS A CE  1 
ATOM   458  N  NZ  A LYS A 1 58  ? 3.643   12.226  -12.716 0.50 11.88 ? 214 LYS A NZ  1 
ATOM   459  N  NZ  B LYS A 1 58  ? 2.164   11.485  -12.550 0.50 11.31 ? 214 LYS A NZ  1 
ATOM   460  N  N   . ARG A 1 59  ? -0.604  11.050  -5.782  1.00 4.72  ? 215 ARG A N   1 
ATOM   461  C  CA  . ARG A 1 59  ? -1.970  11.001  -5.283  1.00 5.46  ? 215 ARG A CA  1 
ATOM   462  C  C   . ARG A 1 59  ? -2.048  10.630  -3.815  1.00 5.82  ? 215 ARG A C   1 
ATOM   463  O  O   . ARG A 1 59  ? -3.156  10.482  -3.283  1.00 5.47  ? 215 ARG A O   1 
ATOM   464  C  CB  . ARG A 1 59  ? -2.761  10.000  -6.121  1.00 5.60  ? 215 ARG A CB  1 
ATOM   465  C  CG  . ARG A 1 59  ? -2.927  10.476  -7.542  1.00 5.64  ? 215 ARG A CG  1 
ATOM   466  C  CD  . ARG A 1 59  ? -3.360  9.369   -8.467  1.00 5.51  ? 215 ARG A CD  1 
ATOM   467  N  NE  . ARG A 1 59  ? -3.591  9.860   -9.821  1.00 6.02  ? 215 ARG A NE  1 
ATOM   468  C  CZ  . ARG A 1 59  ? -2.644  10.118  -10.708 1.00 6.03  ? 215 ARG A CZ  1 
ATOM   469  N  NH1 . ARG A 1 59  ? -1.366  9.952   -10.396 1.00 5.85  ? 215 ARG A NH1 1 
ATOM   470  N  NH2 . ARG A 1 59  ? -2.983  10.554  -11.911 1.00 6.75  ? 215 ARG A NH2 1 
ATOM   471  N  N   . ALA A 1 60  ? -0.909  10.501  -3.147  1.00 5.53  ? 216 ALA A N   1 
ATOM   472  C  CA  . ALA A 1 60  ? -0.867  9.929   -1.813  1.00 5.90  ? 216 ALA A CA  1 
ATOM   473  C  C   . ALA A 1 60  ? -1.404  10.899  -0.767  1.00 5.61  ? 216 ALA A C   1 
ATOM   474  O  O   . ALA A 1 60  ? -1.272  12.118  -0.879  1.00 6.15  ? 216 ALA A O   1 
ATOM   475  C  CB  . ALA A 1 60  ? 0.572   9.546   -1.461  1.00 9.62  ? 216 ALA A CB  1 
ATOM   476  N  N   . ASN A 1 61  ? -1.977  10.324  0.281   1.00 4.78  ? 217 ASN A N   1 
ATOM   477  C  CA  . ASN A 1 61  ? -2.439  11.095  1.422   1.00 3.92  ? 217 ASN A CA  1 
ATOM   478  C  C   . ASN A 1 61  ? -1.238  11.667  2.163   1.00 4.10  ? 217 ASN A C   1 
ATOM   479  O  O   . ASN A 1 61  ? -0.310  10.942  2.526   1.00 4.31  ? 217 ASN A O   1 
ATOM   480  C  CB  . ASN A 1 61  ? -3.247  10.168  2.323   1.00 4.74  ? 217 ASN A CB  1 
ATOM   481  C  CG  . ASN A 1 61  ? -3.974  10.906  3.426   1.00 5.51  ? 217 ASN A CG  1 
ATOM   482  O  OD1 . ASN A 1 61  ? -3.389  11.722  4.140   1.00 4.61  ? 217 ASN A OD1 1 
ATOM   483  N  ND2 . ASN A 1 61  ? -5.267  10.624  3.571   1.00 6.06  ? 217 ASN A ND2 1 
ATOM   484  N  N   . TRP A 1 62  ? -1.250  12.982  2.381   1.00 4.39  ? 218 TRP A N   1 
ATOM   485  C  CA  . TRP A 1 62  ? -0.089  13.635  2.964   1.00 4.70  ? 218 TRP A CA  1 
ATOM   486  C  C   . TRP A 1 62  ? 0.141   13.256  4.414   1.00 5.34  ? 218 TRP A C   1 
ATOM   487  O  O   . TRP A 1 62  ? 1.223   13.528  4.938   1.00 6.69  ? 218 TRP A O   1 
ATOM   488  C  CB  . TRP A 1 62  ? -0.208  15.145  2.804   1.00 4.79  ? 218 TRP A CB  1 
ATOM   489  C  CG  . TRP A 1 62  ? -0.064  15.562  1.386   1.00 5.12  ? 218 TRP A CG  1 
ATOM   490  C  CD1 . TRP A 1 62  ? 0.299   14.770  0.336   1.00 7.32  ? 218 TRP A CD1 1 
ATOM   491  C  CD2 . TRP A 1 62  ? -0.279  16.868  0.847   1.00 5.18  ? 218 TRP A CD2 1 
ATOM   492  N  NE1 . TRP A 1 62  ? 0.328   15.502  -0.824  1.00 7.02  ? 218 TRP A NE1 1 
ATOM   493  C  CE2 . TRP A 1 62  ? -0.033  16.791  -0.536  1.00 6.26  ? 218 TRP A CE2 1 
ATOM   494  C  CE3 . TRP A 1 62  ? -0.673  18.092  1.396   1.00 6.59  ? 218 TRP A CE3 1 
ATOM   495  C  CZ2 . TRP A 1 62  ? -0.154  17.893  -1.374  1.00 7.03  ? 218 TRP A CZ2 1 
ATOM   496  C  CZ3 . TRP A 1 62  ? -0.802  19.180  0.558   1.00 8.32  ? 218 TRP A CZ3 1 
ATOM   497  C  CH2 . TRP A 1 62  ? -0.541  19.073  -0.807  1.00 7.73  ? 218 TRP A CH2 1 
ATOM   498  N  N   . ARG A 1 63  ? -0.825  12.632  5.065   1.00 4.45  ? 219 ARG A N   1 
ATOM   499  C  CA  . ARG A 1 63  ? -0.617  12.140  6.415   1.00 5.58  ? 219 ARG A CA  1 
ATOM   500  C  C   . ARG A 1 63  ? -0.187  10.679  6.454   1.00 5.94  ? 219 ARG A C   1 
ATOM   501  O  O   . ARG A 1 63  ? -0.055  10.116  7.546   1.00 8.15  ? 219 ARG A O   1 
ATOM   502  C  CB  . ARG A 1 63  ? -1.862  12.384  7.270   1.00 6.15  ? 219 ARG A CB  1 
ATOM   503  C  CG  . ARG A 1 63  ? -2.088  13.877  7.534   1.00 6.85  ? 219 ARG A CG  1 
ATOM   504  C  CD  . ARG A 1 63  ? -3.217  14.118  8.510   1.00 8.77  ? 219 ARG A CD  1 
ATOM   505  N  NE  . ARG A 1 63  ? -4.501  13.679  7.980   1.00 8.24  ? 219 ARG A NE  1 
ATOM   506  C  CZ  . ARG A 1 63  ? -5.594  13.545  8.719   1.00 10.44 ? 219 ARG A CZ  1 
ATOM   507  N  NH1 . ARG A 1 63  ? -5.552  13.814  10.019  1.00 11.39 ? 219 ARG A NH1 1 
ATOM   508  N  NH2 . ARG A 1 63  ? -6.725  13.142  8.171   1.00 10.74 ? 219 ARG A NH2 1 
ATOM   509  N  N   . GLY A 1 64  ? 0.045   10.055  5.311   1.00 4.25  ? 220 GLY A N   1 
ATOM   510  C  CA  . GLY A 1 64  ? 0.524   8.689   5.299   1.00 3.90  ? 220 GLY A CA  1 
ATOM   511  C  C   . GLY A 1 64  ? -0.592  7.711   4.995   1.00 5.06  ? 220 GLY A C   1 
ATOM   512  O  O   . GLY A 1 64  ? -1.770  7.961   5.266   1.00 6.12  ? 220 GLY A O   1 
ATOM   513  N  N   . SER A 1 65  ? -0.223  6.575   4.418   1.00 4.07  ? 221 SER A N   1 
ATOM   514  C  CA  . SER A 1 65  ? -1.232  5.610   4.020   1.00 4.28  ? 221 SER A CA  1 
ATOM   515  C  C   . SER A 1 65  ? -0.650  4.209   4.001   1.00 3.79  ? 221 SER A C   1 
ATOM   516  O  O   . SER A 1 65  ? 0.509   4.003   3.635   1.00 4.64  ? 221 SER A O   1 
ATOM   517  C  CB  . SER A 1 65  ? -1.809  5.943   2.644   1.00 6.13  ? 221 SER A CB  1 
ATOM   518  O  OG  . SER A 1 65  ? -0.802  6.115   1.673   1.00 5.97  ? 221 SER A OG  1 
ATOM   519  N  N   . TRP A 1 66  ? -1.479  3.235   4.338   1.00 4.14  ? 222 TRP A N   1 
ATOM   520  C  CA  . TRP A 1 66  ? -1.026  1.853   4.318   1.00 3.76  ? 222 TRP A CA  1 
ATOM   521  C  C   . TRP A 1 66  ? -0.932  1.327   2.895   1.00 3.70  ? 222 TRP A C   1 
ATOM   522  O  O   . TRP A 1 66  ? -1.756  1.660   2.040   1.00 4.28  ? 222 TRP A O   1 
ATOM   523  C  CB  . TRP A 1 66  ? -1.996  0.967   5.079   1.00 4.80  ? 222 TRP A CB  1 
ATOM   524  C  CG  . TRP A 1 66  ? -2.013  1.167   6.549   1.00 4.32  ? 222 TRP A CG  1 
ATOM   525  C  CD1 . TRP A 1 66  ? -3.088  1.526   7.311   1.00 5.62  ? 222 TRP A CD1 1 
ATOM   526  C  CD2 . TRP A 1 66  ? -0.918  0.992   7.453   1.00 4.14  ? 222 TRP A CD2 1 
ATOM   527  N  NE1 . TRP A 1 66  ? -2.729  1.586   8.631   1.00 5.72  ? 222 TRP A NE1 1 
ATOM   528  C  CE2 . TRP A 1 66  ? -1.402  1.270   8.747   1.00 5.33  ? 222 TRP A CE2 1 
ATOM   529  C  CE3 . TRP A 1 66  ? 0.429   0.645   7.293   1.00 4.54  ? 222 TRP A CE3 1 
ATOM   530  C  CZ2 . TRP A 1 66  ? -0.596  1.189   9.876   1.00 6.60  ? 222 TRP A CZ2 1 
ATOM   531  C  CZ3 . TRP A 1 66  ? 1.230   0.568   8.418   1.00 5.43  ? 222 TRP A CZ3 1 
ATOM   532  C  CH2 . TRP A 1 66  ? 0.711   0.838   9.694   1.00 6.16  ? 222 TRP A CH2 1 
ATOM   533  N  N   . ILE A 1 67  ? 0.066   0.479   2.654   1.00 3.47  ? 223 ILE A N   1 
ATOM   534  C  CA  . ILE A 1 67  ? 0.180   -0.262  1.407   1.00 3.75  ? 223 ILE A CA  1 
ATOM   535  C  C   . ILE A 1 67  ? 0.272   -1.754  1.713   1.00 3.04  ? 223 ILE A C   1 
ATOM   536  O  O   . ILE A 1 67  ? 0.335   -2.171  2.864   1.00 4.00  ? 223 ILE A O   1 
ATOM   537  C  CB  . ILE A 1 67  ? 1.352   0.216   0.530   1.00 3.87  ? 223 ILE A CB  1 
ATOM   538  C  CG1 . ILE A 1 67  ? 2.698   -0.065  1.199   1.00 4.79  ? 223 ILE A CG1 1 
ATOM   539  C  CG2 . ILE A 1 67  ? 1.199   1.698   0.209   1.00 4.79  ? 223 ILE A CG2 1 
ATOM   540  C  CD1 . ILE A 1 67  ? 3.895   0.182   0.288   1.00 5.88  ? 223 ILE A CD1 1 
ATOM   541  N  N   . GLY A 1 68  ? 0.241   -2.556  0.658   1.00 3.62  ? 224 GLY A N   1 
ATOM   542  C  CA  . GLY A 1 68  ? 0.144   -3.995  0.814   1.00 4.38  ? 224 GLY A CA  1 
ATOM   543  C  C   . GLY A 1 68  ? 1.472   -4.706  0.924   1.00 4.33  ? 224 GLY A C   1 
ATOM   544  O  O   . GLY A 1 68  ? 1.744   -5.640  0.173   1.00 5.08  ? 224 GLY A O   1 
ATOM   545  N  N   . LEU A 1 69  ? 2.303   -4.286  1.867   1.00 4.02  ? 225 LEU A N   1 
ATOM   546  C  CA  . LEU A 1 69  ? 3.639   -4.825  2.027   1.00 3.68  ? 225 LEU A CA  1 
ATOM   547  C  C   . LEU A 1 69  ? 3.857   -5.008  3.512   1.00 3.49  ? 225 LEU A C   1 
ATOM   548  O  O   . LEU A 1 69  ? 3.522   -4.122  4.302   1.00 4.77  ? 225 LEU A O   1 
ATOM   549  C  CB  . LEU A 1 69  ? 4.663   -3.854  1.440   1.00 3.98  ? 225 LEU A CB  1 
ATOM   550  C  CG  . LEU A 1 69  ? 6.110   -4.331  1.389   1.00 4.47  ? 225 LEU A CG  1 
ATOM   551  C  CD1 . LEU A 1 69  ? 6.280   -5.543  0.483   1.00 5.56  ? 225 LEU A CD1 1 
ATOM   552  C  CD2 . LEU A 1 69  ? 7.005   -3.200  0.926   1.00 5.31  ? 225 LEU A CD2 1 
ATOM   553  N  N   . ARG A 1 70  ? 4.384   -6.162  3.899   1.00 4.19  ? 226 ARG A N   1 
ATOM   554  C  CA  . ARG A 1 70  ? 4.535   -6.453  5.314   1.00 5.03  ? 226 ARG A CA  1 
ATOM   555  C  C   . ARG A 1 70  ? 5.580   -7.541  5.477   1.00 5.53  ? 226 ARG A C   1 
ATOM   556  O  O   . ARG A 1 70  ? 5.775   -8.364  4.580   1.00 6.49  ? 226 ARG A O   1 
ATOM   557  C  CB  . ARG A 1 70  ? 3.202   -6.863  5.963   1.00 8.34  ? 226 ARG A CB  1 
ATOM   558  C  CG  . ARG A 1 70  ? 2.700   -8.254  5.634   1.00 11.29 ? 226 ARG A CG  1 
ATOM   559  C  CD  . ARG A 1 70  ? 2.229   -8.363  4.199   1.00 12.44 ? 226 ARG A CD  1 
ATOM   560  N  NE  . ARG A 1 70  ? 1.117   -9.292  4.087   1.00 12.77 ? 226 ARG A NE  1 
ATOM   561  C  CZ  . ARG A 1 70  ? 0.742   -9.872  2.954   1.00 17.79 ? 226 ARG A CZ  1 
ATOM   562  N  NH1 . ARG A 1 70  ? 1.400   -9.627  1.828   1.00 14.53 ? 226 ARG A NH1 1 
ATOM   563  N  NH2 . ARG A 1 70  ? -0.291  -10.700 2.950   1.00 16.23 ? 226 ARG A NH2 1 
ATOM   564  N  N   . ASP A 1 71  ? 6.254   -7.534  6.621   1.00 4.96  ? 227 ASP A N   1 
ATOM   565  C  CA  . ASP A 1 71  ? 7.159   -8.617  6.996   1.00 4.82  ? 227 ASP A CA  1 
ATOM   566  C  C   . ASP A 1 71  ? 6.652   -9.319  8.246   1.00 6.68  ? 227 ASP A C   1 
ATOM   567  O  O   . ASP A 1 71  ? 7.425   -9.767  9.091   1.00 9.12  ? 227 ASP A O   1 
ATOM   568  C  CB  . ASP A 1 71  ? 8.626   -8.173  7.086   1.00 5.92  ? 227 ASP A CB  1 
ATOM   569  C  CG  . ASP A 1 71  ? 8.930   -7.275  8.290   1.00 6.07  ? 227 ASP A CG  1 
ATOM   570  O  OD1 . ASP A 1 71  ? 8.035   -6.605  8.821   1.00 6.49  ? 227 ASP A OD1 1 
ATOM   571  O  OD2 . ASP A 1 71  ? 10.106  -7.236  8.722   1.00 6.57  ? 227 ASP A OD2 1 
ATOM   572  N  N   . LEU A 1 72  ? 5.327   -9.439  8.341   1.00 6.88  ? 228 LEU A N   1 
ATOM   573  C  CA  . LEU A 1 72  ? 4.690   -10.037 9.509   1.00 8.80  ? 228 LEU A CA  1 
ATOM   574  C  C   . LEU A 1 72  ? 5.104   -11.486 9.705   1.00 10.15 ? 228 LEU A C   1 
ATOM   575  O  O   . LEU A 1 72  ? 5.325   -11.925 10.838  1.00 11.47 ? 228 LEU A O   1 
ATOM   576  C  CB  . LEU A 1 72  ? 3.174   -9.941  9.371   1.00 9.33  ? 228 LEU A CB  1 
ATOM   577  C  CG  . LEU A 1 72  ? 2.607   -8.595  9.793   1.00 8.43  ? 228 LEU A CG  1 
ATOM   578  C  CD1 . LEU A 1 72  ? 1.185   -8.425  9.298   1.00 10.33 ? 228 LEU A CD1 1 
ATOM   579  C  CD2 . LEU A 1 72  ? 2.669   -8.482  11.303  1.00 9.98  ? 228 LEU A CD2 1 
ATOM   580  N  N   . ASP A 1 73  ? 5.206   -12.252 8.622   1.00 10.83 ? 229 ASP A N   1 
ATOM   581  C  CA  . ASP A 1 73  ? 5.465   -13.680 8.767   1.00 14.18 ? 229 ASP A CA  1 
ATOM   582  C  C   . ASP A 1 73  ? 6.901   -13.942 9.194   1.00 17.90 ? 229 ASP A C   1 
ATOM   583  O  O   . ASP A 1 73  ? 7.154   -14.599 10.213  1.00 18.86 ? 229 ASP A O   1 
ATOM   584  C  CB  . ASP A 1 73  ? 5.126   -14.401 7.465   1.00 19.12 ? 229 ASP A CB  1 
ATOM   585  C  CG  . ASP A 1 73  ? 3.641   -14.399 7.186   1.00 22.62 ? 229 ASP A CG  1 
ATOM   586  O  OD1 . ASP A 1 73  ? 2.872   -14.698 8.126   1.00 24.37 ? 229 ASP A OD1 1 
ATOM   587  O  OD2 . ASP A 1 73  ? 3.240   -14.078 6.045   1.00 26.91 ? 229 ASP A OD2 1 
ATOM   588  N  N   . ILE A 1 74  ? 7.859   -13.430 8.429   1.00 13.58 ? 230 ILE A N   1 
ATOM   589  C  CA  . ILE A 1 74  ? 9.272   -13.587 8.731   1.00 12.59 ? 230 ILE A CA  1 
ATOM   590  C  C   . ILE A 1 74  ? 9.885   -12.201 8.700   1.00 11.39 ? 230 ILE A C   1 
ATOM   591  O  O   . ILE A 1 74  ? 9.807   -11.512 7.673   1.00 9.80  ? 230 ILE A O   1 
ATOM   592  C  CB  . ILE A 1 74  ? 9.980   -14.506 7.726   1.00 13.86 ? 230 ILE A CB  1 
ATOM   593  C  CG1 . ILE A 1 74  ? 9.333   -15.891 7.718   1.00 15.85 ? 230 ILE A CG1 1 
ATOM   594  C  CG2 . ILE A 1 74  ? 11.460  -14.605 8.069   1.00 16.42 ? 230 ILE A CG2 1 
ATOM   595  C  CD1 . ILE A 1 74  ? 9.611   -16.701 8.969   1.00 21.73 ? 230 ILE A CD1 1 
ATOM   596  N  N   . GLU A 1 75  ? 10.484  -11.794 9.816   1.00 10.99 ? 231 GLU A N   1 
ATOM   597  C  CA  . GLU A 1 75  ? 11.077  -10.470 9.912   1.00 11.42 ? 231 GLU A CA  1 
ATOM   598  C  C   . GLU A 1 75  ? 12.092  -10.263 8.799   1.00 10.23 ? 231 GLU A C   1 
ATOM   599  O  O   . GLU A 1 75  ? 12.922  -11.138 8.521   1.00 11.02 ? 231 GLU A O   1 
ATOM   600  C  CB  . GLU A 1 75  ? 11.761  -10.308 11.267  1.00 12.26 ? 231 GLU A CB  1 
ATOM   601  C  CG  . GLU A 1 75  ? 12.473  -8.977  11.447  1.00 12.93 ? 231 GLU A CG  1 
ATOM   602  C  CD  . GLU A 1 75  ? 11.528  -7.791  11.356  1.00 7.35  ? 231 GLU A CD  1 
ATOM   603  O  OE1 . GLU A 1 75  ? 10.325  -7.949  11.663  1.00 9.09  ? 231 GLU A OE1 1 
ATOM   604  O  OE2 . GLU A 1 75  ? 11.998  -6.706  10.979  1.00 8.19  ? 231 GLU A OE2 1 
ATOM   605  N  N   . GLY A 1 76  ? 12.015  -9.104  8.155   1.00 9.23  ? 232 GLY A N   1 
ATOM   606  C  CA  . GLY A 1 76  ? 12.916  -8.754  7.089   1.00 9.84  ? 232 GLY A CA  1 
ATOM   607  C  C   . GLY A 1 76  ? 12.603  -9.396  5.759   1.00 7.73  ? 232 GLY A C   1 
ATOM   608  O  O   . GLY A 1 76  ? 13.286  -9.102  4.775   1.00 9.66  ? 232 GLY A O   1 
ATOM   609  N  N   . GLU A 1 77  ? 11.609  -10.269 5.693   1.00 7.76  ? 233 GLU A N   1 
ATOM   610  C  CA  . GLU A 1 77  ? 11.168  -10.879 4.440   1.00 8.86  ? 233 GLU A CA  1 
ATOM   611  C  C   . GLU A 1 77  ? 9.839   -10.233 4.087   1.00 8.50  ? 233 GLU A C   1 
ATOM   612  O  O   . GLU A 1 77  ? 8.787   -10.649 4.575   1.00 9.34  ? 233 GLU A O   1 
ATOM   613  C  CB  . GLU A 1 77  ? 11.024  -12.389 4.586   1.00 10.53 ? 233 GLU A CB  1 
ATOM   614  C  CG  . GLU A 1 77  ? 12.341  -13.095 4.842   1.00 15.04 ? 233 GLU A CG  1 
ATOM   615  C  CD  . GLU A 1 77  ? 12.247  -14.604 4.702   1.00 23.11 ? 233 GLU A CD  1 
ATOM   616  O  OE1 . GLU A 1 77  ? 11.165  -15.112 4.334   1.00 23.44 ? 233 GLU A OE1 1 
ATOM   617  O  OE2 . GLU A 1 77  ? 13.261  -15.284 4.969   1.00 23.65 ? 233 GLU A OE2 1 
ATOM   618  N  N   . PHE A 1 78  ? 9.884   -9.201  3.262   1.00 8.73  ? 234 PHE A N   1 
ATOM   619  C  CA  . PHE A 1 78  ? 8.660   -8.499  2.933   1.00 7.16  ? 234 PHE A CA  1 
ATOM   620  C  C   . PHE A 1 78  ? 7.909   -9.243  1.849   1.00 7.05  ? 234 PHE A C   1 
ATOM   621  O  O   . PHE A 1 78  ? 8.506   -9.844  0.954   1.00 8.24  ? 234 PHE A O   1 
ATOM   622  C  CB  . PHE A 1 78  ? 8.952   -7.054  2.541   1.00 6.90  ? 234 PHE A CB  1 
ATOM   623  C  CG  . PHE A 1 78  ? 9.308   -6.210  3.714   1.00 6.71  ? 234 PHE A CG  1 
ATOM   624  C  CD1 . PHE A 1 78  ? 10.619  -6.118  4.148   1.00 7.90  ? 234 PHE A CD1 1 
ATOM   625  C  CD2 . PHE A 1 78  ? 8.320   -5.582  4.442   1.00 7.08  ? 234 PHE A CD2 1 
ATOM   626  C  CE1 . PHE A 1 78  ? 10.937  -5.376  5.261   1.00 8.12  ? 234 PHE A CE1 1 
ATOM   627  C  CE2 . PHE A 1 78  ? 8.632   -4.840  5.553   1.00 7.59  ? 234 PHE A CE2 1 
ATOM   628  C  CZ  . PHE A 1 78  ? 9.948   -4.741  5.965   1.00 7.72  ? 234 PHE A CZ  1 
ATOM   629  N  N   . ILE A 1 79  ? 6.591   -9.227  1.954   1.00 5.60  ? 235 ILE A N   1 
ATOM   630  C  CA  . ILE A 1 79  ? 5.728   -9.927  1.019   1.00 6.22  ? 235 ILE A CA  1 
ATOM   631  C  C   . ILE A 1 79  ? 4.676   -8.941  0.555   1.00 4.85  ? 235 ILE A C   1 
ATOM   632  O  O   . ILE A 1 79  ? 4.060   -8.250  1.375   1.00 5.20  ? 235 ILE A O   1 
ATOM   633  C  CB  . ILE A 1 79  ? 5.065   -11.161 1.663   1.00 7.22  ? 235 ILE A CB  1 
ATOM   634  C  CG1 . ILE A 1 79  ? 6.125   -12.144 2.165   1.00 10.44 ? 235 ILE A CG1 1 
ATOM   635  C  CG2 . ILE A 1 79  ? 4.118   -11.838 0.687   1.00 10.03 ? 235 ILE A CG2 1 
ATOM   636  C  CD1 . ILE A 1 79  ? 5.553   -13.320 2.928   1.00 16.70 ? 235 ILE A CD1 1 
ATOM   637  N  N   . TRP A 1 80  ? 4.465   -8.882  -0.753  1.00 4.11  ? 236 TRP A N   1 
ATOM   638  C  CA  . TRP A 1 80  ? 3.401   -8.076  -1.322  1.00 5.14  ? 236 TRP A CA  1 
ATOM   639  C  C   . TRP A 1 80  ? 2.070   -8.801  -1.258  1.00 4.33  ? 236 TRP A C   1 
ATOM   640  O  O   . TRP A 1 80  ? 1.997   -10.028 -1.328  1.00 5.03  ? 236 TRP A O   1 
ATOM   641  C  CB  . TRP A 1 80  ? 3.670   -7.811  -2.800  1.00 4.95  ? 236 TRP A CB  1 
ATOM   642  C  CG  . TRP A 1 80  ? 4.733   -6.803  -3.050  1.00 4.28  ? 236 TRP A CG  1 
ATOM   643  C  CD1 . TRP A 1 80  ? 5.953   -7.015  -3.614  1.00 5.05  ? 236 TRP A CD1 1 
ATOM   644  C  CD2 . TRP A 1 80  ? 4.657   -5.408  -2.763  1.00 4.56  ? 236 TRP A CD2 1 
ATOM   645  N  NE1 . TRP A 1 80  ? 6.648   -5.831  -3.691  1.00 4.99  ? 236 TRP A NE1 1 
ATOM   646  C  CE2 . TRP A 1 80  ? 5.869   -4.829  -3.176  1.00 4.50  ? 236 TRP A CE2 1 
ATOM   647  C  CE3 . TRP A 1 80  ? 3.682   -4.592  -2.190  1.00 4.47  ? 236 TRP A CE3 1 
ATOM   648  C  CZ2 . TRP A 1 80  ? 6.138   -3.476  -3.020  1.00 4.69  ? 236 TRP A CZ2 1 
ATOM   649  C  CZ3 . TRP A 1 80  ? 3.940   -3.247  -2.044  1.00 4.97  ? 236 TRP A CZ3 1 
ATOM   650  C  CH2 . TRP A 1 80  ? 5.160   -2.702  -2.451  1.00 4.84  ? 236 TRP A CH2 1 
ATOM   651  N  N   . MET A 1 81  ? 1.001   -8.012  -1.193  1.00 4.73  ? 237 MET A N   1 
ATOM   652  C  CA  A MET A 1 81  ? -0.340  -8.571  -1.291  0.50 5.64  ? 237 MET A CA  1 
ATOM   653  C  CA  B MET A 1 81  ? -0.341  -8.571  -1.291  0.50 5.64  ? 237 MET A CA  1 
ATOM   654  C  C   . MET A 1 81  ? -0.534  -9.357  -2.579  1.00 5.72  ? 237 MET A C   1 
ATOM   655  O  O   . MET A 1 81  ? -1.302  -10.326 -2.601  1.00 6.75  ? 237 MET A O   1 
ATOM   656  C  CB  A MET A 1 81  ? -1.363  -7.445  -1.197  0.50 5.99  ? 237 MET A CB  1 
ATOM   657  C  CB  B MET A 1 81  ? -1.375  -7.450  -1.213  0.50 6.00  ? 237 MET A CB  1 
ATOM   658  C  CG  A MET A 1 81  ? -1.656  -7.038  0.219   0.50 6.09  ? 237 MET A CG  1 
ATOM   659  C  CG  B MET A 1 81  ? -2.234  -7.495  0.025   0.50 8.58  ? 237 MET A CG  1 
ATOM   660  S  SD  A MET A 1 81  ? -2.524  -8.387  1.015   0.50 5.81  ? 237 MET A SD  1 
ATOM   661  S  SD  B MET A 1 81  ? -1.282  -7.274  1.540   0.50 7.81  ? 237 MET A SD  1 
ATOM   662  C  CE  A MET A 1 81  ? -2.662  -7.767  2.684   0.50 9.09  ? 237 MET A CE  1 
ATOM   663  C  CE  B MET A 1 81  ? -2.551  -7.642  2.745   0.50 9.35  ? 237 MET A CE  1 
ATOM   664  N  N   . ASP A 1 82  ? 0.126   -8.955  -3.657  1.00 5.32  ? 238 ASP A N   1 
ATOM   665  C  CA  . ASP A 1 82  ? -0.018  -9.679  -4.913  1.00 6.16  ? 238 ASP A CA  1 
ATOM   666  C  C   . ASP A 1 82  ? 0.949   -10.849 -5.042  1.00 5.36  ? 238 ASP A C   1 
ATOM   667  O  O   . ASP A 1 82  ? 0.938   -11.541 -6.066  1.00 6.72  ? 238 ASP A O   1 
ATOM   668  C  CB  . ASP A 1 82  ? 0.048   -8.734  -6.127  1.00 7.11  ? 238 ASP A CB  1 
ATOM   669  C  CG  . ASP A 1 82  ? 1.442   -8.172  -6.406  1.00 6.62  ? 238 ASP A CG  1 
ATOM   670  O  OD1 . ASP A 1 82  ? 2.431   -8.489  -5.710  1.00 5.99  ? 238 ASP A OD1 1 
ATOM   671  O  OD2 . ASP A 1 82  ? 1.535   -7.379  -7.372  1.00 8.37  ? 238 ASP A OD2 1 
ATOM   672  N  N   . ASN A 1 83  ? 1.785   -11.074 -4.031  1.00 5.53  ? 239 ASN A N   1 
ATOM   673  C  CA  . ASN A 1 83  ? 2.723   -12.194 -3.961  1.00 5.60  ? 239 ASN A CA  1 
ATOM   674  C  C   . ASN A 1 83  ? 3.777   -12.169 -5.059  1.00 6.30  ? 239 ASN A C   1 
ATOM   675  O  O   . ASN A 1 83  ? 4.442   -13.182 -5.299  1.00 8.53  ? 239 ASN A O   1 
ATOM   676  C  CB  . ASN A 1 83  ? 2.022   -13.557 -3.933  1.00 7.19  ? 239 ASN A CB  1 
ATOM   677  C  CG  . ASN A 1 83  ? 1.286   -13.810 -2.640  1.00 8.22  ? 239 ASN A CG  1 
ATOM   678  O  OD1 . ASN A 1 83  ? 1.679   -13.325 -1.580  1.00 19.68 ? 239 ASN A OD1 1 
ATOM   679  N  ND2 . ASN A 1 83  ? 0.217   -14.567 -2.713  1.00 7.03  ? 239 ASN A ND2 1 
ATOM   680  N  N   . GLN A 1 84  ? 3.948   -11.050 -5.735  1.00 6.82  ? 240 GLN A N   1 
ATOM   681  C  CA  . GLN A 1 84  ? 4.924   -10.942 -6.809  1.00 7.43  ? 240 GLN A CA  1 
ATOM   682  C  C   . GLN A 1 84  ? 6.266   -10.503 -6.244  1.00 7.73  ? 240 GLN A C   1 
ATOM   683  O  O   . GLN A 1 84  ? 6.357   -10.065 -5.100  1.00 7.71  ? 240 GLN A O   1 
ATOM   684  C  CB  . GLN A 1 84  ? 4.393   -9.983  -7.870  1.00 8.43  ? 240 GLN A CB  1 
ATOM   685  C  CG  . GLN A 1 84  ? 3.110   -10.495 -8.501  1.00 11.23 ? 240 GLN A CG  1 
ATOM   686  C  CD  . GLN A 1 84  ? 3.243   -11.927 -8.978  1.00 15.29 ? 240 GLN A CD  1 
ATOM   687  O  OE1 . GLN A 1 84  ? 4.034   -12.219 -9.877  1.00 16.65 ? 240 GLN A OE1 1 
ATOM   688  N  NE2 . GLN A 1 84  ? 2.481   -12.834 -8.364  1.00 13.14 ? 240 GLN A NE2 1 
ATOM   689  N  N   . PRO A 1 85  ? 7.350   -10.632 -7.011  1.00 9.39  ? 241 PRO A N   1 
ATOM   690  C  CA  . PRO A 1 85  ? 8.686   -10.431 -6.436  1.00 9.07  ? 241 PRO A CA  1 
ATOM   691  C  C   . PRO A 1 85  ? 8.955   -9.009  -5.961  1.00 10.35 ? 241 PRO A C   1 
ATOM   692  O  O   . PRO A 1 85  ? 8.285   -8.040  -6.327  1.00 11.21 ? 241 PRO A O   1 
ATOM   693  C  CB  . PRO A 1 85  ? 9.628   -10.801 -7.587  1.00 12.61 ? 241 PRO A CB  1 
ATOM   694  C  CG  . PRO A 1 85  ? 8.849   -11.713 -8.424  1.00 14.26 ? 241 PRO A CG  1 
ATOM   695  C  CD  . PRO A 1 85  ? 7.440   -11.201 -8.366  1.00 11.11 ? 241 PRO A CD  1 
ATOM   696  N  N   . LEU A 1 86  ? 9.985   -8.905  -5.129  1.00 9.26  ? 242 LEU A N   1 
ATOM   697  C  CA  . LEU A 1 86  ? 10.443  -7.624  -4.592  1.00 9.30  ? 242 LEU A CA  1 
ATOM   698  C  C   . LEU A 1 86  ? 11.356  -6.946  -5.615  1.00 9.80  ? 242 LEU A C   1 
ATOM   699  O  O   . LEU A 1 86  ? 12.579  -6.883  -5.465  1.00 11.59 ? 242 LEU A O   1 
ATOM   700  C  CB  . LEU A 1 86  ? 11.164  -7.850  -3.272  1.00 10.86 ? 242 LEU A CB  1 
ATOM   701  C  CG  . LEU A 1 86  ? 10.412  -8.646  -2.204  1.00 11.01 ? 242 LEU A CG  1 
ATOM   702  C  CD1 . LEU A 1 86  ? 11.211  -8.697  -0.914  1.00 12.35 ? 242 LEU A CD1 1 
ATOM   703  C  CD2 . LEU A 1 86  ? 9.021   -8.073  -1.962  1.00 11.58 ? 242 LEU A CD2 1 
ATOM   704  N  N   . ASP A 1 87  ? 10.732  -6.415  -6.669  1.00 7.94  ? 243 ASP A N   1 
ATOM   705  C  CA  . ASP A 1 87  ? 11.451  -5.926  -7.842  1.00 8.27  ? 243 ASP A CA  1 
ATOM   706  C  C   . ASP A 1 87  ? 11.507  -4.408  -7.942  1.00 7.64  ? 243 ASP A C   1 
ATOM   707  O  O   . ASP A 1 87  ? 12.076  -3.884  -8.905  1.00 10.03 ? 243 ASP A O   1 
ATOM   708  C  CB  . ASP A 1 87  ? 10.866  -6.521  -9.130  1.00 11.57 ? 243 ASP A CB  1 
ATOM   709  C  CG  . ASP A 1 87  ? 9.364   -6.314  -9.255  1.00 11.96 ? 243 ASP A CG  1 
ATOM   710  O  OD1 . ASP A 1 87  ? 8.770   -5.575  -8.454  1.00 9.12  ? 243 ASP A OD1 1 
ATOM   711  O  OD2 . ASP A 1 87  ? 8.762   -6.903  -10.179 1.00 18.01 ? 243 ASP A OD2 1 
ATOM   712  N  N   . TYR A 1 88  ? 10.932  -3.691  -6.985  1.00 5.69  ? 244 TYR A N   1 
ATOM   713  C  CA  . TYR A 1 88  ? 10.973  -2.239  -6.976  1.00 4.93  ? 244 TYR A CA  1 
ATOM   714  C  C   . TYR A 1 88  ? 10.813  -1.798  -5.531  1.00 3.96  ? 244 TYR A C   1 
ATOM   715  O  O   . TYR A 1 88  ? 9.929   -2.300  -4.833  1.00 4.70  ? 244 TYR A O   1 
ATOM   716  C  CB  . TYR A 1 88  ? 9.839   -1.645  -7.830  1.00 5.82  ? 244 TYR A CB  1 
ATOM   717  C  CG  . TYR A 1 88  ? 9.768   -0.169  -7.593  1.00 4.95  ? 244 TYR A CG  1 
ATOM   718  C  CD1 . TYR A 1 88  ? 10.655  0.686   -8.224  1.00 5.73  ? 244 TYR A CD1 1 
ATOM   719  C  CD2 . TYR A 1 88  ? 8.893   0.362   -6.652  1.00 5.47  ? 244 TYR A CD2 1 
ATOM   720  C  CE1 . TYR A 1 88  ? 10.652  2.033   -7.959  1.00 5.87  ? 244 TYR A CE1 1 
ATOM   721  C  CE2 . TYR A 1 88  ? 8.884   1.701   -6.377  1.00 5.84  ? 244 TYR A CE2 1 
ATOM   722  C  CZ  . TYR A 1 88  ? 9.769   2.530   -7.026  1.00 4.73  ? 244 TYR A CZ  1 
ATOM   723  O  OH  . TYR A 1 88  ? 9.742   3.860   -6.730  1.00 6.43  ? 244 TYR A OH  1 
ATOM   724  N  N   . SER A 1 89  ? 11.652  -0.875  -5.071  1.00 4.62  ? 245 SER A N   1 
ATOM   725  C  CA  . SER A 1 89  ? 11.445  -0.298  -3.754  1.00 4.37  ? 245 SER A CA  1 
ATOM   726  C  C   . SER A 1 89  ? 11.505  1.219   -3.806  1.00 4.13  ? 245 SER A C   1 
ATOM   727  O  O   . SER A 1 89  ? 12.123  1.825   -4.683  1.00 4.77  ? 245 SER A O   1 
ATOM   728  C  CB  . SER A 1 89  ? 12.460  -0.815  -2.734  1.00 4.93  ? 245 SER A CB  1 
ATOM   729  O  OG  . SER A 1 89  ? 13.781  -0.488  -3.129  1.00 4.36  ? 245 SER A OG  1 
ATOM   730  N  N   . ASN A 1 90  ? 10.874  1.817   -2.810  1.00 4.41  ? 246 ASN A N   1 
ATOM   731  C  CA  . ASN A 1 90  ? 10.878  3.257   -2.649  1.00 4.03  ? 246 ASN A CA  1 
ATOM   732  C  C   . ASN A 1 90  ? 11.037  3.617   -1.185  1.00 3.43  ? 246 ASN A C   1 
ATOM   733  O  O   . ASN A 1 90  ? 10.351  4.506   -0.676  1.00 4.17  ? 246 ASN A O   1 
ATOM   734  C  CB  . ASN A 1 90  ? 9.604   3.865   -3.221  1.00 4.30  ? 246 ASN A CB  1 
ATOM   735  C  CG  . ASN A 1 90  ? 9.709   5.357   -3.390  1.00 4.76  ? 246 ASN A CG  1 
ATOM   736  O  OD1 . ASN A 1 90  ? 10.755  5.868   -3.786  1.00 5.91  ? 246 ASN A OD1 1 
ATOM   737  N  ND2 . ASN A 1 90  ? 8.632   6.072   -3.083  1.00 5.82  ? 246 ASN A ND2 1 
ATOM   738  N  N   . TRP A 1 91  ? 11.937  2.927   -0.484  1.00 4.23  ? 247 TRP A N   1 
ATOM   739  C  CA  . TRP A 1 91  ? 12.114  3.157   0.944   1.00 4.23  ? 247 TRP A CA  1 
ATOM   740  C  C   . TRP A 1 91  ? 12.616  4.563   1.230   1.00 4.99  ? 247 TRP A C   1 
ATOM   741  O  O   . TRP A 1 91  ? 13.568  5.043   0.606   1.00 4.59  ? 247 TRP A O   1 
ATOM   742  C  CB  . TRP A 1 91  ? 13.133  2.169   1.502   1.00 4.19  ? 247 TRP A CB  1 
ATOM   743  C  CG  . TRP A 1 91  ? 12.711  0.760   1.466   1.00 3.97  ? 247 TRP A CG  1 
ATOM   744  C  CD1 . TRP A 1 91  ? 13.255  -0.240  0.721   1.00 5.63  ? 247 TRP A CD1 1 
ATOM   745  C  CD2 . TRP A 1 91  ? 11.670  0.167   2.247   1.00 4.18  ? 247 TRP A CD2 1 
ATOM   746  N  NE1 . TRP A 1 91  ? 12.601  -1.419  0.971   1.00 5.67  ? 247 TRP A NE1 1 
ATOM   747  C  CE2 . TRP A 1 91  ? 11.623  -1.197  1.904   1.00 4.86  ? 247 TRP A CE2 1 
ATOM   748  C  CE3 . TRP A 1 91  ? 10.777  0.657   3.204   1.00 4.84  ? 247 TRP A CE3 1 
ATOM   749  C  CZ2 . TRP A 1 91  ? 10.723  -2.084  2.491   1.00 6.59  ? 247 TRP A CZ2 1 
ATOM   750  C  CZ3 . TRP A 1 91  ? 9.879   -0.223  3.780   1.00 5.56  ? 247 TRP A CZ3 1 
ATOM   751  C  CH2 . TRP A 1 91  ? 9.866   -1.579  3.426   1.00 6.05  ? 247 TRP A CH2 1 
ATOM   752  N  N   . GLN A 1 92  ? 11.998  5.207   2.197   1.00 3.78  ? 248 GLN A N   1 
ATOM   753  C  CA  . GLN A 1 92  ? 12.612  6.375   2.800   1.00 3.90  ? 248 GLN A CA  1 
ATOM   754  C  C   . GLN A 1 92  ? 14.003  5.984   3.292   1.00 4.97  ? 248 GLN A C   1 
ATOM   755  O  O   . GLN A 1 92  ? 14.175  4.887   3.832   1.00 4.85  ? 248 GLN A O   1 
ATOM   756  C  CB  . GLN A 1 92  ? 11.760  6.800   3.996   1.00 5.24  ? 248 GLN A CB  1 
ATOM   757  C  CG  . GLN A 1 92  ? 12.324  7.938   4.825   1.00 6.23  ? 248 GLN A CG  1 
ATOM   758  C  CD  . GLN A 1 92  ? 12.211  9.285   4.153   1.00 7.97  ? 248 GLN A CD  1 
ATOM   759  O  OE1 . GLN A 1 92  ? 11.763  9.398   3.013   1.00 9.21  ? 248 GLN A OE1 1 
ATOM   760  N  NE2 . GLN A 1 92  ? 12.612  10.330  4.872   1.00 12.49 ? 248 GLN A NE2 1 
ATOM   761  N  N   . PRO A 1 93  ? 15.012  6.839   3.120   1.00 5.05  ? 249 PRO A N   1 
ATOM   762  C  CA  . PRO A 1 93  ? 16.354  6.499   3.605   1.00 5.26  ? 249 PRO A CA  1 
ATOM   763  C  C   . PRO A 1 93  ? 16.355  6.040   5.056   1.00 5.69  ? 249 PRO A C   1 
ATOM   764  O  O   . PRO A 1 93  ? 15.784  6.683   5.936   1.00 6.24  ? 249 PRO A O   1 
ATOM   765  C  CB  . PRO A 1 93  ? 17.128  7.805   3.417   1.00 7.36  ? 249 PRO A CB  1 
ATOM   766  C  CG  . PRO A 1 93  ? 16.517  8.386   2.206   1.00 7.58  ? 249 PRO A CG  1 
ATOM   767  C  CD  . PRO A 1 93  ? 15.036  8.083   2.333   1.00 6.41  ? 249 PRO A CD  1 
ATOM   768  N  N   . GLY A 1 94  ? 16.998  4.903   5.300   1.00 5.62  ? 250 GLY A N   1 
ATOM   769  C  CA  . GLY A 1 94  ? 17.080  4.333   6.624   1.00 6.67  ? 250 GLY A CA  1 
ATOM   770  C  C   . GLY A 1 94  ? 15.984  3.355   6.949   1.00 4.86  ? 250 GLY A C   1 
ATOM   771  O  O   . GLY A 1 94  ? 16.090  2.638   7.947   1.00 5.72  ? 250 GLY A O   1 
ATOM   772  N  N   . GLU A 1 95  ? 14.930  3.322   6.149   1.00 5.35  ? 251 GLU A N   1 
ATOM   773  C  CA  . GLU A 1 95  ? 13.838  2.389   6.303   1.00 4.22  ? 251 GLU A CA  1 
ATOM   774  C  C   . GLU A 1 95  ? 14.040  1.198   5.376   1.00 5.06  ? 251 GLU A C   1 
ATOM   775  O  O   . GLU A 1 95  ? 14.730  1.301   4.359   1.00 5.08  ? 251 GLU A O   1 
ATOM   776  C  CB  . GLU A 1 95  ? 12.508  3.062   5.945   1.00 4.74  ? 251 GLU A CB  1 
ATOM   777  C  CG  . GLU A 1 95  ? 12.244  4.348   6.693   1.00 5.47  ? 251 GLU A CG  1 
ATOM   778  C  CD  . GLU A 1 95  ? 12.156  4.194   8.199   1.00 5.94  ? 251 GLU A CD  1 
ATOM   779  O  OE1 . GLU A 1 95  ? 11.941  3.068   8.700   1.00 5.63  ? 251 GLU A OE1 1 
ATOM   780  O  OE2 . GLU A 1 95  ? 12.302  5.236   8.875   1.00 5.79  ? 251 GLU A OE2 1 
ATOM   781  N  N   . PRO A 1 96  ? 13.479  0.036   5.700   1.00 4.82  ? 252 PRO A N   1 
ATOM   782  C  CA  . PRO A 1 96  ? 12.771  -0.238  6.948   1.00 4.88  ? 252 PRO A CA  1 
ATOM   783  C  C   . PRO A 1 96  ? 13.768  -0.368  8.084   1.00 6.44  ? 252 PRO A C   1 
ATOM   784  O  O   . PRO A 1 96  ? 14.887  -0.873  7.882   1.00 7.30  ? 252 PRO A O   1 
ATOM   785  C  CB  . PRO A 1 96  ? 12.084  -1.570  6.666   1.00 5.26  ? 252 PRO A CB  1 
ATOM   786  C  CG  . PRO A 1 96  ? 12.991  -2.238  5.684   1.00 6.03  ? 252 PRO A CG  1 
ATOM   787  C  CD  . PRO A 1 96  ? 13.557  -1.148  4.831   1.00 5.31  ? 252 PRO A CD  1 
ATOM   788  N  N   . ASN A 1 97  ? 13.387  0.113   9.257   1.00 5.91  ? 253 ASN A N   1 
ATOM   789  C  CA  . ASN A 1 97  ? 14.282  0.087   10.403  1.00 6.47  ? 253 ASN A CA  1 
ATOM   790  C  C   . ASN A 1 97  ? 13.768  -0.735  11.571  1.00 6.91  ? 253 ASN A C   1 
ATOM   791  O  O   . ASN A 1 97  ? 14.466  -0.828  12.591  1.00 7.60  ? 253 ASN A O   1 
ATOM   792  C  CB  . ASN A 1 97  ? 14.655  1.505   10.860  1.00 6.81  ? 253 ASN A CB  1 
ATOM   793  C  CG  . ASN A 1 97  ? 13.465  2.296   11.358  1.00 5.70  ? 253 ASN A CG  1 
ATOM   794  O  OD1 . ASN A 1 97  ? 12.333  1.818   11.361  1.00 6.62  ? 253 ASN A OD1 1 
ATOM   795  N  ND2 . ASN A 1 97  ? 13.718  3.519   11.792  1.00 7.98  ? 253 ASN A ND2 1 
ATOM   796  N  N   . ASP A 1 98  ? 12.594  -1.353  11.445  1.00 6.43  ? 254 ASP A N   1 
ATOM   797  C  CA  . ASP A 1 98  ? 12.010  -2.202  12.484  1.00 7.19  ? 254 ASP A CA  1 
ATOM   798  C  C   . ASP A 1 98  ? 12.097  -1.548  13.860  1.00 8.18  ? 254 ASP A C   1 
ATOM   799  O  O   . ASP A 1 98  ? 12.553  -2.151  14.836  1.00 8.29  ? 254 ASP A O   1 
ATOM   800  C  CB  . ASP A 1 98  ? 12.616  -3.604  12.484  1.00 6.63  ? 254 ASP A CB  1 
ATOM   801  C  CG  . ASP A 1 98  ? 11.687  -4.631  13.093  1.00 8.87  ? 254 ASP A CG  1 
ATOM   802  O  OD1 . ASP A 1 98  ? 10.496  -4.651  12.715  1.00 6.96  ? 254 ASP A OD1 1 
ATOM   803  O  OD2 . ASP A 1 98  ? 12.134  -5.417  13.954  1.00 9.55  ? 254 ASP A OD2 1 
ATOM   804  N  N   . ALA A 1 99  ? 11.654  -0.296  13.927  1.00 6.96  ? 255 ALA A N   1 
ATOM   805  C  CA  . ALA A 1 99  ? 11.865  0.526   15.103  1.00 8.91  ? 255 ALA A CA  1 
ATOM   806  C  C   . ALA A 1 99  ? 10.965  0.090   16.252  1.00 7.30  ? 255 ALA A C   1 
ATOM   807  O  O   . ALA A 1 99  ? 10.020  -0.681  16.097  1.00 7.92  ? 255 ALA A O   1 
ATOM   808  C  CB  . ALA A 1 99  ? 11.607  1.997   14.781  1.00 8.78  ? 255 ALA A CB  1 
ATOM   809  N  N   . GLY A 1 100 ? 11.292  0.611   17.431  1.00 9.66  ? 256 GLY A N   1 
ATOM   810  C  CA  . GLY A 1 100 ? 10.474  0.380   18.607  1.00 12.57 ? 256 GLY A CA  1 
ATOM   811  C  C   . GLY A 1 100 ? 10.369  -1.092  18.929  1.00 8.54  ? 256 GLY A C   1 
ATOM   812  O  O   . GLY A 1 100 ? 11.363  -1.826  18.953  1.00 10.66 ? 256 GLY A O   1 
ATOM   813  N  N   . GLN A 1 101 ? 9.142   -1.532  19.158  1.00 10.58 ? 257 GLN A N   1 
ATOM   814  C  CA  . GLN A 1 101 ? 8.865   -2.924  19.465  1.00 12.06 ? 257 GLN A CA  1 
ATOM   815  C  C   . GLN A 1 101 ? 8.855   -3.813  18.231  1.00 10.71 ? 257 GLN A C   1 
ATOM   816  O  O   . GLN A 1 101 ? 8.735   -5.034  18.358  1.00 10.28 ? 257 GLN A O   1 
ATOM   817  C  CB  . GLN A 1 101 ? 7.532   -3.015  20.212  1.00 14.23 ? 257 GLN A CB  1 
ATOM   818  C  CG  . GLN A 1 101 ? 7.661   -2.569  21.649  1.00 16.63 ? 257 GLN A CG  1 
ATOM   819  C  CD  . GLN A 1 101 ? 8.699   -3.387  22.368  1.00 14.74 ? 257 GLN A CD  1 
ATOM   820  O  OE1 . GLN A 1 101 ? 8.626   -4.615  22.376  1.00 17.59 ? 257 GLN A OE1 1 
ATOM   821  N  NE2 . GLN A 1 101 ? 9.691   -2.721  22.949  1.00 20.69 ? 257 GLN A NE2 1 
ATOM   822  N  N   . GLY A 1 102 ? 9.008   -3.238  17.047  1.00 9.64  ? 258 GLY A N   1 
ATOM   823  C  CA  . GLY A 1 102 ? 8.896   -3.998  15.825  1.00 8.85  ? 258 GLY A CA  1 
ATOM   824  C  C   . GLY A 1 102 ? 7.894   -3.333  14.912  1.00 7.87  ? 258 GLY A C   1 
ATOM   825  O  O   . GLY A 1 102 ? 6.785   -2.980  15.328  1.00 9.46  ? 258 GLY A O   1 
ATOM   826  N  N   . GLU A 1 103 ? 8.284   -3.146  13.661  1.00 5.45  ? 259 GLU A N   1 
ATOM   827  C  CA  . GLU A 1 103 ? 7.447   -2.491  12.667  1.00 5.02  ? 259 GLU A CA  1 
ATOM   828  C  C   . GLU A 1 103 ? 7.349   -3.450  11.501  1.00 5.25  ? 259 GLU A C   1 
ATOM   829  O  O   . GLU A 1 103 ? 8.348   -3.722  10.827  1.00 5.11  ? 259 GLU A O   1 
ATOM   830  C  CB  . GLU A 1 103 ? 8.058   -1.158  12.255  1.00 5.53  ? 259 GLU A CB  1 
ATOM   831  C  CG  . GLU A 1 103 ? 8.104   -0.179  13.404  1.00 5.04  ? 259 GLU A CG  1 
ATOM   832  C  CD  . GLU A 1 103 ? 8.611   1.176   12.986  1.00 5.93  ? 259 GLU A CD  1 
ATOM   833  O  OE1 . GLU A 1 103 ? 9.602   1.225   12.240  1.00 5.74  ? 259 GLU A OE1 1 
ATOM   834  O  OE2 . GLU A 1 103 ? 8.016   2.194   13.395  1.00 5.85  ? 259 GLU A OE2 1 
ATOM   835  N  N   . ASN A 1 104 ? 6.161   -3.978  11.273  1.00 4.42  ? 260 ASN A N   1 
ATOM   836  C  CA  . ASN A 1 104 ? 6.021   -5.062  10.323  1.00 5.67  ? 260 ASN A CA  1 
ATOM   837  C  C   . ASN A 1 104 ? 5.062   -4.772  9.191   1.00 5.51  ? 260 ASN A C   1 
ATOM   838  O  O   . ASN A 1 104 ? 4.829   -5.658  8.360   1.00 5.73  ? 260 ASN A O   1 
ATOM   839  C  CB  . ASN A 1 104 ? 5.644   -6.352  11.050  1.00 5.80  ? 260 ASN A CB  1 
ATOM   840  C  CG  . ASN A 1 104 ? 6.612   -6.669  12.161  1.00 4.94  ? 260 ASN A CG  1 
ATOM   841  O  OD1 . ASN A 1 104 ? 7.818   -6.462  12.033  1.00 6.15  ? 260 ASN A OD1 1 
ATOM   842  N  ND2 . ASN A 1 104 ? 6.088   -7.151  13.272  1.00 6.38  ? 260 ASN A ND2 1 
ATOM   843  N  N   . CYS A 1 105 ? 4.514   -3.567  9.130   1.00 4.75  ? 261 CYS A N   1 
ATOM   844  C  CA  . CYS A 1 105 ? 3.558   -3.191  8.105   1.00 4.56  ? 261 CYS A CA  1 
ATOM   845  C  C   . CYS A 1 105 ? 4.045   -1.918  7.439   1.00 4.87  ? 261 CYS A C   1 
ATOM   846  O  O   . CYS A 1 105 ? 4.516   -0.999  8.118   1.00 7.26  ? 261 CYS A O   1 
ATOM   847  C  CB  . CYS A 1 105 ? 2.189   -2.943  8.739   1.00 5.74  ? 261 CYS A CB  1 
ATOM   848  S  SG  . CYS A 1 105 ? 1.435   -4.456  9.355   1.00 6.67  ? 261 CYS A SG  1 
ATOM   849  N  N   . VAL A 1 106 ? 3.923   -1.840  6.128   1.00 4.07  ? 262 VAL A N   1 
ATOM   850  C  CA  . VAL A 1 106 ? 4.527   -0.739  5.396   1.00 4.52  ? 262 VAL A CA  1 
ATOM   851  C  C   . VAL A 1 106 ? 3.487   0.303   5.027   1.00 4.08  ? 262 VAL A C   1 
ATOM   852  O  O   . VAL A 1 106 ? 2.363   -0.009  4.604   1.00 3.53  ? 262 VAL A O   1 
ATOM   853  C  CB  . VAL A 1 106 ? 5.302   -1.237  4.170   1.00 4.14  ? 262 VAL A CB  1 
ATOM   854  C  CG1 . VAL A 1 106 ? 5.955   -0.074  3.449   1.00 4.72  ? 262 VAL A CG1 1 
ATOM   855  C  CG2 . VAL A 1 106 ? 6.353   -2.246  4.601   1.00 4.50  ? 262 VAL A CG2 1 
ATOM   856  N  N   . MET A 1 107 ? 3.879   1.552   5.190   1.00 3.86  ? 263 MET A N   1 
ATOM   857  C  CA  . MET A 1 107 ? 3.096   2.690   4.767   1.00 3.71  ? 263 MET A CA  1 
ATOM   858  C  C   . MET A 1 107 ? 3.895   3.509   3.768   1.00 3.56  ? 263 MET A C   1 
ATOM   859  O  O   . MET A 1 107 ? 5.127   3.448   3.703   1.00 4.09  ? 263 MET A O   1 
ATOM   860  C  CB  . MET A 1 107 ? 2.769   3.600   5.957   1.00 4.59  ? 263 MET A CB  1 
ATOM   861  C  CG  . MET A 1 107 ? 4.025   4.191   6.582   1.00 5.61  ? 263 MET A CG  1 
ATOM   862  S  SD  . MET A 1 107 ? 3.746   5.214   8.031   1.00 5.29  ? 263 MET A SD  1 
ATOM   863  C  CE  . MET A 1 107 ? 2.883   6.596   7.301   1.00 6.07  ? 263 MET A CE  1 
ATOM   864  N  N   . MET A 1 108 ? 3.157   4.298   2.997   1.00 4.15  ? 264 MET A N   1 
ATOM   865  C  CA  . MET A 1 108 ? 3.730   5.438   2.299   1.00 4.95  ? 264 MET A CA  1 
ATOM   866  C  C   . MET A 1 108 ? 3.644   6.640   3.216   1.00 5.19  ? 264 MET A C   1 
ATOM   867  O  O   . MET A 1 108 ? 2.584   6.919   3.787   1.00 6.38  ? 264 MET A O   1 
ATOM   868  C  CB  . MET A 1 108 ? 2.948   5.770   1.036   1.00 6.96  ? 264 MET A CB  1 
ATOM   869  C  CG  . MET A 1 108 ? 3.322   4.950   -0.160  1.00 7.42  ? 264 MET A CG  1 
ATOM   870  S  SD  . MET A 1 108 ? 2.569   5.593   -1.671  1.00 6.94  ? 264 MET A SD  1 
ATOM   871  C  CE  . MET A 1 108 ? 0.854   5.200   -1.373  1.00 9.18  ? 264 MET A CE  1 
ATOM   872  N  N   . LEU A 1 109 ? 4.756   7.341   3.368   1.00 5.44  ? 265 LEU A N   1 
ATOM   873  C  CA  . LEU A 1 109 ? 4.717   8.657   3.967   1.00 5.47  ? 265 LEU A CA  1 
ATOM   874  C  C   . LEU A 1 109 ? 3.986   9.611   3.031   1.00 6.27  ? 265 LEU A C   1 
ATOM   875  O  O   . LEU A 1 109 ? 3.636   9.267   1.907   1.00 6.08  ? 265 LEU A O   1 
ATOM   876  C  CB  . LEU A 1 109 ? 6.139   9.154   4.196   1.00 6.77  ? 265 LEU A CB  1 
ATOM   877  C  CG  . LEU A 1 109 ? 6.977   8.255   5.103   1.00 6.36  ? 265 LEU A CG  1 
ATOM   878  C  CD1 . LEU A 1 109 ? 8.407   8.763   5.156   1.00 7.75  ? 265 LEU A CD1 1 
ATOM   879  C  CD2 . LEU A 1 109 ? 6.391   8.163   6.504   1.00 9.01  ? 265 LEU A CD2 1 
ATOM   880  N  N   . GLY A 1 110 ? 3.760   10.838  3.504   1.00 7.24  ? 266 GLY A N   1 
ATOM   881  C  CA  . GLY A 1 110 ? 3.123   11.833  2.658   1.00 8.55  ? 266 GLY A CA  1 
ATOM   882  C  C   . GLY A 1 110 ? 3.855   12.070  1.352   1.00 7.54  ? 266 GLY A C   1 
ATOM   883  O  O   . GLY A 1 110 ? 3.248   12.477  0.362   1.00 8.90  ? 266 GLY A O   1 
ATOM   884  N  N   . SER A 1 111 ? 5.162   11.805  1.326   1.00 6.63  ? 267 SER A N   1 
ATOM   885  C  CA  . SER A 1 111 ? 6.009   11.975  0.156   1.00 7.19  ? 267 SER A CA  1 
ATOM   886  C  C   . SER A 1 111 ? 5.961   10.785  -0.790  1.00 7.31  ? 267 SER A C   1 
ATOM   887  O  O   . SER A 1 111 ? 6.606   10.824  -1.839  1.00 7.58  ? 267 SER A O   1 
ATOM   888  C  CB  . SER A 1 111 ? 7.451   12.079  0.630   1.00 8.16  ? 267 SER A CB  1 
ATOM   889  O  OG  . SER A 1 111 ? 7.806   10.850  1.249   1.00 6.53  ? 267 SER A OG  1 
ATOM   890  N  N   . GLY A 1 112 ? 5.255   9.719   -0.434  1.00 6.09  ? 268 GLY A N   1 
ATOM   891  C  CA  . GLY A 1 112 ? 5.283   8.489   -1.189  1.00 6.46  ? 268 GLY A CA  1 
ATOM   892  C  C   . GLY A 1 112 ? 6.391   7.529   -0.802  1.00 5.69  ? 268 GLY A C   1 
ATOM   893  O  O   . GLY A 1 112 ? 6.331   6.356   -1.180  1.00 5.03  ? 268 GLY A O   1 
ATOM   894  N  N   . LYS A 1 113 ? 7.398   7.987   -0.060  1.00 4.58  ? 269 LYS A N   1 
ATOM   895  C  CA  . LYS A 1 113 ? 8.470   7.102   0.374   1.00 4.48  ? 269 LYS A CA  1 
ATOM   896  C  C   . LYS A 1 113 ? 7.950   6.127   1.415   1.00 3.90  ? 269 LYS A C   1 
ATOM   897  O  O   . LYS A 1 113 ? 7.056   6.449   2.204   1.00 4.96  ? 269 LYS A O   1 
ATOM   898  C  CB  . LYS A 1 113 ? 9.619   7.913   0.964   1.00 5.04  ? 269 LYS A CB  1 
ATOM   899  C  CG  . LYS A 1 113 ? 10.318  8.799   -0.057  1.00 5.82  ? 269 LYS A CG  1 
ATOM   900  C  CD  . LYS A 1 113 ? 11.147  7.973   -1.017  1.00 6.19  ? 269 LYS A CD  1 
ATOM   901  C  CE  . LYS A 1 113 ? 11.872  8.826   -2.038  1.00 8.06  ? 269 LYS A CE  1 
ATOM   902  N  NZ  . LYS A 1 113 ? 12.620  7.965   -2.991  1.00 9.53  ? 269 LYS A NZ  1 
ATOM   903  N  N   . TRP A 1 114 ? 8.509   4.925   1.417   1.00 3.54  ? 270 TRP A N   1 
ATOM   904  C  CA  . TRP A 1 114 ? 7.971   3.864   2.247   1.00 4.15  ? 270 TRP A CA  1 
ATOM   905  C  C   . TRP A 1 114 ? 8.640   3.850   3.609   1.00 3.90  ? 270 TRP A C   1 
ATOM   906  O  O   . TRP A 1 114 ? 9.844   4.099   3.737   1.00 4.22  ? 270 TRP A O   1 
ATOM   907  C  CB  . TRP A 1 114 ? 8.182   2.501   1.606   1.00 4.67  ? 270 TRP A CB  1 
ATOM   908  C  CG  . TRP A 1 114 ? 7.652   2.336   0.234   1.00 3.43  ? 270 TRP A CG  1 
ATOM   909  C  CD1 . TRP A 1 114 ? 6.839   3.174   -0.469  1.00 4.29  ? 270 TRP A CD1 1 
ATOM   910  C  CD2 . TRP A 1 114 ? 7.932   1.232   -0.619  1.00 3.88  ? 270 TRP A CD2 1 
ATOM   911  N  NE1 . TRP A 1 114 ? 6.582   2.642   -1.720  1.00 4.14  ? 270 TRP A NE1 1 
ATOM   912  C  CE2 . TRP A 1 114 ? 7.256   1.456   -1.835  1.00 3.97  ? 270 TRP A CE2 1 
ATOM   913  C  CE3 . TRP A 1 114 ? 8.699   0.076   -0.472  1.00 4.65  ? 270 TRP A CE3 1 
ATOM   914  C  CZ2 . TRP A 1 114 ? 7.331   0.563   -2.897  1.00 4.43  ? 270 TRP A CZ2 1 
ATOM   915  C  CZ3 . TRP A 1 114 ? 8.761   -0.807  -1.517  1.00 5.20  ? 270 TRP A CZ3 1 
ATOM   916  C  CH2 . TRP A 1 114 ? 8.085   -0.565  -2.714  1.00 4.57  ? 270 TRP A CH2 1 
ATOM   917  N  N   . ASN A 1 115 ? 7.848   3.536   4.624   1.00 4.02  ? 271 ASN A N   1 
ATOM   918  C  CA  . ASN A 1 115 ? 8.342   3.380   5.976   1.00 4.55  ? 271 ASN A CA  1 
ATOM   919  C  C   . ASN A 1 115 ? 7.669   2.157   6.568   1.00 3.75  ? 271 ASN A C   1 
ATOM   920  O  O   . ASN A 1 115 ? 6.460   1.972   6.401   1.00 4.43  ? 271 ASN A O   1 
ATOM   921  C  CB  . ASN A 1 115 ? 7.941   4.603   6.800   1.00 4.75  ? 271 ASN A CB  1 
ATOM   922  C  CG  . ASN A 1 115 ? 8.238   4.436   8.260   1.00 4.21  ? 271 ASN A CG  1 
ATOM   923  O  OD1 . ASN A 1 115 ? 9.329   4.007   8.624   1.00 4.33  ? 271 ASN A OD1 1 
ATOM   924  N  ND2 . ASN A 1 115 ? 7.258   4.745   9.113   1.00 5.17  ? 271 ASN A ND2 1 
ATOM   925  N  N   . ASP A 1 116 ? 8.435   1.320   7.263   1.00 4.23  ? 272 ASP A N   1 
ATOM   926  C  CA  . ASP A 1 116 ? 7.788   0.312   8.088   1.00 4.77  ? 272 ASP A CA  1 
ATOM   927  C  C   . ASP A 1 116 ? 7.267   0.944   9.367   1.00 3.84  ? 272 ASP A C   1 
ATOM   928  O  O   . ASP A 1 116 ? 7.930   1.780   9.982   1.00 4.57  ? 272 ASP A O   1 
ATOM   929  C  CB  . ASP A 1 116 ? 8.696   -0.889  8.376   1.00 4.84  ? 272 ASP A CB  1 
ATOM   930  C  CG  . ASP A 1 116 ? 9.993   -0.527  9.088   1.00 5.20  ? 272 ASP A CG  1 
ATOM   931  O  OD1 . ASP A 1 116 ? 10.420  0.646   9.066   1.00 4.28  ? 272 ASP A OD1 1 
ATOM   932  O  OD2 . ASP A 1 116 ? 10.598  -1.478  9.642   1.00 5.75  ? 272 ASP A OD2 1 
ATOM   933  N  N   . ALA A 1 117 ? 6.069   0.550   9.753   1.00 3.91  ? 273 ALA A N   1 
ATOM   934  C  CA  . ALA A 1 117 ? 5.428   1.116   10.921  1.00 4.49  ? 273 ALA A CA  1 
ATOM   935  C  C   . ALA A 1 117 ? 4.822   0.002   11.751  1.00 4.61  ? 273 ALA A C   1 
ATOM   936  O  O   . ALA A 1 117 ? 4.613   -1.118  11.278  1.00 5.12  ? 273 ALA A O   1 
ATOM   937  C  CB  . ALA A 1 117 ? 4.335   2.121   10.538  1.00 5.22  ? 273 ALA A CB  1 
ATOM   938  N  N   . PHE A 1 118 ? 4.528   0.337   13.003  1.00 4.84  ? 274 PHE A N   1 
ATOM   939  C  CA  . PHE A 1 118 ? 3.774   -0.562  13.853  1.00 5.41  ? 274 PHE A CA  1 
ATOM   940  C  C   . PHE A 1 118 ? 2.433   -0.868  13.202  1.00 5.17  ? 274 PHE A C   1 
ATOM   941  O  O   . PHE A 1 118 ? 1.687   0.038   12.819  1.00 4.65  ? 274 PHE A O   1 
ATOM   942  C  CB  . PHE A 1 118 ? 3.569   0.105   15.208  1.00 6.62  ? 274 PHE A CB  1 
ATOM   943  C  CG  . PHE A 1 118 ? 2.620   -0.622  16.109  1.00 6.87  ? 274 PHE A CG  1 
ATOM   944  C  CD1 . PHE A 1 118 ? 2.724   -1.986  16.306  1.00 9.14  ? 274 PHE A CD1 1 
ATOM   945  C  CD2 . PHE A 1 118 ? 1.627   0.071   16.771  1.00 8.22  ? 274 PHE A CD2 1 
ATOM   946  C  CE1 . PHE A 1 118 ? 1.840   -2.648  17.155  1.00 10.17 ? 274 PHE A CE1 1 
ATOM   947  C  CE2 . PHE A 1 118 ? 0.751   -0.580  17.617  1.00 10.09 ? 274 PHE A CE2 1 
ATOM   948  C  CZ  . PHE A 1 118 ? 0.851   -1.939  17.798  1.00 11.51 ? 274 PHE A CZ  1 
ATOM   949  N  N   . CYS A 1 119 ? 2.126   -2.157  13.075  1.00 5.81  ? 275 CYS A N   1 
ATOM   950  C  CA  . CYS A 1 119 ? 0.912   -2.555  12.379  1.00 6.20  ? 275 CYS A CA  1 
ATOM   951  C  C   . CYS A 1 119 ? -0.339  -2.018  13.050  1.00 5.87  ? 275 CYS A C   1 
ATOM   952  O  O   . CYS A 1 119 ? -1.368  -1.875  12.384  1.00 6.52  ? 275 CYS A O   1 
ATOM   953  C  CB  . CYS A 1 119 ? 0.854   -4.080  12.276  1.00 7.27  ? 275 CYS A CB  1 
ATOM   954  S  SG  . CYS A 1 119 ? 2.168   -4.751  11.228  1.00 7.59  ? 275 CYS A SG  1 
ATOM   955  N  N   . GLY A 1 120 ? -0.268  -1.705  14.338  1.00 6.42  ? 276 GLY A N   1 
ATOM   956  C  CA  . GLY A 1 120 ? -1.399  -1.159  15.046  1.00 7.05  ? 276 GLY A CA  1 
ATOM   957  C  C   . GLY A 1 120 ? -1.494  0.342   15.044  1.00 6.98  ? 276 GLY A C   1 
ATOM   958  O  O   . GLY A 1 120 ? -2.400  0.877   15.691  1.00 7.17  ? 276 GLY A O   1 
ATOM   959  N  N   . SER A 1 121 ? -0.602  1.053   14.353  1.00 5.78  ? 277 SER A N   1 
ATOM   960  C  CA  . SER A 1 121 ? -0.796  2.484   14.184  1.00 5.79  ? 277 SER A CA  1 
ATOM   961  C  C   . SER A 1 121 ? -2.033  2.729   13.335  1.00 5.06  ? 277 SER A C   1 
ATOM   962  O  O   . SER A 1 121 ? -2.412  1.903   12.501  1.00 6.56  ? 277 SER A O   1 
ATOM   963  C  CB  . SER A 1 121 ? 0.402   3.108   13.481  1.00 5.82  ? 277 SER A CB  1 
ATOM   964  O  OG  . SER A 1 121 ? 1.521   3.131   14.339  1.00 6.61  ? 277 SER A OG  1 
ATOM   965  N  N   . GLU A 1 122 ? -2.677  3.863   13.564  1.00 5.58  ? 278 GLU A N   1 
ATOM   966  C  CA  . GLU A 1 122 ? -3.853  4.242   12.797  1.00 6.07  ? 278 GLU A CA  1 
ATOM   967  C  C   . GLU A 1 122 ? -3.463  5.316   11.794  1.00 6.13  ? 278 GLU A C   1 
ATOM   968  O  O   . GLU A 1 122 ? -3.018  6.402   12.178  1.00 9.09  ? 278 GLU A O   1 
ATOM   969  C  CB  . GLU A 1 122 ? -4.957  4.753   13.715  1.00 8.70  ? 278 GLU A CB  1 
ATOM   970  C  CG  . GLU A 1 122 ? -5.499  3.684   14.643  1.00 13.24 ? 278 GLU A CG  1 
ATOM   971  C  CD  . GLU A 1 122 ? -6.746  4.126   15.382  1.00 22.89 ? 278 GLU A CD  1 
ATOM   972  O  OE1 . GLU A 1 122 ? -7.222  5.258   15.137  1.00 27.14 ? 278 GLU A OE1 1 
ATOM   973  O  OE2 . GLU A 1 122 ? -7.257  3.335   16.203  1.00 29.04 ? 278 GLU A OE2 1 
ATOM   974  N  N   . LEU A 1 123 ? -3.611  5.007   10.517  1.00 5.44  ? 279 LEU A N   1 
ATOM   975  C  CA  . LEU A 1 123 ? -3.340  5.954   9.451   1.00 5.51  ? 279 LEU A CA  1 
ATOM   976  C  C   . LEU A 1 123 ? -4.650  6.324   8.788   1.00 5.86  ? 279 LEU A C   1 
ATOM   977  O  O   . LEU A 1 123 ? -5.569  5.514   8.709   1.00 6.97  ? 279 LEU A O   1 
ATOM   978  C  CB  . LEU A 1 123 ? -2.401  5.362   8.398   1.00 6.41  ? 279 LEU A CB  1 
ATOM   979  C  CG  . LEU A 1 123 ? -1.027  4.979   8.927   1.00 6.00  ? 279 LEU A CG  1 
ATOM   980  C  CD1 . LEU A 1 123 ? -0.179  4.427   7.804   1.00 6.47  ? 279 LEU A CD1 1 
ATOM   981  C  CD2 . LEU A 1 123 ? -0.347  6.174   9.564   1.00 9.03  ? 279 LEU A CD2 1 
ATOM   982  N  N   . HIS A 1 124 ? -4.707  7.544   8.268   1.00 6.06  ? 280 HIS A N   1 
ATOM   983  C  CA  . HIS A 1 124 ? -5.932  8.063   7.684   1.00 6.68  ? 280 HIS A CA  1 
ATOM   984  C  C   . HIS A 1 124 ? -6.064  7.743   6.212   1.00 6.65  ? 280 HIS A C   1 
ATOM   985  O  O   . HIS A 1 124 ? -7.102  8.053   5.622   1.00 9.11  ? 280 HIS A O   1 
ATOM   986  C  CB  . HIS A 1 124 ? -6.020  9.578   7.880   1.00 10.97 ? 280 HIS A CB  1 
ATOM   987  C  CG  . HIS A 1 124 ? -6.086  9.989   9.314   1.00 17.28 ? 280 HIS A CG  1 
ATOM   988  N  ND1 . HIS A 1 124 ? -7.259  9.978   10.037  1.00 21.85 ? 280 HIS A ND1 1 
ATOM   989  C  CD2 . HIS A 1 124 ? -5.120  10.402  10.165  1.00 21.49 ? 280 HIS A CD2 1 
ATOM   990  C  CE1 . HIS A 1 124 ? -7.015  10.375  11.272  1.00 20.15 ? 280 HIS A CE1 1 
ATOM   991  N  NE2 . HIS A 1 124 ? -5.725  10.640  11.377  1.00 17.87 ? 280 HIS A NE2 1 
ATOM   992  N  N   . GLY A 1 125 ? -5.037  7.156   5.604   1.00 5.39  ? 281 GLY A N   1 
ATOM   993  C  CA  . GLY A 1 125 ? -5.115  6.738   4.228   1.00 5.35  ? 281 GLY A CA  1 
ATOM   994  C  C   . GLY A 1 125 ? -4.711  5.285   4.095   1.00 3.92  ? 281 GLY A C   1 
ATOM   995  O  O   . GLY A 1 125 ? -4.008  4.724   4.935   1.00 4.73  ? 281 GLY A O   1 
ATOM   996  N  N   . TRP A 1 126 ? -5.186  4.677   3.016   1.00 4.53  ? 282 TRP A N   1 
ATOM   997  C  CA  . TRP A 1 126 ? -4.845  3.304   2.702   1.00 4.57  ? 282 TRP A CA  1 
ATOM   998  C  C   . TRP A 1 126 ? -5.199  3.141   1.237   1.00 5.13  ? 282 TRP A C   1 
ATOM   999  O  O   . TRP A 1 126 ? -6.154  3.760   0.765   1.00 7.55  ? 282 TRP A O   1 
ATOM   1000 C  CB  . TRP A 1 126 ? -5.601  2.303   3.605   1.00 5.49  ? 282 TRP A CB  1 
ATOM   1001 C  CG  . TRP A 1 126 ? -6.984  2.760   4.001   1.00 5.81  ? 282 TRP A CG  1 
ATOM   1002 C  CD1 . TRP A 1 126 ? -7.309  3.615   5.023   1.00 6.18  ? 282 TRP A CD1 1 
ATOM   1003 C  CD2 . TRP A 1 126 ? -8.216  2.407   3.370   1.00 6.44  ? 282 TRP A CD2 1 
ATOM   1004 N  NE1 . TRP A 1 126 ? -8.661  3.812   5.057   1.00 6.68  ? 282 TRP A NE1 1 
ATOM   1005 C  CE2 . TRP A 1 126 ? -9.243  3.087   4.053   1.00 6.00  ? 282 TRP A CE2 1 
ATOM   1006 C  CE3 . TRP A 1 126 ? -8.552  1.581   2.292   1.00 7.02  ? 282 TRP A CE3 1 
ATOM   1007 C  CZ2 . TRP A 1 126 ? -10.584 2.967   3.692   1.00 7.13  ? 282 TRP A CZ2 1 
ATOM   1008 C  CZ3 . TRP A 1 126 ? -9.887  1.465   1.935   1.00 7.17  ? 282 TRP A CZ3 1 
ATOM   1009 C  CH2 . TRP A 1 126 ? -10.883 2.154   2.635   1.00 7.38  ? 282 TRP A CH2 1 
ATOM   1010 N  N   . VAL A 1 127 ? -4.401  2.382   0.501   1.00 4.53  ? 283 VAL A N   1 
ATOM   1011 C  CA  . VAL A 1 127 ? -4.581  2.289   -0.941  1.00 4.67  ? 283 VAL A CA  1 
ATOM   1012 C  C   . VAL A 1 127 ? -4.779  0.835   -1.304  1.00 4.66  ? 283 VAL A C   1 
ATOM   1013 O  O   . VAL A 1 127 ? -4.000  -0.020  -0.878  1.00 4.41  ? 283 VAL A O   1 
ATOM   1014 C  CB  . VAL A 1 127 ? -3.391  2.887   -1.704  1.00 5.48  ? 283 VAL A CB  1 
ATOM   1015 C  CG1 . VAL A 1 127 ? -3.652  2.837   -3.192  1.00 5.84  ? 283 VAL A CG1 1 
ATOM   1016 C  CG2 . VAL A 1 127 ? -3.130  4.315   -1.249  1.00 6.39  ? 283 VAL A CG2 1 
ATOM   1017 N  N   . CYS A 1 128 ? -5.820  0.559   -2.078  1.00 4.84  ? 284 CYS A N   1 
ATOM   1018 C  CA  . CYS A 1 128 ? -6.085  -0.769  -2.598  1.00 5.23  ? 284 CYS A CA  1 
ATOM   1019 C  C   . CYS A 1 128 ? -5.818  -0.798  -4.090  1.00 4.92  ? 284 CYS A C   1 
ATOM   1020 O  O   . CYS A 1 128 ? -5.870  0.226   -4.775  1.00 5.51  ? 284 CYS A O   1 
ATOM   1021 C  CB  . CYS A 1 128 ? -7.545  -1.184  -2.399  1.00 6.26  ? 284 CYS A CB  1 
ATOM   1022 S  SG  . CYS A 1 128 ? -8.295  -0.735  -0.837  1.00 6.02  ? 284 CYS A SG  1 
ATOM   1023 N  N   . ASP A 1 129 ? -5.586  -1.998  -4.601  1.00 4.75  ? 285 ASP A N   1 
ATOM   1024 C  CA  . ASP A 1 129 ? -5.553  -2.187  -6.036  1.00 5.79  ? 285 ASP A CA  1 
ATOM   1025 C  C   . ASP A 1 129 ? -6.320  -3.440  -6.419  1.00 5.80  ? 285 ASP A C   1 
ATOM   1026 O  O   . ASP A 1 129 ? -6.692  -4.264  -5.580  1.00 5.42  ? 285 ASP A O   1 
ATOM   1027 C  CB  . ASP A 1 129 ? -4.130  -2.142  -6.621  1.00 6.27  ? 285 ASP A CB  1 
ATOM   1028 C  CG  . ASP A 1 129 ? -3.241  -3.297  -6.172  1.00 6.49  ? 285 ASP A CG  1 
ATOM   1029 O  OD1 . ASP A 1 129 ? -3.739  -4.347  -5.733  1.00 7.95  ? 285 ASP A OD1 1 
ATOM   1030 O  OD2 . ASP A 1 129 ? -2.010  -3.156  -6.279  1.00 7.07  ? 285 ASP A OD2 1 
ATOM   1031 N  N   . ARG A 1 130 ? -6.564  -3.548  -7.715  1.00 6.07  ? 286 ARG A N   1 
ATOM   1032 C  CA  . ARG A 1 130 ? -7.107  -4.749  -8.326  1.00 6.82  ? 286 ARG A CA  1 
ATOM   1033 C  C   . ARG A 1 130 ? -6.731  -4.740  -9.795  1.00 7.76  ? 286 ARG A C   1 
ATOM   1034 O  O   . ARG A 1 130 ? -6.451  -3.692  -10.383 1.00 8.16  ? 286 ARG A O   1 
ATOM   1035 C  CB  . ARG A 1 130 ? -8.619  -4.897  -8.128  1.00 15.11 ? 286 ARG A CB  1 
ATOM   1036 C  CG  . ARG A 1 130 ? -9.458  -3.708  -8.488  1.00 19.06 ? 286 ARG A CG  1 
ATOM   1037 C  CD  . ARG A 1 130 ? -10.915 -3.986  -8.105  1.00 17.27 ? 286 ARG A CD  1 
ATOM   1038 N  NE  . ARG A 1 130 ? -11.591 -4.754  -9.145  1.00 15.66 ? 286 ARG A NE  1 
ATOM   1039 C  CZ  . ARG A 1 130 ? -12.188 -5.935  -8.986  1.00 15.07 ? 286 ARG A CZ  1 
ATOM   1040 N  NH1 . ARG A 1 130 ? -12.239 -6.529  -7.803  1.00 17.33 ? 286 ARG A NH1 1 
ATOM   1041 N  NH2 . ARG A 1 130 ? -12.760 -6.517  -10.033 1.00 21.95 ? 286 ARG A NH2 1 
ATOM   1042 N  N   . LEU A 1 131 ? -6.692  -5.934  -10.371 1.00 7.25  ? 287 LEU A N   1 
ATOM   1043 C  CA  . LEU A 1 131 ? -6.469  -6.068  -11.798 1.00 7.45  ? 287 LEU A CA  1 
ATOM   1044 C  C   . LEU A 1 131 ? -7.596  -5.382  -12.551 1.00 8.14  ? 287 LEU A C   1 
ATOM   1045 O  O   . LEU A 1 131 ? -8.770  -5.568  -12.227 1.00 8.37  ? 287 LEU A O   1 
ATOM   1046 C  CB  . LEU A 1 131 ? -6.465  -7.553  -12.147 1.00 8.47  ? 287 LEU A CB  1 
ATOM   1047 C  CG  . LEU A 1 131 ? -6.388  -7.912  -13.629 1.00 8.83  ? 287 LEU A CG  1 
ATOM   1048 C  CD1 . LEU A 1 131 ? -5.099  -7.387  -14.207 1.00 10.23 ? 287 LEU A CD1 1 
ATOM   1049 C  CD2 . LEU A 1 131 ? -6.499  -9.420  -13.818 1.00 9.65  ? 287 LEU A CD2 1 
ATOM   1050 N  N   . ALA A 1 132 ? -7.245  -4.578  -13.547 1.00 6.76  ? 288 ALA A N   1 
ATOM   1051 C  CA  . ALA A 1 132 ? -8.251  -3.983  -14.407 1.00 7.32  ? 288 ALA A CA  1 
ATOM   1052 C  C   . ALA A 1 132 ? -8.632  -4.959  -15.514 1.00 7.10  ? 288 ALA A C   1 
ATOM   1053 O  O   . ALA A 1 132 ? -7.866  -5.852  -15.881 1.00 7.65  ? 288 ALA A O   1 
ATOM   1054 C  CB  . ALA A 1 132 ? -7.742  -2.688  -15.036 1.00 7.93  ? 288 ALA A CB  1 
ATOM   1055 N  N   . THR A 1 133 ? -9.828  -4.763  -16.064 1.00 7.47  ? 289 THR A N   1 
ATOM   1056 C  CA  . THR A 1 133 ? -10.336 -5.655  -17.100 1.00 9.21  ? 289 THR A CA  1 
ATOM   1057 C  C   . THR A 1 133 ? -9.694  -5.419  -18.460 1.00 8.16  ? 289 THR A C   1 
ATOM   1058 O  O   . THR A 1 133 ? -9.869  -6.256  -19.351 1.00 11.67 ? 289 THR A O   1 
ATOM   1059 C  CB  . THR A 1 133 ? -11.860 -5.536  -17.226 1.00 11.56 ? 289 THR A CB  1 
ATOM   1060 O  OG1 . THR A 1 133 ? -12.217 -4.204  -17.617 1.00 12.73 ? 289 THR A OG1 1 
ATOM   1061 C  CG2 . THR A 1 133 ? -12.539 -5.881  -15.912 1.00 17.30 ? 289 THR A CG2 1 
ATOM   1062 N  N   . CYS A 1 134 ? -8.959  -4.328  -18.636 1.00 8.11  ? 290 CYS A N   1 
ATOM   1063 C  CA  . CYS A 1 134 ? -8.297  -4.021  -19.896 1.00 8.12  ? 290 CYS A CA  1 
ATOM   1064 C  C   . CYS A 1 134 ? -7.179  -3.034  -19.668 1.00 8.16  ? 290 CYS A C   1 
ATOM   1065 O  O   . CYS A 1 134 ? -7.027  -2.515  -18.546 1.00 8.60  ? 290 CYS A O   1 
ATOM   1066 C  CB  . CYS A 1 134 ? -9.277  -3.410  -20.901 1.00 18.53 ? 290 CYS A CB  1 
ATOM   1067 S  SG  . CYS A 1 134 ? -10.237 -1.994  -20.276 1.00 18.24 ? 290 CYS A SG  1 
ATOM   1068 O  OXT . CYS A 1 134 ? -6.431  -2.754  -20.612 1.00 8.90  ? 290 CYS A OXT 1 
HETATM 1069 C  C1  . MAN B 2 .   ? 8.959   7.370   13.450  1.00 8.52  ? 1   MAN B C1  1 
HETATM 1070 C  C2  . MAN B 2 .   ? 8.240   6.172   12.817  1.00 7.14  ? 1   MAN B C2  1 
HETATM 1071 C  C3  . MAN B 2 .   ? 9.266   5.119   12.411  1.00 6.95  ? 1   MAN B C3  1 
HETATM 1072 C  C4  . MAN B 2 .   ? 10.299  5.736   11.505  1.00 6.35  ? 1   MAN B C4  1 
HETATM 1073 C  C5  . MAN B 2 .   ? 11.002  6.874   12.246  1.00 7.96  ? 1   MAN B C5  1 
HETATM 1074 C  C6  . MAN B 2 .   ? 12.035  7.575   11.387  1.00 8.99  ? 1   MAN B C6  1 
HETATM 1075 O  O1  . MAN B 2 .   ? 9.421   6.937   14.697  1.00 9.68  ? 1   MAN B O1  1 
HETATM 1076 O  O2  . MAN B 2 .   ? 7.666   6.564   11.598  1.00 5.99  ? 1   MAN B O2  1 
HETATM 1077 O  O3  . MAN B 2 .   ? 8.674   4.034   11.720  1.00 5.39  ? 1   MAN B O3  1 
HETATM 1078 O  O4  . MAN B 2 .   ? 11.229  4.743   11.123  1.00 6.09  ? 1   MAN B O4  1 
HETATM 1079 O  O5  . MAN B 2 .   ? 10.010  7.854   12.633  1.00 8.67  ? 1   MAN B O5  1 
HETATM 1080 O  O6  . MAN B 2 .   ? 12.682  8.581   12.175  1.00 11.56 ? 1   MAN B O6  1 
HETATM 1081 C  C1  . NAG B 2 .   ? 6.376   7.135   11.768  1.00 7.99  ? 2   NAG B C1  1 
HETATM 1082 C  C2  . NAG B 2 .   ? 6.122   8.054   10.582  1.00 8.24  ? 2   NAG B C2  1 
HETATM 1083 C  C3  . NAG B 2 .   ? 4.728   8.653   10.683  1.00 8.17  ? 2   NAG B C3  1 
HETATM 1084 C  C4  . NAG B 2 .   ? 3.688   7.558   10.882  1.00 6.81  ? 2   NAG B C4  1 
HETATM 1085 C  C5  . NAG B 2 .   ? 4.087   6.613   12.012  1.00 5.74  ? 2   NAG B C5  1 
HETATM 1086 C  C6  . NAG B 2 .   ? 3.179   5.410   12.113  1.00 6.21  ? 2   NAG B C6  1 
HETATM 1087 C  C7  . NAG B 2 .   ? 8.249   8.983   9.768   1.00 11.26 ? 2   NAG B C7  1 
HETATM 1088 C  C8  . NAG B 2 .   ? 9.186   10.153  9.806   1.00 15.40 ? 2   NAG B C8  1 
HETATM 1089 N  N2  . NAG B 2 .   ? 7.133   9.099   10.501  1.00 9.95  ? 2   NAG B N2  1 
HETATM 1090 O  O3  . NAG B 2 .   ? 4.444   9.368   9.486   1.00 10.39 ? 2   NAG B O3  1 
HETATM 1091 O  O4  . NAG B 2 .   ? 2.439   8.152   11.204  1.00 7.26  ? 2   NAG B O4  1 
HETATM 1092 O  O5  . NAG B 2 .   ? 5.411   6.113   11.786  1.00 5.75  ? 2   NAG B O5  1 
HETATM 1093 O  O6  . NAG B 2 .   ? 3.445   4.643   13.279  1.00 6.73  ? 2   NAG B O6  1 
HETATM 1094 O  O7  . NAG B 2 .   ? 8.485   7.985   9.093   1.00 9.51  ? 2   NAG B O7  1 
HETATM 1095 CA CA  . CA  C 3 .   ? 10.218  2.585   10.382  1.00 4.63  ? 301 CA  A CA  1 
HETATM 1096 CA CA  . CA  D 3 .   ? 9.682   -5.766  10.659  1.00 5.69  ? 302 CA  A CA  1 
HETATM 1097 O  O   . HOH E 4 .   ? -4.123  10.973  13.039  1.00 28.96 ? 401 HOH A O   1 
HETATM 1098 O  O   . HOH E 4 .   ? -13.790 -3.566  6.499   1.00 24.96 ? 402 HOH A O   1 
HETATM 1099 O  O   . HOH E 4 .   ? 13.250  -17.606 5.516   1.00 26.52 ? 403 HOH A O   1 
HETATM 1100 O  O   . HOH E 4 .   ? 3.817   -15.782 4.343   1.00 17.18 ? 404 HOH A O   1 
HETATM 1101 O  O   . HOH E 4 .   ? -3.457  -10.180 7.759   1.00 29.39 ? 405 HOH A O   1 
HETATM 1102 O  O   . HOH E 4 .   ? 14.343  -6.499  10.117  1.00 12.34 ? 406 HOH A O   1 
HETATM 1103 O  O   . HOH E 4 .   ? -10.159 10.884  8.588   1.00 22.88 ? 407 HOH A O   1 
HETATM 1104 O  O   . HOH E 4 .   ? 6.721   10.668  -8.272  1.00 23.34 ? 408 HOH A O   1 
HETATM 1105 O  O   . HOH E 4 .   ? -9.374  -9.108  -1.686  1.00 15.66 ? 409 HOH A O   1 
HETATM 1106 O  O   . HOH E 4 .   ? -14.343 3.770   1.313   1.00 14.00 ? 410 HOH A O   1 
HETATM 1107 O  O   . HOH E 4 .   ? -5.831  -8.966  1.239   1.00 10.55 ? 411 HOH A O   1 
HETATM 1108 O  O   . HOH E 4 .   ? 9.873   -11.932 0.255   1.00 24.80 ? 412 HOH A O   1 
HETATM 1109 O  O   . HOH E 4 .   ? -14.559 -9.120  2.351   1.00 26.95 ? 413 HOH A O   1 
HETATM 1110 O  O   . HOH E 4 .   ? 10.748  5.182   16.118  1.00 18.23 ? 414 HOH A O   1 
HETATM 1111 O  O   . HOH E 4 .   ? 14.667  -5.711  14.564  1.00 12.35 ? 415 HOH A O   1 
HETATM 1112 O  O   . HOH E 4 .   ? 15.670  0.614   14.422  1.00 20.25 ? 416 HOH A O   1 
HETATM 1113 O  O   . HOH E 4 .   ? 9.586   8.695   16.643  1.00 22.49 ? 417 HOH A O   1 
HETATM 1114 O  O   . HOH E 4 .   ? 13.563  -2.128  17.261  1.00 19.00 ? 418 HOH A O   1 
HETATM 1115 O  O   . HOH E 4 .   ? 10.054  11.375  2.531   1.00 9.39  ? 419 HOH A O   1 
HETATM 1116 O  O   . HOH E 4 .   ? 5.132   14.053  -13.909 1.00 29.94 ? 420 HOH A O   1 
HETATM 1117 O  O   . HOH E 4 .   ? 4.706   -13.943 12.435  1.00 27.26 ? 421 HOH A O   1 
HETATM 1118 O  O   . HOH E 4 .   ? -2.396  -11.765 -0.667  1.00 10.54 ? 422 HOH A O   1 
HETATM 1119 O  O   . HOH E 4 .   ? -0.410  -6.055  -8.598  1.00 11.26 ? 423 HOH A O   1 
HETATM 1120 O  O   . HOH E 4 .   ? 7.275   -12.438 5.823   1.00 14.80 ? 424 HOH A O   1 
HETATM 1121 O  O   . HOH E 4 .   ? 14.334  1.807   -1.912  1.00 5.24  ? 425 HOH A O   1 
HETATM 1122 O  O   . HOH E 4 .   ? 3.688   12.305  -2.253  1.00 17.19 ? 426 HOH A O   1 
HETATM 1123 O  O   . HOH E 4 .   ? 15.379  -3.022  9.365   1.00 10.95 ? 427 HOH A O   1 
HETATM 1124 O  O   . HOH E 4 .   ? -5.972  7.672   -14.083 1.00 15.33 ? 428 HOH A O   1 
HETATM 1125 O  O   . HOH E 4 .   ? -2.485  9.055   7.816   1.00 16.51 ? 429 HOH A O   1 
HETATM 1126 O  O   . HOH E 4 .   ? -0.487  -16.541 -1.048  1.00 6.37  ? 430 HOH A O   1 
HETATM 1127 O  O   . HOH E 4 .   ? 5.689   -10.758 -2.603  1.00 8.09  ? 431 HOH A O   1 
HETATM 1128 O  O   . HOH E 4 .   ? -2.110  -5.738  -4.116  1.00 5.89  ? 432 HOH A O   1 
HETATM 1129 O  O   . HOH E 4 .   ? 14.862  -11.840 6.799   1.00 19.22 ? 433 HOH A O   1 
HETATM 1130 O  O   . HOH E 4 .   ? -12.426 -10.476 3.657   1.00 21.39 ? 434 HOH A O   1 
HETATM 1131 O  O   . HOH E 4 .   ? -10.892 -4.017  -11.645 1.00 17.36 ? 435 HOH A O   1 
HETATM 1132 O  O   . HOH E 4 .   ? 8.370   -4.410  -5.447  1.00 5.60  ? 436 HOH A O   1 
HETATM 1133 O  O   . HOH E 4 .   ? -2.810  2.995   17.307  1.00 16.20 ? 437 HOH A O   1 
HETATM 1134 O  O   . HOH E 4 .   ? 12.509  -8.764  2.212   1.00 12.52 ? 438 HOH A O   1 
HETATM 1135 O  O   . HOH E 4 .   ? 0.584   8.425   1.844   1.00 5.14  ? 439 HOH A O   1 
HETATM 1136 O  O   . HOH E 4 .   ? 11.075  5.592   -8.323  1.00 9.24  ? 440 HOH A O   1 
HETATM 1137 O  O   . HOH E 4 .   ? 4.012   -1.536  -12.016 1.00 9.45  ? 441 HOH A O   1 
HETATM 1138 O  O   . HOH E 4 .   ? -6.631  7.847   14.613  1.00 24.17 ? 442 HOH A O   1 
HETATM 1139 O  O   . HOH E 4 .   ? 10.825  7.432   7.846   1.00 8.07  ? 443 HOH A O   1 
HETATM 1140 O  O   . HOH E 4 .   ? 0.759   -16.193 7.327   1.00 21.61 ? 444 HOH A O   1 
HETATM 1141 O  O   . HOH E 4 .   ? 14.456  6.332   -1.605  1.00 8.58  ? 445 HOH A O   1 
HETATM 1142 O  O   . HOH E 4 .   ? -12.619 3.459   -22.716 1.00 17.63 ? 446 HOH A O   1 
HETATM 1143 O  O   . HOH E 4 .   ? -11.759 -3.025  8.129   1.00 18.93 ? 447 HOH A O   1 
HETATM 1144 O  O   . HOH E 4 .   ? -11.436 -2.783  -14.542 1.00 15.31 ? 448 HOH A O   1 
HETATM 1145 O  O   . HOH E 4 .   ? 10.856  -4.169  9.370   1.00 6.47  ? 449 HOH A O   1 
HETATM 1146 O  O   . HOH E 4 .   ? -7.311  -8.103  -17.302 1.00 8.25  ? 450 HOH A O   1 
HETATM 1147 O  O   . HOH E 4 .   ? 5.411   2.913   14.023  1.00 5.59  ? 451 HOH A O   1 
HETATM 1148 O  O   . HOH E 4 .   ? 15.589  -7.665  5.001   1.00 11.29 ? 452 HOH A O   1 
HETATM 1149 O  O   . HOH E 4 .   ? 14.789  6.311   8.590   1.00 7.52  ? 453 HOH A O   1 
HETATM 1150 O  O   . HOH E 4 .   ? -13.155 11.246  3.539   1.00 18.57 ? 454 HOH A O   1 
HETATM 1151 O  O   . HOH E 4 .   ? 8.731   6.835   -9.135  1.00 10.64 ? 455 HOH A O   1 
HETATM 1152 O  O   . HOH E 4 .   ? 0.453   9.365   -12.768 1.00 15.41 ? 456 HOH A O   1 
HETATM 1153 O  O   . HOH E 4 .   ? 1.667   13.973  -13.570 1.00 14.81 ? 457 HOH A O   1 
HETATM 1154 O  O   . HOH E 4 .   ? -6.450  -12.070 9.543   1.00 26.21 ? 458 HOH A O   1 
HETATM 1155 O  O   . HOH E 4 .   ? 13.443  2.192   18.074  1.00 24.12 ? 459 HOH A O   1 
HETATM 1156 O  O   . HOH E 4 .   ? 5.683   0.674   -15.611 1.00 19.35 ? 460 HOH A O   1 
HETATM 1157 O  O   . HOH E 4 .   ? -2.388  -5.474  -14.472 1.00 10.21 ? 461 HOH A O   1 
HETATM 1158 O  O   . HOH E 4 .   ? -6.568  8.800   1.618   1.00 7.38  ? 462 HOH A O   1 
HETATM 1159 O  O   . HOH E 4 .   ? 16.801  2.716   3.236   1.00 5.54  ? 463 HOH A O   1 
HETATM 1160 O  O   . HOH E 4 .   ? -12.984 4.580   6.207   1.00 22.50 ? 464 HOH A O   1 
HETATM 1161 O  O   . HOH E 4 .   ? -12.019 7.221   -0.500  1.00 9.21  ? 465 HOH A O   1 
HETATM 1162 O  O   . HOH E 4 .   ? 0.370   13.323  -2.736  1.00 14.18 ? 466 HOH A O   1 
HETATM 1163 O  O   . HOH E 4 .   ? -7.147  11.860  5.618   1.00 9.34  ? 467 HOH A O   1 
HETATM 1164 O  O   . HOH E 4 .   ? -14.482 -3.302  -6.591  1.00 24.65 ? 468 HOH A O   1 
HETATM 1165 O  O   . HOH E 4 .   ? 13.969  -13.196 10.037  1.00 18.69 ? 469 HOH A O   1 
HETATM 1166 O  O   . HOH E 4 .   ? 9.428   -3.409  -12.854 1.00 28.57 ? 470 HOH A O   1 
HETATM 1167 O  O   . HOH E 4 .   ? -2.944  -4.141  12.194  1.00 10.48 ? 471 HOH A O   1 
HETATM 1168 O  O   . HOH E 4 .   ? 6.402   11.496  11.678  1.00 19.06 ? 472 HOH A O   1 
HETATM 1169 O  O   . HOH E 4 .   ? 8.414   -14.890 4.114   1.00 23.94 ? 473 HOH A O   1 
HETATM 1170 O  O   . HOH E 4 .   ? -10.386 -7.380  -13.569 1.00 16.93 ? 474 HOH A O   1 
HETATM 1171 O  O   . HOH E 4 .   ? 1.982   -3.878  -9.810  1.00 11.16 ? 475 HOH A O   1 
HETATM 1172 O  O   . HOH E 4 .   ? -0.891  -11.170 -8.124  1.00 16.04 ? 476 HOH A O   1 
HETATM 1173 O  O   . HOH E 4 .   ? 13.837  0.569   -6.473  1.00 5.44  ? 477 HOH A O   1 
HETATM 1174 O  O   . HOH E 4 .   ? -6.017  -6.955  -5.846  1.00 16.11 ? 478 HOH A O   1 
HETATM 1175 O  O   . HOH E 4 .   ? 15.122  9.339   6.467   1.00 14.14 ? 479 HOH A O   1 
HETATM 1176 O  O   . HOH E 4 .   ? 9.893   -7.014  14.407  1.00 16.30 ? 480 HOH A O   1 
HETATM 1177 O  O   . HOH E 4 .   ? -0.365  -0.586  -12.781 1.00 10.25 ? 481 HOH A O   1 
HETATM 1178 O  O   . HOH E 4 .   ? -5.632  9.761   -12.302 1.00 11.19 ? 482 HOH A O   1 
HETATM 1179 O  O   . HOH E 4 .   ? -10.890 5.615   -4.492  1.00 14.21 ? 483 HOH A O   1 
HETATM 1180 O  O   . HOH E 4 .   ? 16.186  4.152   1.021   1.00 5.40  ? 484 HOH A O   1 
HETATM 1181 O  O   . HOH E 4 .   ? -9.555  6.340   -13.946 1.00 12.54 ? 485 HOH A O   1 
HETATM 1182 O  O   . HOH E 4 .   ? -15.879 5.965   -10.778 1.00 28.26 ? 486 HOH A O   1 
HETATM 1183 O  O   . HOH E 4 .   ? 9.693   0.305   -15.358 1.00 25.93 ? 487 HOH A O   1 
HETATM 1184 O  O   . HOH E 4 .   ? -0.037  -11.713 0.354   1.00 19.33 ? 488 HOH A O   1 
HETATM 1185 O  O   . HOH E 4 .   ? 12.864  4.408   -5.492  1.00 10.26 ? 489 HOH A O   1 
HETATM 1186 O  O   . HOH E 4 .   ? -18.042 -3.373  -1.272  1.00 24.37 ? 490 HOH A O   1 
HETATM 1187 O  O   . HOH E 4 .   ? -11.994 3.907   9.423   1.00 22.66 ? 491 HOH A O   1 
HETATM 1188 O  O   . HOH E 4 .   ? -8.563  9.376   -0.319  1.00 6.96  ? 492 HOH A O   1 
HETATM 1189 O  O   . HOH E 4 .   ? -4.584  -8.807  -17.581 1.00 7.79  ? 493 HOH A O   1 
HETATM 1190 O  O   . HOH E 4 .   ? 2.474   11.335  9.948   1.00 24.29 ? 494 HOH A O   1 
HETATM 1191 O  O   . HOH E 4 .   ? 9.395   -7.424  17.011  1.00 9.75  ? 495 HOH A O   1 
HETATM 1192 O  O   . HOH E 4 .   ? -14.194 -1.124  2.721   1.00 12.70 ? 496 HOH A O   1 
HETATM 1193 O  O   . HOH E 4 .   ? -14.119 4.251   -12.048 1.00 28.97 ? 497 HOH A O   1 
HETATM 1194 O  O   . HOH E 4 .   ? 12.881  13.059  4.178   1.00 24.03 ? 498 HOH A O   1 
HETATM 1195 O  O   . HOH E 4 .   ? -2.525  4.059   -17.578 1.00 12.27 ? 499 HOH A O   1 
HETATM 1196 O  O   . HOH E 4 .   ? 4.935   -15.767 -4.234  1.00 24.00 ? 500 HOH A O   1 
HETATM 1197 O  O   . HOH E 4 .   ? -3.290  -8.055  -5.053  1.00 10.18 ? 501 HOH A O   1 
HETATM 1198 O  O   . HOH E 4 .   ? 14.849  -7.352  -3.819  1.00 17.52 ? 502 HOH A O   1 
HETATM 1199 O  O   . HOH E 4 .   ? -5.809  -0.287  -21.893 1.00 22.91 ? 503 HOH A O   1 
HETATM 1200 O  O   . HOH E 4 .   ? -16.660 2.650   -2.328  1.00 27.72 ? 504 HOH A O   1 
HETATM 1201 O  O   . HOH E 4 .   ? -9.397  13.307  9.152   1.00 14.52 ? 505 HOH A O   1 
HETATM 1202 O  O   . HOH E 4 .   ? 5.053   -4.603  16.908  1.00 18.56 ? 506 HOH A O   1 
HETATM 1203 O  O   . HOH E 4 .   ? -13.104 -3.588  -20.260 1.00 16.73 ? 507 HOH A O   1 
HETATM 1204 O  O   . HOH E 4 .   ? -2.523  7.556   -0.186  1.00 8.09  ? 508 HOH A O   1 
HETATM 1205 O  O   . HOH E 4 .   ? -5.866  -6.263  1.453   1.00 6.89  ? 509 HOH A O   1 
HETATM 1206 O  O   . HOH E 4 .   ? -0.174  -3.951  -14.823 1.00 18.91 ? 510 HOH A O   1 
HETATM 1207 O  O   . HOH E 4 .   ? 2.275   -7.750  -10.113 1.00 19.84 ? 511 HOH A O   1 
HETATM 1208 O  O   . HOH E 4 .   ? 6.042   11.401  8.253   1.00 18.26 ? 512 HOH A O   1 
HETATM 1209 O  O   . HOH E 4 .   ? 1.044   15.445  -7.038  1.00 7.58  ? 513 HOH A O   1 
HETATM 1210 O  O   . HOH E 4 .   ? 7.712   1.807   16.230  1.00 14.05 ? 514 HOH A O   1 
HETATM 1211 O  O   . HOH E 4 .   ? 3.426   15.281  -0.270  1.00 16.66 ? 515 HOH A O   1 
HETATM 1212 O  O   . HOH E 4 .   ? 2.927   -15.576 -9.142  1.00 23.77 ? 516 HOH A O   1 
HETATM 1213 O  O   . HOH E 4 .   ? -1.278  6.902   -3.133  1.00 19.98 ? 517 HOH A O   1 
HETATM 1214 O  O   . HOH E 4 .   ? -8.001  -2.784  16.765  1.00 28.17 ? 518 HOH A O   1 
HETATM 1215 O  O   . HOH E 4 .   ? 10.203  5.995   -14.750 1.00 26.68 ? 519 HOH A O   1 
HETATM 1216 O  O   . HOH E 4 .   ? -17.985 -7.043  0.374   1.00 22.63 ? 520 HOH A O   1 
HETATM 1217 O  O   . HOH E 4 .   ? 0.043   -8.373  -16.566 1.00 15.86 ? 521 HOH A O   1 
HETATM 1218 O  O   . HOH E 4 .   ? -12.042 -9.789  -1.308  1.00 18.99 ? 522 HOH A O   1 
HETATM 1219 O  O   . HOH E 4 .   ? 11.193  10.615  13.639  1.00 27.27 ? 523 HOH A O   1 
HETATM 1220 O  O   . HOH E 4 .   ? 5.709   -10.441 -11.468 1.00 19.98 ? 524 HOH A O   1 
HETATM 1221 O  O   . HOH E 4 .   ? -12.556 5.855   1.757   1.00 9.62  ? 525 HOH A O   1 
HETATM 1222 O  O   . HOH E 4 .   ? -10.973 8.779   10.403  1.00 20.35 ? 526 HOH A O   1 
HETATM 1223 O  O   . HOH E 4 .   ? -15.526 -1.518  -5.115  1.00 23.53 ? 527 HOH A O   1 
HETATM 1224 O  O   . HOH E 4 .   ? 4.445   11.784  6.184   1.00 19.86 ? 528 HOH A O   1 
HETATM 1225 O  O   . HOH E 4 .   ? -4.863  11.121  -0.994  1.00 6.08  ? 529 HOH A O   1 
HETATM 1226 O  O   . HOH E 4 .   ? 11.376  -11.411 -4.532  1.00 13.50 ? 530 HOH A O   1 
HETATM 1227 O  O   . HOH E 4 .   ? 2.006   -0.954  -13.919 1.00 14.79 ? 531 HOH A O   1 
HETATM 1228 O  O   . HOH E 4 .   ? 8.236   8.958   -3.421  1.00 13.91 ? 532 HOH A O   1 
HETATM 1229 O  O   . HOH E 4 .   ? -13.401 8.033   -6.241  1.00 24.15 ? 533 HOH A O   1 
HETATM 1230 O  O   . HOH E 4 .   ? 6.813   -0.557  17.004  1.00 16.47 ? 534 HOH A O   1 
HETATM 1231 O  O   . HOH E 4 .   ? -2.888  -6.452  -7.621  1.00 17.82 ? 535 HOH A O   1 
HETATM 1232 O  O   . HOH E 4 .   ? 11.322  -13.689 11.926  1.00 17.83 ? 536 HOH A O   1 
HETATM 1233 O  O   . HOH E 4 .   ? -7.371  -10.606 -0.481  1.00 17.29 ? 537 HOH A O   1 
HETATM 1234 O  O   . HOH E 4 .   ? 4.938   -11.270 5.821   1.00 16.88 ? 538 HOH A O   1 
HETATM 1235 O  O   . HOH E 4 .   ? -18.598 -0.708  -10.042 1.00 28.80 ? 539 HOH A O   1 
HETATM 1236 O  O   . HOH E 4 .   ? -7.182  13.431  12.503  1.00 23.07 ? 540 HOH A O   1 
HETATM 1237 O  O   . HOH E 4 .   ? -5.887  -4.012  18.013  1.00 32.66 ? 541 HOH A O   1 
HETATM 1238 O  O   . HOH E 4 .   ? -4.206  5.988   -16.545 1.00 22.25 ? 542 HOH A O   1 
HETATM 1239 O  O   . HOH E 4 .   ? 8.591   -0.028  23.686  1.00 23.40 ? 543 HOH A O   1 
HETATM 1240 O  O   . HOH E 4 .   ? 10.669  -0.041  22.002  1.00 26.42 ? 544 HOH A O   1 
HETATM 1241 O  O   . HOH E 4 .   ? 5.932   -7.872  -10.497 1.00 22.57 ? 545 HOH A O   1 
HETATM 1242 O  O   . HOH E 4 .   ? 16.126  4.952   10.695  1.00 10.25 ? 546 HOH A O   1 
HETATM 1243 O  O   . HOH E 4 .   ? 16.585  -2.801  11.766  1.00 15.58 ? 547 HOH A O   1 
HETATM 1244 O  O   . HOH E 4 .   ? -3.503  -2.048  -20.418 1.00 17.16 ? 548 HOH A O   1 
HETATM 1245 O  O   . HOH E 4 .   ? 0.238   15.706  -4.159  1.00 14.66 ? 549 HOH A O   1 
HETATM 1246 O  O   . HOH E 4 .   ? -14.017 3.179   -20.745 1.00 30.63 ? 550 HOH A O   1 
HETATM 1247 O  O   . HOH E 4 .   ? -13.626 6.473   -2.442  1.00 23.41 ? 551 HOH A O   1 
HETATM 1248 O  O   . HOH E 4 .   ? 6.462   12.792  3.914   1.00 13.42 ? 552 HOH A O   1 
HETATM 1249 O  O   . HOH E 4 .   ? 6.328   8.330   -14.176 1.00 26.05 ? 553 HOH A O   1 
HETATM 1250 O  O   . HOH E 4 .   ? 2.592   16.086  -2.808  1.00 14.82 ? 554 HOH A O   1 
HETATM 1251 O  O   . HOH E 4 .   ? -12.895 -7.815  -12.813 1.00 24.10 ? 555 HOH A O   1 
HETATM 1252 O  O   . HOH E 4 .   ? -14.042 7.402   3.550   1.00 21.03 ? 556 HOH A O   1 
HETATM 1253 O  O   . HOH E 4 .   ? -14.114 2.155   5.759   1.00 28.29 ? 557 HOH A O   1 
HETATM 1254 O  O   . HOH E 4 .   ? 7.562   8.500   -7.071  1.00 11.49 ? 558 HOH A O   1 
HETATM 1255 O  O   . HOH E 4 .   ? -14.939 -1.991  5.019   1.00 22.23 ? 559 HOH A O   1 
HETATM 1256 O  O   . HOH E 4 .   ? 12.485  9.579   7.927   1.00 13.43 ? 560 HOH A O   1 
HETATM 1257 O  O   . HOH E 4 .   ? 12.243  7.006   -6.331  1.00 18.53 ? 561 HOH A O   1 
HETATM 1258 O  O   . HOH E 4 .   ? 2.178   -14.061 3.054   1.00 23.19 ? 562 HOH A O   1 
HETATM 1259 O  O   . HOH E 4 .   ? -5.276  6.808   -0.026  1.00 9.58  ? 563 HOH A O   1 
HETATM 1260 O  O   . HOH E 4 .   ? 14.670  -15.326 7.875   1.00 21.38 ? 564 HOH A O   1 
HETATM 1261 O  O   . HOH E 4 .   ? -12.238 7.430   -20.652 1.00 27.52 ? 565 HOH A O   1 
HETATM 1262 O  O   . HOH E 4 .   ? 13.825  10.691  0.848   1.00 21.09 ? 566 HOH A O   1 
HETATM 1263 O  O   . HOH E 4 .   ? 2.676   11.385  -15.772 1.00 26.71 ? 567 HOH A O   1 
HETATM 1264 O  O   . HOH E 4 .   ? -10.721 9.917   -15.859 1.00 34.44 ? 568 HOH A O   1 
HETATM 1265 O  O   . HOH E 4 .   ? -3.802  9.603   -14.956 1.00 26.04 ? 569 HOH A O   1 
HETATM 1266 O  O   . HOH E 4 .   ? 10.993  -1.901  -11.317 1.00 18.78 ? 570 HOH A O   1 
HETATM 1267 O  O   . HOH E 4 .   ? 13.122  5.145   14.609  1.00 19.55 ? 571 HOH A O   1 
HETATM 1268 O  O   . HOH E 4 .   ? 15.420  8.635   10.308  1.00 28.84 ? 572 HOH A O   1 
HETATM 1269 O  O   . HOH E 4 .   ? -7.724  12.286  1.973   1.00 8.52  ? 573 HOH A O   1 
HETATM 1270 O  O   . HOH E 4 .   ? 3.611   -16.234 -6.548  1.00 22.85 ? 574 HOH A O   1 
HETATM 1271 O  O   . HOH E 4 .   ? 9.248   -14.322 1.624   1.00 28.65 ? 575 HOH A O   1 
HETATM 1272 O  O   . HOH E 4 .   ? 8.545   6.957   -13.285 1.00 27.70 ? 576 HOH A O   1 
HETATM 1273 O  O   . HOH E 4 .   ? 15.486  -9.024  9.652   1.00 21.70 ? 577 HOH A O   1 
HETATM 1274 O  O   . HOH E 4 .   ? 4.257   14.161  -3.877  1.00 18.70 ? 578 HOH A O   1 
HETATM 1275 O  O   . HOH E 4 .   ? 11.445  11.999  7.783   1.00 26.51 ? 579 HOH A O   1 
HETATM 1276 O  O   . HOH E 4 .   ? 2.369   -2.387  -16.283 1.00 24.87 ? 580 HOH A O   1 
HETATM 1277 O  O   . HOH E 4 .   ? 13.453  -4.695  8.339   1.00 9.26  ? 581 HOH A O   1 
HETATM 1278 O  O   . HOH E 4 .   ? -17.718 -2.285  5.610   1.00 29.41 ? 582 HOH A O   1 
HETATM 1279 O  O   . HOH E 4 .   ? -9.444  -9.119  -15.604 1.00 14.12 ? 583 HOH A O   1 
HETATM 1280 O  O   . HOH E 4 .   ? -7.644  -3.578  14.399  1.00 28.62 ? 584 HOH A O   1 
HETATM 1281 O  O   . HOH E 4 .   ? 15.354  9.519   -1.117  1.00 15.97 ? 585 HOH A O   1 
HETATM 1282 O  O   . HOH E 4 .   ? -0.855  -1.119  -19.039 1.00 19.81 ? 586 HOH A O   1 
HETATM 1283 O  O   . HOH E 4 .   ? 5.944   15.060  2.898   1.00 25.45 ? 587 HOH A O   1 
HETATM 1284 O  O   . HOH E 4 .   ? -15.777 -5.275  -7.945  1.00 29.02 ? 588 HOH A O   1 
HETATM 1285 O  O   . HOH E 4 .   ? 14.985  3.321   15.344  1.00 27.68 ? 589 HOH A O   1 
HETATM 1286 O  O   . HOH E 4 .   ? 4.827   -3.911  -13.041 1.00 18.30 ? 590 HOH A O   1 
HETATM 1287 O  O   . HOH E 4 .   ? -16.260 -4.951  -10.733 1.00 28.73 ? 591 HOH A O   1 
HETATM 1288 O  O   . HOH E 4 .   ? 1.838   -17.629 5.140   1.00 12.05 ? 592 HOH A O   1 
HETATM 1289 O  O   . HOH E 4 .   ? 11.503  12.520  0.534   1.00 27.20 ? 593 HOH A O   1 
HETATM 1290 O  O   . HOH E 4 .   ? 1.352   -9.848  -11.673 1.00 28.27 ? 594 HOH A O   1 
HETATM 1291 O  O   . HOH E 4 .   ? 14.971  11.205  -3.222  1.00 27.43 ? 595 HOH A O   1 
HETATM 1292 O  O   . HOH E 4 .   ? 9.642   8.335   -11.089 1.00 26.18 ? 596 HOH A O   1 
HETATM 1293 O  O   . HOH E 4 .   ? -0.196  5.366   -18.507 1.00 27.93 ? 597 HOH A O   1 
HETATM 1294 O  O   . HOH E 4 .   ? 15.463  -0.272  16.912  1.00 28.46 ? 598 HOH A O   1 
HETATM 1295 O  O   . HOH E 4 .   ? -17.510 -2.420  -3.560  1.00 27.43 ? 599 HOH A O   1 
HETATM 1296 O  O   . HOH E 4 .   ? 3.772   -9.866  -13.190 1.00 29.87 ? 600 HOH A O   1 
HETATM 1297 O  O   . HOH E 4 .   ? 9.141   12.648  4.678   1.00 18.08 ? 601 HOH A O   1 
HETATM 1298 O  O   . HOH E 4 .   ? -16.481 5.370   1.848   1.00 25.26 ? 602 HOH A O   1 
HETATM 1299 O  O   . HOH E 4 .   ? -0.223  -8.930  -13.830 1.00 18.31 ? 603 HOH A O   1 
HETATM 1300 O  O   . HOH E 4 .   ? 6.095   15.762  0.180   1.00 28.30 ? 604 HOH A O   1 
HETATM 1301 O  O   . HOH E 4 .   ? 14.744  -12.773 1.862   1.00 32.11 ? 605 HOH A O   1 
HETATM 1302 O  O   . HOH E 4 .   ? -4.000  -4.412  14.612  1.00 24.14 ? 606 HOH A O   1 
HETATM 1303 O  O   . HOH E 4 .   ? 10.592  12.457  -2.271  1.00 30.10 ? 607 HOH A O   1 
HETATM 1304 O  O   . HOH E 4 .   ? 12.855  -11.230 0.825   1.00 25.47 ? 608 HOH A O   1 
HETATM 1305 O  O   . HOH E 4 .   ? -9.218  -5.470  13.549  1.00 26.72 ? 609 HOH A O   1 
HETATM 1306 O  O   . HOH E 4 .   ? -10.574 9.304   12.887  1.00 23.84 ? 610 HOH A O   1 
HETATM 1307 O  O   . HOH E 4 .   ? 5.963   13.413  -7.301  1.00 20.68 ? 611 HOH A O   1 
HETATM 1308 O  O   . HOH E 4 .   ? -1.535  -6.980  -12.414 1.00 21.24 ? 612 HOH A O   1 
HETATM 1309 O  O   . HOH E 4 .   ? -13.461 8.846   -9.970  1.00 28.19 ? 613 HOH A O   1 
HETATM 1310 O  O   . HOH E 4 .   ? -9.994  9.053   -13.285 1.00 17.09 ? 614 HOH A O   1 
HETATM 1311 O  O   . HOH E 4 .   ? -9.766  13.756  11.780  1.00 27.19 ? 615 HOH A O   1 
HETATM 1312 O  O   . HOH E 4 .   ? 8.276   13.009  -5.507  1.00 25.56 ? 616 HOH A O   1 
HETATM 1313 O  O   . HOH E 4 .   ? 8.140   15.133  -1.472  1.00 30.57 ? 617 HOH A O   1 
HETATM 1314 O  O   . HOH E 4 .   ? 1.469   -4.439  -12.607 1.00 26.10 ? 618 HOH A O   1 
HETATM 1315 O  O   . HOH E 4 .   ? -14.632 1.497   2.792   1.00 18.74 ? 619 HOH A O   1 
HETATM 1316 O  O   . HOH E 4 .   ? 17.949  -14.065 4.712   1.00 36.71 ? 620 HOH A O   1 
HETATM 1317 O  O   . HOH E 4 .   ? 13.087  -11.609 -2.232  1.00 28.49 ? 621 HOH A O   1 
# 
